data_2M6M
#
_entry.id   2M6M
#
_cell.length_a   1.000
_cell.length_b   1.000
_cell.length_c   1.000
_cell.angle_alpha   90.00
_cell.angle_beta   90.00
_cell.angle_gamma   90.00
#
_symmetry.space_group_name_H-M   'P 1'
#
loop_
_entity.id
_entity.type
_entity.pdbx_description
1 polymer 'ERAD-associated E3 ubiquitin-protein ligase DOA10'
2 non-polymer 'ZINC ION'
#
_entity_poly.entity_id   1
_entity_poly.type   'polypeptide(L)'
_entity_poly.pdbx_seq_one_letter_code
;VANEETDTATFNDDAPSGATCRICRGEATEDNPLFHPCKCRGSIKYMHESCLLEWVASKNIDISKPGADVKCDICHYPIQ
FKT
;
_entity_poly.pdbx_strand_id   A
#
loop_
_chem_comp.id
_chem_comp.type
_chem_comp.name
_chem_comp.formula
ZN non-polymer 'ZINC ION' 'Zn 2'
#
# COMPACT_ATOMS: atom_id res chain seq x y z
N VAL A 1 -20.39 10.18 -5.18
CA VAL A 1 -21.50 9.18 -5.09
C VAL A 1 -21.14 8.12 -4.03
N ALA A 2 -21.97 7.98 -2.99
CA ALA A 2 -21.73 7.04 -1.88
C ALA A 2 -23.00 6.39 -1.29
N ASN A 3 -24.12 6.41 -2.03
CA ASN A 3 -25.40 5.81 -1.63
C ASN A 3 -25.45 4.28 -1.87
N GLU A 4 -24.66 3.77 -2.81
CA GLU A 4 -24.58 2.34 -3.18
C GLU A 4 -23.97 1.46 -2.06
N GLU A 5 -23.96 0.14 -2.28
CA GLU A 5 -23.42 -0.88 -1.34
C GLU A 5 -22.41 -1.84 -1.99
N THR A 6 -21.95 -1.53 -3.21
CA THR A 6 -20.96 -2.30 -3.99
C THR A 6 -20.32 -1.40 -5.06
N ASP A 7 -19.16 -1.81 -5.60
CA ASP A 7 -18.42 -1.10 -6.65
C ASP A 7 -17.41 -2.04 -7.34
N THR A 8 -16.94 -1.68 -8.55
CA THR A 8 -15.96 -2.43 -9.35
C THR A 8 -14.65 -2.64 -8.58
N ALA A 9 -14.05 -3.83 -8.72
CA ALA A 9 -12.79 -4.23 -8.07
C ALA A 9 -12.00 -5.25 -8.93
N THR A 10 -10.78 -5.57 -8.50
CA THR A 10 -9.87 -6.53 -9.17
C THR A 10 -9.24 -7.46 -8.14
N PHE A 11 -9.13 -8.75 -8.47
CA PHE A 11 -8.54 -9.80 -7.62
C PHE A 11 -7.77 -10.81 -8.48
N ASN A 12 -6.54 -11.13 -8.09
CA ASN A 12 -5.64 -12.07 -8.78
C ASN A 12 -4.56 -12.68 -7.85
N ASP A 13 -3.81 -13.68 -8.35
CA ASP A 13 -2.73 -14.38 -7.62
C ASP A 13 -1.34 -14.17 -8.24
N ASP A 14 -1.21 -13.05 -8.96
CA ASP A 14 -0.03 -12.52 -9.66
C ASP A 14 -0.27 -11.01 -9.93
N ALA A 15 0.75 -10.26 -10.38
CA ALA A 15 0.71 -8.83 -10.72
C ALA A 15 -0.51 -8.45 -11.59
N PRO A 16 -1.55 -7.83 -11.02
CA PRO A 16 -2.73 -7.41 -11.76
C PRO A 16 -2.45 -6.31 -12.79
N SER A 17 -3.21 -6.32 -13.88
CA SER A 17 -3.18 -5.24 -14.89
C SER A 17 -4.02 -4.01 -14.50
N GLY A 18 -4.88 -4.15 -13.49
CA GLY A 18 -5.77 -3.11 -12.96
C GLY A 18 -5.94 -3.23 -11.43
N ALA A 19 -4.81 -3.41 -10.74
CA ALA A 19 -4.71 -3.63 -9.30
C ALA A 19 -5.55 -2.61 -8.53
N THR A 20 -6.04 -3.06 -7.37
CA THR A 20 -6.88 -2.24 -6.49
C THR A 20 -6.51 -2.31 -5.02
N CYS A 21 -6.80 -1.21 -4.30
CA CYS A 21 -6.59 -1.03 -2.85
C CYS A 21 -7.09 -2.24 -2.03
N ARG A 22 -6.58 -2.34 -0.79
CA ARG A 22 -6.99 -3.29 0.26
C ARG A 22 -7.94 -2.70 1.33
N ILE A 23 -8.26 -1.42 1.16
CA ILE A 23 -9.14 -0.59 2.03
C ILE A 23 -10.35 -0.03 1.30
N CYS A 24 -10.25 0.33 0.01
CA CYS A 24 -11.43 0.82 -0.71
C CYS A 24 -11.53 0.39 -2.19
N ARG A 25 -10.86 -0.72 -2.54
CA ARG A 25 -10.86 -1.37 -3.87
C ARG A 25 -10.87 -0.41 -5.07
N GLY A 26 -10.28 0.78 -4.94
CA GLY A 26 -10.12 1.70 -6.08
C GLY A 26 -8.98 1.18 -6.95
N GLU A 27 -8.96 1.53 -8.23
CA GLU A 27 -7.87 1.16 -9.16
C GLU A 27 -6.98 2.37 -9.37
N ALA A 28 -5.67 2.15 -9.31
CA ALA A 28 -4.64 3.21 -9.39
C ALA A 28 -4.96 4.37 -10.34
N THR A 29 -4.62 5.56 -9.88
CA THR A 29 -4.86 6.81 -10.63
C THR A 29 -3.59 7.49 -11.13
N GLU A 30 -3.77 8.72 -11.61
CA GLU A 30 -2.76 9.60 -12.18
C GLU A 30 -2.32 10.72 -11.21
N ASP A 31 -2.67 10.53 -9.95
CA ASP A 31 -2.36 11.43 -8.82
C ASP A 31 -2.20 10.65 -7.51
N ASN A 32 -2.87 9.51 -7.40
CA ASN A 32 -2.90 8.63 -6.26
C ASN A 32 -3.01 7.17 -6.76
N PRO A 33 -1.87 6.60 -7.17
CA PRO A 33 -1.74 5.25 -7.72
C PRO A 33 -2.06 4.17 -6.67
N LEU A 34 -1.34 3.06 -6.71
CA LEU A 34 -1.27 2.01 -5.70
C LEU A 34 0.18 1.50 -5.60
N PHE A 35 0.49 0.89 -4.47
CA PHE A 35 1.79 0.29 -4.12
C PHE A 35 1.60 -0.61 -2.89
N HIS A 36 2.52 -1.53 -2.64
CA HIS A 36 2.48 -2.40 -1.48
C HIS A 36 3.53 -1.94 -0.43
N PRO A 37 3.09 -1.40 0.72
CA PRO A 37 3.96 -0.94 1.82
C PRO A 37 4.47 -2.11 2.68
N CYS A 38 3.95 -3.30 2.43
CA CYS A 38 4.07 -4.48 3.26
C CYS A 38 4.03 -5.77 2.42
N LYS A 39 4.22 -6.92 3.07
CA LYS A 39 4.25 -8.28 2.52
C LYS A 39 3.05 -9.13 2.92
N CYS A 40 1.88 -8.50 3.01
CA CYS A 40 0.59 -9.19 3.22
C CYS A 40 0.32 -10.18 2.07
N ARG A 41 0.73 -9.78 0.85
CA ARG A 41 0.66 -10.50 -0.43
C ARG A 41 -0.77 -10.55 -1.04
N GLY A 42 -0.89 -11.16 -2.22
CA GLY A 42 -2.15 -11.31 -2.96
C GLY A 42 -2.78 -9.98 -3.40
N SER A 43 -4.10 -9.85 -3.26
CA SER A 43 -4.91 -8.68 -3.67
C SER A 43 -5.27 -7.73 -2.51
N ILE A 44 -4.62 -7.85 -1.35
CA ILE A 44 -4.81 -7.04 -0.12
C ILE A 44 -3.45 -6.55 0.41
N LYS A 45 -2.54 -6.30 -0.54
CA LYS A 45 -1.21 -5.71 -0.33
C LYS A 45 -1.20 -4.27 -0.82
N TYR A 46 -1.86 -4.03 -1.96
CA TYR A 46 -2.00 -2.72 -2.59
C TYR A 46 -2.77 -1.75 -1.69
N MET A 47 -2.54 -0.46 -1.94
CA MET A 47 -3.18 0.64 -1.23
C MET A 47 -2.89 2.00 -1.83
N HIS A 48 -3.86 2.91 -1.76
CA HIS A 48 -3.65 4.31 -2.17
C HIS A 48 -2.75 5.01 -1.13
N GLU A 49 -2.03 6.07 -1.52
CA GLU A 49 -1.16 6.80 -0.58
C GLU A 49 -1.99 7.40 0.56
N SER A 50 -3.19 7.90 0.24
CA SER A 50 -4.17 8.42 1.19
C SER A 50 -4.67 7.32 2.13
N CYS A 51 -5.19 6.21 1.58
CA CYS A 51 -5.67 5.05 2.34
C CYS A 51 -4.64 4.56 3.36
N LEU A 52 -3.35 4.47 2.98
CA LEU A 52 -2.30 4.05 3.92
C LEU A 52 -2.15 5.04 5.06
N LEU A 53 -2.11 6.33 4.73
CA LEU A 53 -1.98 7.43 5.68
C LEU A 53 -3.12 7.45 6.73
N GLU A 54 -4.30 6.96 6.37
CA GLU A 54 -5.49 6.85 7.25
C GLU A 54 -5.50 5.52 8.02
N TRP A 55 -4.88 4.48 7.45
CA TRP A 55 -4.80 3.15 8.05
C TRP A 55 -3.89 3.16 9.25
N VAL A 56 -2.61 3.53 9.04
CA VAL A 56 -1.59 3.70 10.10
C VAL A 56 -2.04 4.70 11.15
N ALA A 57 -3.00 5.56 10.79
CA ALA A 57 -3.57 6.52 11.75
C ALA A 57 -4.55 5.80 12.70
N SER A 58 -5.42 4.93 12.16
CA SER A 58 -6.37 4.11 12.91
C SER A 58 -5.66 3.14 13.88
N LYS A 59 -4.43 2.71 13.56
CA LYS A 59 -3.54 1.90 14.39
C LYS A 59 -3.00 2.63 15.63
N ASN A 60 -3.31 3.91 15.81
CA ASN A 60 -2.91 4.72 16.97
C ASN A 60 -1.37 4.85 17.07
N ILE A 61 -0.75 5.31 15.98
CA ILE A 61 0.72 5.45 15.87
C ILE A 61 1.09 6.75 15.14
N ASP A 62 2.03 7.52 15.69
CA ASP A 62 2.52 8.77 15.11
C ASP A 62 3.69 8.49 14.13
N ILE A 63 3.37 8.42 12.84
CA ILE A 63 4.34 8.17 11.76
C ILE A 63 5.38 9.29 11.59
N SER A 64 5.19 10.43 12.25
CA SER A 64 6.07 11.58 12.21
C SER A 64 7.12 11.59 13.35
N LYS A 65 7.19 10.51 14.16
CA LYS A 65 8.10 10.40 15.32
C LYS A 65 9.06 9.21 15.24
N PRO A 66 10.31 9.35 15.75
CA PRO A 66 11.33 8.29 15.79
C PRO A 66 11.24 7.39 17.04
N GLY A 67 10.05 7.38 17.65
CA GLY A 67 9.69 6.60 18.84
C GLY A 67 8.59 5.58 18.54
N ALA A 68 8.47 5.18 17.27
CA ALA A 68 7.46 4.24 16.77
C ALA A 68 8.07 3.11 15.91
N ASP A 69 7.26 2.08 15.66
CA ASP A 69 7.59 0.89 14.84
C ASP A 69 6.41 0.51 13.93
N VAL A 70 5.71 1.54 13.41
CA VAL A 70 4.51 1.47 12.55
C VAL A 70 4.53 0.33 11.54
N LYS A 71 3.74 -0.70 11.85
CA LYS A 71 3.61 -1.87 11.00
C LYS A 71 2.34 -2.72 11.17
N CYS A 72 2.24 -3.67 10.25
CA CYS A 72 1.15 -4.61 10.04
C CYS A 72 0.88 -5.60 11.21
N ASP A 73 -0.22 -6.35 11.05
CA ASP A 73 -0.73 -7.41 11.94
C ASP A 73 -1.06 -8.70 11.17
N ILE A 74 -1.22 -8.62 9.84
CA ILE A 74 -1.55 -9.76 8.98
C ILE A 74 -0.28 -10.60 8.73
N CYS A 75 0.75 -9.90 8.26
CA CYS A 75 2.06 -10.43 7.89
C CYS A 75 3.18 -9.86 8.79
N HIS A 76 2.84 -8.84 9.60
CA HIS A 76 3.70 -8.09 10.53
C HIS A 76 4.92 -7.38 9.91
N TYR A 77 4.91 -7.10 8.60
CA TYR A 77 6.01 -6.39 7.95
C TYR A 77 5.97 -4.87 8.17
N PRO A 78 7.11 -4.22 8.46
CA PRO A 78 7.21 -2.78 8.58
C PRO A 78 6.68 -2.05 7.35
N ILE A 79 5.67 -1.22 7.62
CA ILE A 79 4.95 -0.44 6.62
C ILE A 79 5.87 0.64 6.04
N GLN A 80 5.75 0.85 4.73
CA GLN A 80 6.60 1.77 3.95
C GLN A 80 5.77 2.78 3.15
N PHE A 81 6.04 4.07 3.35
CA PHE A 81 5.36 5.20 2.72
C PHE A 81 6.30 6.28 2.16
N LYS A 82 7.60 5.95 2.11
CA LYS A 82 8.70 6.78 1.61
C LYS A 82 9.92 5.91 1.27
N THR A 83 10.74 6.37 0.32
CA THR A 83 11.98 5.71 -0.16
C THR A 83 12.99 6.72 -0.73
ZN ZN B . -8.07 2.97 -1.11
ZN ZN C . 1.38 -6.76 6.04
N VAL A 1 17.89 -29.28 -21.18
CA VAL A 1 16.74 -28.65 -21.87
C VAL A 1 16.48 -29.34 -23.22
N ALA A 2 15.20 -29.54 -23.58
CA ALA A 2 14.78 -30.23 -24.81
C ALA A 2 13.53 -29.59 -25.45
N ASN A 3 13.30 -28.29 -25.23
CA ASN A 3 12.17 -27.51 -25.76
C ASN A 3 12.58 -26.04 -26.03
N GLU A 4 11.90 -25.38 -26.96
CA GLU A 4 12.14 -23.97 -27.35
C GLU A 4 10.85 -23.14 -27.56
N GLU A 5 9.67 -23.76 -27.41
CA GLU A 5 8.34 -23.14 -27.61
C GLU A 5 7.46 -23.19 -26.34
N THR A 6 7.96 -23.75 -25.24
CA THR A 6 7.27 -23.87 -23.94
C THR A 6 7.18 -22.59 -23.11
N ASP A 7 7.86 -21.52 -23.57
CA ASP A 7 7.95 -20.17 -22.96
C ASP A 7 8.85 -20.13 -21.69
N THR A 8 9.41 -18.95 -21.39
CA THR A 8 10.35 -18.67 -20.29
C THR A 8 10.07 -17.34 -19.56
N ALA A 9 8.89 -16.73 -19.80
CA ALA A 9 8.45 -15.48 -19.18
C ALA A 9 6.91 -15.47 -18.96
N THR A 10 6.42 -14.54 -18.14
CA THR A 10 5.00 -14.40 -17.76
C THR A 10 4.28 -13.19 -18.38
N PHE A 11 5.02 -12.46 -19.22
CA PHE A 11 4.60 -11.24 -19.93
C PHE A 11 3.91 -10.23 -19.01
N ASN A 12 4.66 -9.84 -17.98
CA ASN A 12 4.27 -8.89 -16.93
C ASN A 12 4.44 -7.41 -17.36
N ASP A 13 4.20 -6.51 -16.41
CA ASP A 13 4.40 -5.05 -16.50
C ASP A 13 4.94 -4.56 -15.13
N ASP A 14 5.07 -3.24 -14.91
CA ASP A 14 5.52 -2.67 -13.63
C ASP A 14 4.46 -2.86 -12.52
N ALA A 15 3.21 -2.72 -12.95
CA ALA A 15 1.99 -2.83 -12.17
C ALA A 15 0.85 -3.55 -12.94
N PRO A 16 0.03 -4.35 -12.24
CA PRO A 16 -1.17 -5.01 -12.77
C PRO A 16 -2.16 -4.07 -13.48
N SER A 17 -3.07 -4.69 -14.22
CA SER A 17 -4.24 -4.08 -14.88
C SER A 17 -5.54 -4.35 -14.09
N GLY A 18 -5.39 -4.70 -12.79
CA GLY A 18 -6.45 -5.06 -11.86
C GLY A 18 -6.06 -4.97 -10.37
N ALA A 19 -5.11 -4.09 -10.03
CA ALA A 19 -4.69 -3.84 -8.65
C ALA A 19 -5.51 -2.67 -8.07
N THR A 20 -6.12 -2.87 -6.90
CA THR A 20 -6.97 -1.90 -6.21
C THR A 20 -6.71 -1.87 -4.70
N CYS A 21 -6.89 -0.70 -4.09
CA CYS A 21 -6.73 -0.47 -2.66
C CYS A 21 -7.53 -1.47 -1.82
N ARG A 22 -6.89 -2.15 -0.87
CA ARG A 22 -7.56 -3.08 0.05
C ARG A 22 -8.47 -2.38 1.08
N ILE A 23 -8.46 -1.05 1.11
CA ILE A 23 -9.26 -0.22 2.03
C ILE A 23 -10.49 0.33 1.30
N CYS A 24 -10.39 0.82 0.05
CA CYS A 24 -11.59 1.35 -0.64
C CYS A 24 -11.91 0.74 -2.02
N ARG A 25 -11.08 -0.19 -2.49
CA ARG A 25 -11.19 -0.91 -3.78
C ARG A 25 -11.12 -0.04 -5.03
N GLY A 26 -10.47 1.13 -4.91
CA GLY A 26 -10.21 2.02 -6.04
C GLY A 26 -8.90 1.64 -6.71
N GLU A 27 -8.87 1.68 -8.05
CA GLU A 27 -7.68 1.38 -8.86
C GLU A 27 -6.57 2.43 -8.66
N ALA A 28 -5.36 2.07 -9.13
CA ALA A 28 -4.23 2.99 -9.11
C ALA A 28 -4.50 4.19 -10.04
N THR A 29 -4.12 5.39 -9.60
CA THR A 29 -4.29 6.63 -10.38
C THR A 29 -3.02 7.45 -10.47
N GLU A 30 -2.98 8.34 -11.46
CA GLU A 30 -1.88 9.28 -11.72
C GLU A 30 -1.81 10.47 -10.73
N ASP A 31 -2.53 10.35 -9.63
CA ASP A 31 -2.66 11.30 -8.54
C ASP A 31 -2.53 10.60 -7.18
N ASN A 32 -2.75 9.28 -7.15
CA ASN A 32 -2.65 8.47 -5.96
C ASN A 32 -2.45 6.97 -6.28
N PRO A 33 -1.25 6.60 -6.76
CA PRO A 33 -0.84 5.22 -7.07
C PRO A 33 -1.01 4.20 -5.95
N LEU A 34 -0.89 2.94 -6.37
CA LEU A 34 -0.89 1.78 -5.48
C LEU A 34 0.51 1.15 -5.41
N PHE A 35 0.82 0.69 -4.21
CA PHE A 35 2.07 0.06 -3.77
C PHE A 35 1.75 -0.84 -2.58
N HIS A 36 2.78 -1.51 -2.11
CA HIS A 36 2.73 -2.45 -1.02
C HIS A 36 3.65 -1.94 0.09
N PRO A 37 3.12 -1.47 1.24
CA PRO A 37 3.95 -1.05 2.38
C PRO A 37 4.57 -2.26 3.09
N CYS A 38 3.97 -3.42 2.84
CA CYS A 38 4.19 -4.71 3.41
C CYS A 38 3.96 -5.76 2.31
N LYS A 39 4.59 -6.92 2.48
CA LYS A 39 4.55 -7.99 1.50
C LYS A 39 3.13 -8.45 1.16
N CYS A 40 2.24 -8.54 2.17
CA CYS A 40 0.84 -9.01 2.21
C CYS A 40 0.33 -10.09 1.19
N ARG A 41 1.25 -10.73 0.47
CA ARG A 41 1.22 -11.80 -0.55
C ARG A 41 -0.14 -12.14 -1.21
N GLY A 42 -0.75 -11.13 -1.83
CA GLY A 42 -2.01 -11.29 -2.54
C GLY A 42 -2.67 -9.97 -2.97
N SER A 43 -3.87 -10.05 -3.52
CA SER A 43 -4.74 -8.94 -3.98
C SER A 43 -5.28 -8.06 -2.84
N ILE A 44 -4.52 -7.96 -1.73
CA ILE A 44 -4.74 -7.15 -0.53
C ILE A 44 -3.46 -6.42 -0.08
N LYS A 45 -2.29 -6.68 -0.71
CA LYS A 45 -1.06 -5.92 -0.42
C LYS A 45 -1.11 -4.50 -0.98
N TYR A 46 -1.95 -4.26 -2.00
CA TYR A 46 -2.16 -2.95 -2.63
C TYR A 46 -2.98 -2.01 -1.73
N MET A 47 -2.54 -0.76 -1.68
CA MET A 47 -3.10 0.30 -0.84
C MET A 47 -2.76 1.67 -1.42
N HIS A 48 -3.71 2.61 -1.39
CA HIS A 48 -3.43 4.00 -1.81
C HIS A 48 -2.51 4.68 -0.79
N GLU A 49 -1.79 5.73 -1.20
CA GLU A 49 -0.95 6.51 -0.29
C GLU A 49 -1.81 7.15 0.80
N SER A 50 -2.91 7.80 0.38
CA SER A 50 -3.88 8.43 1.30
C SER A 50 -4.53 7.41 2.24
N CYS A 51 -4.99 6.27 1.72
CA CYS A 51 -5.62 5.22 2.54
C CYS A 51 -4.67 4.61 3.59
N LEU A 52 -3.41 4.32 3.23
CA LEU A 52 -2.42 3.84 4.20
C LEU A 52 -2.21 4.89 5.29
N LEU A 53 -2.08 6.16 4.92
CA LEU A 53 -1.86 7.27 5.86
C LEU A 53 -2.95 7.37 6.94
N GLU A 54 -4.18 6.97 6.63
CA GLU A 54 -5.31 6.93 7.56
C GLU A 54 -5.33 5.62 8.36
N TRP A 55 -4.99 4.49 7.72
CA TRP A 55 -4.93 3.18 8.35
C TRP A 55 -3.87 3.11 9.45
N VAL A 56 -2.65 3.60 9.19
CA VAL A 56 -1.57 3.67 10.19
C VAL A 56 -1.93 4.63 11.33
N ALA A 57 -2.69 5.69 11.03
CA ALA A 57 -3.19 6.64 12.03
C ALA A 57 -4.22 5.98 12.96
N SER A 58 -5.04 5.07 12.41
CA SER A 58 -6.03 4.28 13.17
C SER A 58 -5.36 3.34 14.20
N LYS A 59 -4.06 3.04 14.06
CA LYS A 59 -3.26 2.24 15.00
C LYS A 59 -2.75 3.04 16.20
N ASN A 60 -3.12 4.33 16.30
CA ASN A 60 -2.73 5.28 17.36
C ASN A 60 -1.30 5.86 17.18
N ILE A 61 -0.71 5.71 15.99
CA ILE A 61 0.69 6.07 15.69
C ILE A 61 0.77 7.18 14.64
N ASP A 62 1.51 8.24 14.96
CA ASP A 62 1.74 9.40 14.07
C ASP A 62 3.10 9.24 13.37
N ILE A 63 3.06 8.93 12.07
CA ILE A 63 4.23 8.71 11.21
C ILE A 63 5.13 9.94 11.03
N SER A 64 4.65 11.13 11.42
CA SER A 64 5.43 12.37 11.33
C SER A 64 6.53 12.43 12.40
N LYS A 65 6.38 11.66 13.50
CA LYS A 65 7.33 11.59 14.62
C LYS A 65 8.32 10.42 14.43
N PRO A 66 9.60 10.56 14.84
CA PRO A 66 10.62 9.51 14.71
C PRO A 66 10.52 8.35 15.71
N GLY A 67 9.41 8.31 16.45
CA GLY A 67 9.05 7.27 17.42
C GLY A 67 8.12 6.19 16.83
N ALA A 68 7.73 6.32 15.56
CA ALA A 68 6.86 5.37 14.86
C ALA A 68 7.56 4.02 14.65
N ASP A 69 6.80 2.92 14.79
CA ASP A 69 7.25 1.52 14.63
C ASP A 69 6.10 0.67 14.04
N VAL A 70 5.45 1.22 13.02
CA VAL A 70 4.27 0.64 12.37
C VAL A 70 4.62 -0.62 11.56
N LYS A 71 3.96 -1.73 11.87
CA LYS A 71 4.14 -3.05 11.24
C LYS A 71 2.80 -3.79 11.16
N CYS A 72 2.63 -4.52 10.06
CA CYS A 72 1.38 -5.22 9.71
C CYS A 72 0.98 -6.31 10.73
N ASP A 73 -0.27 -6.72 10.65
CA ASP A 73 -0.89 -7.80 11.44
C ASP A 73 -1.33 -8.96 10.54
N ILE A 74 -1.27 -8.76 9.23
CA ILE A 74 -1.66 -9.76 8.23
C ILE A 74 -0.43 -10.58 7.86
N CYS A 75 0.63 -9.90 7.40
CA CYS A 75 1.85 -10.54 6.95
C CYS A 75 3.04 -10.32 7.91
N HIS A 76 2.81 -9.52 8.97
CA HIS A 76 3.78 -9.16 10.00
C HIS A 76 5.02 -8.40 9.49
N TYR A 77 5.04 -7.93 8.23
CA TYR A 77 6.15 -7.11 7.73
C TYR A 77 5.98 -5.63 8.16
N PRO A 78 7.05 -4.92 8.55
CA PRO A 78 7.01 -3.50 8.82
C PRO A 78 6.40 -2.73 7.65
N ILE A 79 5.67 -1.66 7.97
CA ILE A 79 4.82 -0.92 7.04
C ILE A 79 5.51 0.38 6.59
N GLN A 80 5.96 0.36 5.33
CA GLN A 80 6.64 1.46 4.66
C GLN A 80 5.61 2.41 4.04
N PHE A 81 5.56 3.66 4.53
CA PHE A 81 4.57 4.69 4.15
C PHE A 81 4.55 5.20 2.70
N LYS A 82 5.38 4.60 1.83
CA LYS A 82 5.55 4.91 0.41
C LYS A 82 6.19 3.72 -0.34
N THR A 83 6.02 3.70 -1.66
CA THR A 83 6.55 2.74 -2.65
C THR A 83 8.02 2.37 -2.43
ZN ZN B . -8.02 3.50 -1.13
ZN ZN C . 0.77 -6.79 5.35
N VAL A 1 -14.18 6.74 -33.52
CA VAL A 1 -13.73 5.47 -34.16
C VAL A 1 -12.25 5.54 -34.54
N ALA A 2 -11.54 4.42 -34.49
CA ALA A 2 -10.11 4.31 -34.86
C ALA A 2 -9.92 4.15 -36.39
N ASN A 3 -8.69 3.85 -36.83
CA ASN A 3 -8.31 3.63 -38.23
C ASN A 3 -7.46 2.35 -38.43
N GLU A 4 -7.32 1.58 -37.36
CA GLU A 4 -6.63 0.29 -37.22
C GLU A 4 -7.32 -0.57 -36.15
N GLU A 5 -7.24 -1.89 -36.29
CA GLU A 5 -7.89 -2.86 -35.35
C GLU A 5 -7.12 -4.20 -35.28
N THR A 6 -5.81 -4.19 -35.57
CA THR A 6 -4.95 -5.39 -35.66
C THR A 6 -3.64 -5.32 -34.84
N ASP A 7 -3.47 -4.26 -34.05
CA ASP A 7 -2.28 -3.99 -33.21
C ASP A 7 -1.91 -5.10 -32.19
N THR A 8 -0.73 -4.97 -31.57
CA THR A 8 -0.15 -5.86 -30.53
C THR A 8 0.60 -5.01 -29.50
N ALA A 9 0.54 -5.39 -28.22
CA ALA A 9 1.21 -4.66 -27.11
C ALA A 9 1.50 -5.55 -25.87
N THR A 10 2.41 -5.06 -25.04
CA THR A 10 2.85 -5.67 -23.76
C THR A 10 3.23 -4.55 -22.77
N PHE A 11 2.92 -4.72 -21.49
CA PHE A 11 3.16 -3.72 -20.43
C PHE A 11 3.58 -4.34 -19.09
N ASN A 12 4.41 -3.62 -18.32
CA ASN A 12 4.90 -4.00 -17.00
C ASN A 12 5.26 -2.75 -16.16
N ASP A 13 4.95 -2.77 -14.86
CA ASP A 13 5.20 -1.69 -13.89
C ASP A 13 5.28 -2.25 -12.45
N ASP A 14 5.60 -1.43 -11.44
CA ASP A 14 5.69 -1.82 -10.02
C ASP A 14 4.35 -2.18 -9.34
N ALA A 15 3.26 -2.03 -10.11
CA ALA A 15 1.88 -2.34 -9.75
C ALA A 15 1.11 -2.87 -10.97
N PRO A 16 0.36 -3.97 -10.83
CA PRO A 16 -0.49 -4.52 -11.88
C PRO A 16 -1.44 -3.52 -12.53
N SER A 17 -1.76 -3.78 -13.79
CA SER A 17 -2.72 -2.98 -14.57
C SER A 17 -4.13 -2.94 -13.94
N GLY A 18 -4.48 -3.96 -13.14
CA GLY A 18 -5.74 -4.10 -12.42
C GLY A 18 -5.60 -4.25 -10.89
N ALA A 19 -4.53 -3.71 -10.29
CA ALA A 19 -4.34 -3.72 -8.85
C ALA A 19 -5.31 -2.71 -8.19
N THR A 20 -5.67 -2.96 -6.94
CA THR A 20 -6.65 -2.16 -6.17
C THR A 20 -6.36 -2.06 -4.67
N CYS A 21 -6.74 -0.94 -4.07
CA CYS A 21 -6.62 -0.67 -2.63
C CYS A 21 -7.33 -1.73 -1.79
N ARG A 22 -6.64 -2.31 -0.80
CA ARG A 22 -7.25 -3.28 0.12
C ARG A 22 -8.28 -2.66 1.07
N ILE A 23 -8.32 -1.32 1.17
CA ILE A 23 -9.23 -0.58 2.05
C ILE A 23 -10.48 -0.13 1.33
N CYS A 24 -10.40 0.40 0.09
CA CYS A 24 -11.61 0.85 -0.62
C CYS A 24 -11.89 0.13 -1.94
N ARG A 25 -11.09 -0.89 -2.26
CA ARG A 25 -11.20 -1.78 -3.44
C ARG A 25 -11.27 -1.03 -4.77
N GLY A 26 -10.62 0.14 -4.83
CA GLY A 26 -10.52 0.92 -6.06
C GLY A 26 -9.12 0.89 -6.61
N GLU A 27 -9.06 0.95 -7.92
CA GLU A 27 -7.87 0.96 -8.72
C GLU A 27 -6.98 2.18 -8.50
N ALA A 28 -5.77 2.05 -9.02
CA ALA A 28 -4.77 3.12 -9.00
C ALA A 28 -5.24 4.30 -9.86
N THR A 29 -4.87 5.51 -9.45
CA THR A 29 -5.21 6.74 -10.19
C THR A 29 -4.01 7.63 -10.45
N GLU A 30 -4.15 8.43 -11.50
CA GLU A 30 -3.17 9.39 -11.98
C GLU A 30 -2.70 10.46 -10.97
N ASP A 31 -3.36 10.55 -9.82
CA ASP A 31 -3.07 11.51 -8.75
C ASP A 31 -2.83 10.81 -7.40
N ASN A 32 -3.30 9.56 -7.26
CA ASN A 32 -3.14 8.76 -6.07
C ASN A 32 -2.92 7.25 -6.34
N PRO A 33 -1.79 6.90 -6.97
CA PRO A 33 -1.36 5.53 -7.26
C PRO A 33 -1.39 4.51 -6.12
N LEU A 34 -1.19 3.25 -6.55
CA LEU A 34 -1.04 2.08 -5.68
C LEU A 34 0.39 1.54 -5.76
N PHE A 35 0.83 1.05 -4.61
CA PHE A 35 2.12 0.44 -4.31
C PHE A 35 1.89 -0.55 -3.16
N HIS A 36 2.86 -1.42 -2.86
CA HIS A 36 2.76 -2.33 -1.73
C HIS A 36 3.79 -1.92 -0.67
N PRO A 37 3.34 -1.34 0.48
CA PRO A 37 4.23 -0.93 1.58
C PRO A 37 4.74 -2.11 2.39
N CYS A 38 4.12 -3.28 2.18
CA CYS A 38 4.25 -4.45 3.03
C CYS A 38 4.38 -5.76 2.22
N LYS A 39 4.14 -6.91 2.86
CA LYS A 39 4.22 -8.27 2.29
C LYS A 39 2.99 -9.13 2.58
N CYS A 40 1.86 -8.47 2.78
CA CYS A 40 0.53 -9.07 2.97
C CYS A 40 0.09 -10.00 1.81
N ARG A 41 0.85 -10.04 0.70
CA ARG A 41 0.62 -10.86 -0.52
C ARG A 41 -0.77 -10.71 -1.18
N GLY A 42 -1.00 -11.48 -2.24
CA GLY A 42 -2.26 -11.48 -3.01
C GLY A 42 -2.66 -10.12 -3.58
N SER A 43 -3.95 -9.94 -3.85
CA SER A 43 -4.55 -8.69 -4.35
C SER A 43 -4.85 -7.67 -3.23
N ILE A 44 -4.45 -7.97 -1.98
CA ILE A 44 -4.73 -7.15 -0.79
C ILE A 44 -3.48 -6.49 -0.17
N LYS A 45 -2.33 -6.56 -0.85
CA LYS A 45 -1.08 -5.89 -0.44
C LYS A 45 -0.96 -4.47 -1.02
N TYR A 46 -1.90 -4.06 -1.88
CA TYR A 46 -1.95 -2.75 -2.53
C TYR A 46 -2.82 -1.77 -1.74
N MET A 47 -2.45 -0.49 -1.77
CA MET A 47 -3.09 0.57 -0.95
C MET A 47 -2.82 1.94 -1.58
N HIS A 48 -3.82 2.83 -1.58
CA HIS A 48 -3.63 4.21 -2.04
C HIS A 48 -2.73 4.95 -1.05
N GLU A 49 -2.07 6.05 -1.45
CA GLU A 49 -1.27 6.85 -0.50
C GLU A 49 -2.19 7.35 0.63
N SER A 50 -3.35 7.88 0.25
CA SER A 50 -4.39 8.34 1.15
C SER A 50 -4.84 7.28 2.16
N CYS A 51 -5.30 6.13 1.69
CA CYS A 51 -5.77 5.02 2.51
C CYS A 51 -4.65 4.45 3.40
N LEU A 52 -3.39 4.38 2.94
CA LEU A 52 -2.30 3.95 3.82
C LEU A 52 -2.07 4.97 4.94
N LEU A 53 -2.01 6.25 4.58
CA LEU A 53 -1.77 7.39 5.47
C LEU A 53 -2.85 7.52 6.54
N GLU A 54 -4.08 7.16 6.17
CA GLU A 54 -5.29 7.08 6.99
C GLU A 54 -5.33 5.81 7.83
N TRP A 55 -4.83 4.68 7.32
CA TRP A 55 -4.79 3.41 8.03
C TRP A 55 -3.78 3.49 9.17
N VAL A 56 -2.52 3.89 8.91
CA VAL A 56 -1.55 4.14 10.01
C VAL A 56 -2.06 5.22 10.97
N ALA A 57 -2.86 6.17 10.48
CA ALA A 57 -3.53 7.15 11.34
C ALA A 57 -4.64 6.47 12.17
N SER A 58 -5.39 5.53 11.62
CA SER A 58 -6.43 4.76 12.32
C SER A 58 -5.86 3.85 13.43
N LYS A 59 -4.59 3.45 13.32
CA LYS A 59 -3.83 2.65 14.28
C LYS A 59 -3.44 3.46 15.53
N ASN A 60 -3.71 4.77 15.56
CA ASN A 60 -3.44 5.66 16.69
C ASN A 60 -1.93 5.77 17.03
N ILE A 61 -1.09 5.93 15.99
CA ILE A 61 0.38 6.01 16.12
C ILE A 61 0.95 7.08 15.18
N ASP A 62 1.74 8.01 15.72
CA ASP A 62 2.39 9.08 14.94
C ASP A 62 3.67 8.57 14.25
N ILE A 63 3.59 8.39 12.94
CA ILE A 63 4.69 7.92 12.06
C ILE A 63 5.91 8.85 12.05
N SER A 64 5.74 10.11 12.47
CA SER A 64 6.83 11.09 12.51
C SER A 64 7.74 10.91 13.74
N LYS A 65 7.27 10.22 14.79
CA LYS A 65 8.04 10.02 16.04
C LYS A 65 9.04 8.84 15.97
N PRO A 66 10.24 8.98 16.56
CA PRO A 66 11.28 7.93 16.60
C PRO A 66 11.10 6.90 17.74
N GLY A 67 9.99 7.01 18.45
CA GLY A 67 9.55 6.15 19.57
C GLY A 67 8.46 5.16 19.15
N ALA A 68 8.38 4.85 17.85
CA ALA A 68 7.39 3.94 17.27
C ALA A 68 8.00 2.97 16.24
N ASP A 69 7.24 1.92 15.92
CA ASP A 69 7.58 0.83 14.98
C ASP A 69 6.32 0.49 14.16
N VAL A 70 5.74 1.51 13.53
CA VAL A 70 4.47 1.46 12.78
C VAL A 70 4.52 0.49 11.60
N LYS A 71 3.84 -0.64 11.80
CA LYS A 71 3.73 -1.69 10.80
C LYS A 71 2.44 -2.53 10.88
N CYS A 72 2.34 -3.48 9.95
CA CYS A 72 1.21 -4.36 9.72
C CYS A 72 0.91 -5.37 10.84
N ASP A 73 -0.21 -6.08 10.67
CA ASP A 73 -0.73 -7.14 11.54
C ASP A 73 -1.14 -8.41 10.75
N ILE A 74 -1.12 -8.37 9.41
CA ILE A 74 -1.45 -9.51 8.54
C ILE A 74 -0.22 -10.44 8.44
N CYS A 75 0.84 -9.89 7.85
CA CYS A 75 2.14 -10.45 7.59
C CYS A 75 3.20 -9.90 8.57
N HIS A 76 2.82 -8.85 9.33
CA HIS A 76 3.60 -8.09 10.32
C HIS A 76 4.83 -7.36 9.75
N TYR A 77 4.89 -7.15 8.43
CA TYR A 77 6.00 -6.42 7.81
C TYR A 77 5.97 -4.91 8.05
N PRO A 78 7.12 -4.25 8.24
CA PRO A 78 7.25 -2.80 8.32
C PRO A 78 6.67 -2.13 7.06
N ILE A 79 5.91 -1.08 7.30
CA ILE A 79 5.20 -0.32 6.26
C ILE A 79 6.13 0.71 5.60
N GLN A 80 6.20 0.65 4.28
CA GLN A 80 7.07 1.45 3.43
C GLN A 80 6.23 2.35 2.51
N PHE A 81 6.02 3.58 2.97
CA PHE A 81 5.25 4.61 2.28
C PHE A 81 5.80 4.90 0.86
N LYS A 82 4.90 4.95 -0.14
CA LYS A 82 5.20 5.18 -1.57
C LYS A 82 6.19 4.15 -2.18
N THR A 83 6.68 4.42 -3.40
CA THR A 83 7.62 3.59 -4.17
C THR A 83 8.54 4.45 -5.05
ZN ZN B . -8.17 3.19 -1.11
ZN ZN C . 1.36 -6.29 5.81
N VAL A 1 -7.16 -43.17 -19.06
CA VAL A 1 -6.24 -43.11 -17.90
C VAL A 1 -4.92 -42.43 -18.27
N ALA A 2 -4.24 -41.82 -17.29
CA ALA A 2 -2.95 -41.12 -17.47
C ALA A 2 -2.12 -41.10 -16.18
N ASN A 3 -0.85 -40.69 -16.29
CA ASN A 3 0.12 -40.54 -15.20
C ASN A 3 1.12 -39.41 -15.53
N GLU A 4 1.76 -38.84 -14.49
CA GLU A 4 2.72 -37.73 -14.61
C GLU A 4 3.92 -37.86 -13.65
N GLU A 5 4.99 -37.12 -13.94
CA GLU A 5 6.25 -37.06 -13.16
C GLU A 5 6.98 -35.71 -13.28
N THR A 6 6.81 -35.02 -14.42
CA THR A 6 7.38 -33.71 -14.78
C THR A 6 6.78 -32.52 -13.99
N ASP A 7 7.14 -31.30 -14.37
CA ASP A 7 6.68 -30.03 -13.78
C ASP A 7 6.59 -28.91 -14.83
N THR A 8 5.80 -27.87 -14.54
CA THR A 8 5.60 -26.69 -15.44
C THR A 8 5.34 -25.36 -14.72
N ALA A 9 4.81 -25.41 -13.50
CA ALA A 9 4.45 -24.26 -12.68
C ALA A 9 5.67 -23.52 -12.10
N THR A 10 5.63 -22.19 -12.22
CA THR A 10 6.63 -21.23 -11.71
C THR A 10 5.91 -19.95 -11.26
N PHE A 11 6.30 -19.39 -10.11
CA PHE A 11 5.73 -18.17 -9.53
C PHE A 11 6.69 -17.52 -8.51
N ASN A 12 6.42 -16.25 -8.15
CA ASN A 12 7.14 -15.49 -7.13
C ASN A 12 6.18 -14.46 -6.48
N ASP A 13 5.79 -13.42 -7.21
CA ASP A 13 4.90 -12.34 -6.75
C ASP A 13 3.93 -11.87 -7.85
N ASP A 14 2.72 -11.44 -7.46
CA ASP A 14 1.64 -11.03 -8.36
C ASP A 14 1.66 -9.54 -8.77
N ALA A 15 0.94 -9.24 -9.87
CA ALA A 15 0.74 -7.92 -10.47
C ALA A 15 -0.62 -7.88 -11.19
N PRO A 16 -1.71 -7.54 -10.46
CA PRO A 16 -3.05 -7.50 -11.04
C PRO A 16 -3.25 -6.47 -12.15
N SER A 17 -4.15 -6.79 -13.08
CA SER A 17 -4.57 -5.94 -14.20
C SER A 17 -5.28 -4.63 -13.82
N GLY A 18 -4.49 -3.73 -13.23
CA GLY A 18 -4.84 -2.42 -12.69
C GLY A 18 -4.57 -2.39 -11.19
N ALA A 19 -5.02 -3.45 -10.50
CA ALA A 19 -5.05 -3.59 -9.03
C ALA A 19 -6.07 -2.65 -8.37
N THR A 20 -6.17 -2.72 -7.04
CA THR A 20 -7.07 -1.87 -6.22
C THR A 20 -6.57 -1.69 -4.80
N CYS A 21 -7.10 -0.67 -4.11
CA CYS A 21 -6.83 -0.42 -2.70
C CYS A 21 -7.71 -1.27 -1.79
N ARG A 22 -7.10 -2.02 -0.86
CA ARG A 22 -7.78 -2.85 0.13
C ARG A 22 -8.56 -2.04 1.17
N ILE A 23 -8.36 -0.72 1.22
CA ILE A 23 -9.01 0.18 2.18
C ILE A 23 -10.15 0.93 1.48
N CYS A 24 -9.84 1.57 0.34
CA CYS A 24 -10.79 2.47 -0.30
C CYS A 24 -11.57 1.85 -1.47
N ARG A 25 -11.14 0.67 -1.96
CA ARG A 25 -11.67 0.04 -3.19
C ARG A 25 -11.70 1.09 -4.29
N GLY A 26 -10.47 1.44 -4.68
CA GLY A 26 -10.16 2.32 -5.80
C GLY A 26 -9.03 1.75 -6.62
N GLU A 27 -9.14 1.87 -7.93
CA GLU A 27 -8.15 1.39 -8.89
C GLU A 27 -6.97 2.36 -8.98
N ALA A 28 -5.80 1.86 -9.37
CA ALA A 28 -4.64 2.75 -9.54
C ALA A 28 -4.89 3.75 -10.68
N THR A 29 -4.79 5.04 -10.36
CA THR A 29 -4.93 6.14 -11.34
C THR A 29 -3.56 6.70 -11.74
N GLU A 30 -3.49 7.99 -12.09
CA GLU A 30 -2.27 8.72 -12.48
C GLU A 30 -2.08 10.00 -11.63
N ASP A 31 -2.86 10.07 -10.55
CA ASP A 31 -2.93 11.12 -9.54
C ASP A 31 -3.16 10.54 -8.13
N ASN A 32 -3.52 9.25 -8.04
CA ASN A 32 -3.76 8.49 -6.84
C ASN A 32 -3.65 6.99 -7.21
N PRO A 33 -2.42 6.53 -7.45
CA PRO A 33 -2.11 5.16 -7.83
C PRO A 33 -2.00 4.28 -6.58
N LEU A 34 -1.43 3.10 -6.79
CA LEU A 34 -1.25 2.06 -5.76
C LEU A 34 0.18 1.52 -5.75
N PHE A 35 0.57 1.02 -4.59
CA PHE A 35 1.88 0.43 -4.33
C PHE A 35 1.78 -0.58 -3.17
N HIS A 36 2.91 -1.18 -2.80
CA HIS A 36 3.01 -2.19 -1.73
C HIS A 36 3.89 -1.68 -0.56
N PRO A 37 3.30 -1.13 0.53
CA PRO A 37 4.03 -0.65 1.73
C PRO A 37 4.49 -1.77 2.64
N CYS A 38 3.96 -2.95 2.40
CA CYS A 38 4.06 -4.16 3.16
C CYS A 38 3.99 -5.30 2.15
N LYS A 39 4.33 -6.51 2.56
CA LYS A 39 4.24 -7.66 1.65
C LYS A 39 2.81 -8.13 1.43
N CYS A 40 2.01 -8.15 2.49
CA CYS A 40 0.65 -8.69 2.73
C CYS A 40 0.25 -10.08 2.14
N ARG A 41 1.01 -10.57 1.15
CA ARG A 41 0.93 -11.81 0.37
C ARG A 41 -0.46 -12.20 -0.14
N GLY A 42 -1.00 -11.29 -0.92
CA GLY A 42 -2.27 -11.43 -1.63
C GLY A 42 -2.61 -10.16 -2.40
N SER A 43 -3.76 -10.10 -3.08
CA SER A 43 -4.23 -8.90 -3.79
C SER A 43 -4.27 -7.66 -2.88
N ILE A 44 -4.55 -7.91 -1.59
CA ILE A 44 -4.61 -6.95 -0.48
C ILE A 44 -3.34 -6.14 -0.25
N LYS A 45 -2.20 -6.54 -0.85
CA LYS A 45 -0.94 -5.80 -0.72
C LYS A 45 -1.04 -4.38 -1.32
N TYR A 46 -1.92 -4.17 -2.29
CA TYR A 46 -2.16 -2.88 -2.93
C TYR A 46 -3.04 -1.95 -2.07
N MET A 47 -2.62 -0.70 -2.00
CA MET A 47 -3.16 0.38 -1.17
C MET A 47 -2.72 1.72 -1.77
N HIS A 48 -3.47 2.80 -1.56
CA HIS A 48 -3.01 4.13 -1.95
C HIS A 48 -1.97 4.64 -0.92
N GLU A 49 -1.22 5.69 -1.23
CA GLU A 49 -0.25 6.26 -0.28
C GLU A 49 -0.95 6.95 0.91
N SER A 50 -2.02 7.70 0.61
CA SER A 50 -2.80 8.49 1.58
C SER A 50 -3.73 7.67 2.48
N CYS A 51 -4.21 6.52 2.01
CA CYS A 51 -5.10 5.64 2.76
C CYS A 51 -4.34 4.80 3.78
N LEU A 52 -3.20 4.29 3.35
CA LEU A 52 -2.23 3.65 4.20
C LEU A 52 -1.85 4.54 5.38
N LEU A 53 -1.54 5.80 5.03
CA LEU A 53 -1.11 6.80 5.97
C LEU A 53 -2.15 7.07 7.05
N GLU A 54 -3.41 6.76 6.75
CA GLU A 54 -4.54 6.94 7.68
C GLU A 54 -4.89 5.62 8.40
N TRP A 55 -4.67 4.48 7.75
CA TRP A 55 -4.85 3.15 8.31
C TRP A 55 -3.86 2.90 9.45
N VAL A 56 -2.56 3.15 9.25
CA VAL A 56 -1.57 3.03 10.35
C VAL A 56 -1.87 4.02 11.47
N ALA A 57 -2.35 5.21 11.12
CA ALA A 57 -2.73 6.25 12.09
C ALA A 57 -3.93 5.79 12.95
N SER A 58 -4.85 5.04 12.36
CA SER A 58 -6.00 4.43 13.05
C SER A 58 -5.58 3.38 14.10
N LYS A 59 -4.33 2.89 14.06
CA LYS A 59 -3.74 1.95 15.03
C LYS A 59 -3.15 2.66 16.26
N ASN A 60 -3.41 3.97 16.42
CA ASN A 60 -3.00 4.85 17.52
C ASN A 60 -1.53 5.38 17.45
N ILE A 61 -0.79 4.97 16.41
CA ILE A 61 0.63 5.25 16.25
C ILE A 61 0.89 6.58 15.50
N ASP A 62 1.69 7.45 16.11
CA ASP A 62 2.05 8.76 15.55
C ASP A 62 3.24 8.69 14.57
N ILE A 63 2.94 8.74 13.27
CA ILE A 63 3.91 8.74 12.17
C ILE A 63 4.79 10.01 12.12
N SER A 64 4.39 11.08 12.81
CA SER A 64 5.15 12.35 12.84
C SER A 64 6.48 12.23 13.61
N LYS A 65 6.63 11.20 14.46
CA LYS A 65 7.85 10.94 15.25
C LYS A 65 8.59 9.67 14.80
N PRO A 66 9.95 9.65 14.84
CA PRO A 66 10.77 8.50 14.44
C PRO A 66 10.84 7.34 15.45
N GLY A 67 9.99 7.41 16.47
CA GLY A 67 9.81 6.39 17.54
C GLY A 67 8.59 5.49 17.32
N ALA A 68 7.98 5.56 16.13
CA ALA A 68 6.81 4.79 15.73
C ALA A 68 7.05 3.27 15.67
N ASP A 69 5.96 2.51 15.56
CA ASP A 69 5.93 1.03 15.47
C ASP A 69 4.92 0.58 14.40
N VAL A 70 4.86 1.33 13.29
CA VAL A 70 3.96 1.14 12.15
C VAL A 70 4.27 -0.12 11.32
N LYS A 71 3.84 -1.27 11.82
CA LYS A 71 4.03 -2.60 11.24
C LYS A 71 2.72 -3.39 11.29
N CYS A 72 2.48 -4.14 10.20
CA CYS A 72 1.28 -4.91 9.90
C CYS A 72 0.95 -6.03 10.91
N ASP A 73 -0.21 -6.64 10.72
CA ASP A 73 -0.80 -7.74 11.51
C ASP A 73 -1.20 -8.95 10.64
N ILE A 74 -1.17 -8.80 9.31
CA ILE A 74 -1.55 -9.87 8.38
C ILE A 74 -0.34 -10.78 8.13
N CYS A 75 0.73 -10.16 7.62
CA CYS A 75 2.02 -10.74 7.28
C CYS A 75 3.13 -10.28 8.25
N HIS A 76 2.79 -9.34 9.14
CA HIS A 76 3.67 -8.72 10.13
C HIS A 76 4.84 -7.89 9.55
N TYR A 77 4.76 -7.43 8.29
CA TYR A 77 5.81 -6.59 7.70
C TYR A 77 5.70 -5.11 8.13
N PRO A 78 6.82 -4.40 8.34
CA PRO A 78 6.82 -2.97 8.59
C PRO A 78 6.26 -2.21 7.39
N ILE A 79 5.49 -1.17 7.68
CA ILE A 79 4.82 -0.33 6.67
C ILE A 79 5.77 0.77 6.22
N GLN A 80 5.92 0.89 4.90
CA GLN A 80 6.81 1.83 4.23
C GLN A 80 6.00 2.74 3.32
N PHE A 81 6.00 4.05 3.58
CA PHE A 81 5.23 5.06 2.84
C PHE A 81 5.77 5.44 1.45
N LYS A 82 6.79 4.71 0.98
CA LYS A 82 7.49 4.87 -0.30
C LYS A 82 8.27 3.58 -0.64
N THR A 83 8.48 3.35 -1.94
CA THR A 83 9.22 2.21 -2.53
C THR A 83 10.11 2.66 -3.70
ZN ZN B . -6.83 3.55 -0.40
ZN ZN C . 1.23 -6.52 5.73
N VAL A 1 -2.95 31.45 -9.64
CA VAL A 1 -3.38 30.66 -8.45
C VAL A 1 -2.22 30.48 -7.45
N ALA A 2 -2.54 30.28 -6.17
CA ALA A 2 -1.55 30.11 -5.09
C ALA A 2 -2.00 29.12 -3.97
N ASN A 3 -2.98 28.26 -4.27
CA ASN A 3 -3.54 27.29 -3.32
C ASN A 3 -2.52 26.27 -2.75
N GLU A 4 -1.57 25.82 -3.58
CA GLU A 4 -0.50 24.89 -3.19
C GLU A 4 0.86 25.12 -3.86
N GLU A 5 1.88 24.62 -3.18
CA GLU A 5 3.31 24.75 -3.53
C GLU A 5 4.09 23.40 -3.52
N THR A 6 3.38 22.27 -3.37
CA THR A 6 3.95 20.91 -3.35
C THR A 6 3.06 19.91 -4.10
N ASP A 7 3.52 18.65 -4.22
CA ASP A 7 2.83 17.50 -4.85
C ASP A 7 2.58 17.58 -6.37
N THR A 8 2.90 18.69 -7.01
CA THR A 8 2.74 18.94 -8.47
C THR A 8 3.32 17.85 -9.37
N ALA A 9 4.41 17.22 -8.93
CA ALA A 9 5.11 16.10 -9.57
C ALA A 9 4.40 14.73 -9.37
N THR A 10 3.08 14.75 -9.47
CA THR A 10 2.16 13.60 -9.29
C THR A 10 1.00 13.69 -10.29
N PHE A 11 1.37 13.77 -11.57
CA PHE A 11 0.48 13.94 -12.73
C PHE A 11 0.29 12.68 -13.59
N ASN A 12 0.80 11.54 -13.13
CA ASN A 12 0.70 10.24 -13.79
C ASN A 12 0.79 9.05 -12.81
N ASP A 13 0.21 7.92 -13.21
CA ASP A 13 0.26 6.65 -12.47
C ASP A 13 1.61 5.93 -12.67
N ASP A 14 1.90 4.93 -11.83
CA ASP A 14 3.12 4.09 -11.81
C ASP A 14 2.85 2.65 -11.31
N ALA A 15 1.62 2.19 -11.49
CA ALA A 15 1.07 0.90 -11.07
C ALA A 15 0.48 0.08 -12.25
N PRO A 16 0.10 -1.18 -12.03
CA PRO A 16 -0.58 -2.05 -13.00
C PRO A 16 -1.82 -1.46 -13.68
N SER A 17 -2.45 -2.27 -14.54
CA SER A 17 -3.71 -1.98 -15.22
C SER A 17 -4.95 -2.54 -14.50
N GLY A 18 -4.74 -3.26 -13.39
CA GLY A 18 -5.79 -3.86 -12.55
C GLY A 18 -5.47 -3.87 -11.05
N ALA A 19 -4.48 -3.08 -10.59
CA ALA A 19 -4.16 -2.96 -9.17
C ALA A 19 -5.27 -2.15 -8.47
N THR A 20 -5.68 -2.59 -7.29
CA THR A 20 -6.70 -1.92 -6.45
C THR A 20 -6.34 -1.95 -4.96
N CYS A 21 -6.76 -0.92 -4.23
CA CYS A 21 -6.56 -0.74 -2.80
C CYS A 21 -7.20 -1.87 -1.99
N ARG A 22 -6.42 -2.57 -1.15
CA ARG A 22 -6.95 -3.62 -0.28
C ARG A 22 -7.83 -3.04 0.84
N ILE A 23 -7.86 -1.71 0.99
CA ILE A 23 -8.65 -1.02 2.01
C ILE A 23 -10.01 -0.71 1.38
N CYS A 24 -10.09 -0.08 0.18
CA CYS A 24 -11.40 0.29 -0.38
C CYS A 24 -11.69 -0.11 -1.84
N ARG A 25 -10.87 -1.01 -2.39
CA ARG A 25 -10.93 -1.59 -3.74
C ARG A 25 -10.79 -0.61 -4.91
N GLY A 26 -10.45 0.66 -4.63
CA GLY A 26 -10.32 1.64 -5.71
C GLY A 26 -9.04 1.41 -6.50
N GLU A 27 -9.08 1.69 -7.79
CA GLU A 27 -7.95 1.51 -8.70
C GLU A 27 -6.84 2.53 -8.46
N ALA A 28 -5.63 2.23 -8.93
CA ALA A 28 -4.55 3.22 -8.87
C ALA A 28 -4.86 4.38 -9.82
N THR A 29 -4.95 5.58 -9.27
CA THR A 29 -5.22 6.80 -10.04
C THR A 29 -3.92 7.52 -10.38
N GLU A 30 -4.01 8.74 -10.92
CA GLU A 30 -2.83 9.52 -11.24
C GLU A 30 -2.28 10.32 -10.04
N ASP A 31 -3.10 10.64 -9.03
CA ASP A 31 -2.74 11.48 -7.87
C ASP A 31 -3.12 10.79 -6.53
N ASN A 32 -3.62 9.56 -6.61
CA ASN A 32 -3.89 8.67 -5.51
C ASN A 32 -3.73 7.20 -5.96
N PRO A 33 -2.51 6.86 -6.39
CA PRO A 33 -2.12 5.55 -6.88
C PRO A 33 -2.01 4.52 -5.76
N LEU A 34 -1.36 3.42 -6.11
CA LEU A 34 -1.07 2.26 -5.27
C LEU A 34 0.43 1.93 -5.29
N PHE A 35 0.84 1.14 -4.31
CA PHE A 35 2.21 0.65 -4.07
C PHE A 35 2.13 -0.51 -3.05
N HIS A 36 3.26 -0.98 -2.53
CA HIS A 36 3.30 -2.06 -1.54
C HIS A 36 4.11 -1.63 -0.29
N PRO A 37 3.47 -1.24 0.84
CA PRO A 37 4.24 -0.94 2.06
C PRO A 37 4.74 -2.27 2.65
N CYS A 38 3.78 -3.16 2.86
CA CYS A 38 3.80 -4.44 3.48
C CYS A 38 3.79 -5.58 2.47
N LYS A 39 4.03 -6.77 3.00
CA LYS A 39 4.17 -8.01 2.23
C LYS A 39 2.99 -8.95 2.39
N CYS A 40 1.78 -8.39 2.50
CA CYS A 40 0.53 -9.17 2.55
C CYS A 40 0.39 -10.26 1.44
N ARG A 41 1.25 -10.22 0.41
CA ARG A 41 1.39 -11.12 -0.74
C ARG A 41 0.18 -11.18 -1.68
N GLY A 42 0.43 -11.02 -2.98
CA GLY A 42 -0.60 -11.01 -4.03
C GLY A 42 -1.17 -9.60 -4.24
N SER A 43 -2.37 -9.51 -4.85
CA SER A 43 -3.06 -8.24 -5.12
C SER A 43 -3.47 -7.45 -3.87
N ILE A 44 -3.77 -8.13 -2.75
CA ILE A 44 -4.20 -7.50 -1.48
C ILE A 44 -3.07 -6.83 -0.67
N LYS A 45 -1.89 -6.67 -1.26
CA LYS A 45 -0.80 -5.86 -0.67
C LYS A 45 -0.80 -4.44 -1.25
N TYR A 46 -1.42 -4.22 -2.42
CA TYR A 46 -1.64 -2.90 -3.01
C TYR A 46 -2.57 -2.10 -2.09
N MET A 47 -2.25 -0.84 -1.85
CA MET A 47 -2.95 0.04 -0.89
C MET A 47 -2.82 1.47 -1.38
N HIS A 48 -3.89 2.26 -1.22
CA HIS A 48 -3.88 3.67 -1.58
C HIS A 48 -2.90 4.44 -0.71
N GLU A 49 -2.20 5.36 -1.34
CA GLU A 49 -1.24 6.27 -0.72
C GLU A 49 -1.91 7.37 0.15
N SER A 50 -3.18 7.13 0.54
CA SER A 50 -4.05 7.96 1.36
C SER A 50 -4.76 7.09 2.39
N CYS A 51 -5.30 5.95 1.97
CA CYS A 51 -5.89 4.93 2.82
C CYS A 51 -4.87 4.34 3.77
N LEU A 52 -3.61 4.14 3.35
CA LEU A 52 -2.59 3.70 4.29
C LEU A 52 -2.35 4.77 5.35
N LEU A 53 -2.21 6.02 4.90
CA LEU A 53 -1.98 7.18 5.75
C LEU A 53 -3.13 7.39 6.76
N GLU A 54 -4.35 7.03 6.37
CA GLU A 54 -5.59 7.02 7.16
C GLU A 54 -5.68 5.77 8.03
N TRP A 55 -5.22 4.61 7.54
CA TRP A 55 -5.22 3.35 8.28
C TRP A 55 -4.30 3.46 9.48
N VAL A 56 -3.04 3.90 9.31
CA VAL A 56 -2.12 4.17 10.45
C VAL A 56 -2.63 5.33 11.29
N ALA A 57 -3.36 6.29 10.69
CA ALA A 57 -4.00 7.36 11.46
C ALA A 57 -5.11 6.78 12.35
N SER A 58 -5.88 5.80 11.85
CA SER A 58 -6.92 5.15 12.68
C SER A 58 -6.37 4.30 13.84
N LYS A 59 -5.04 4.08 13.91
CA LYS A 59 -4.33 3.38 14.98
C LYS A 59 -3.90 4.30 16.13
N ASN A 60 -4.16 5.60 16.03
CA ASN A 60 -3.84 6.62 17.05
C ASN A 60 -2.34 6.96 17.20
N ILE A 61 -1.51 6.61 16.21
CA ILE A 61 -0.04 6.76 16.18
C ILE A 61 0.41 7.72 15.07
N ASP A 62 1.69 8.13 15.10
CA ASP A 62 2.32 9.02 14.13
C ASP A 62 3.61 8.40 13.59
N ILE A 63 3.56 7.95 12.34
CA ILE A 63 4.68 7.31 11.64
C ILE A 63 5.89 8.24 11.43
N SER A 64 5.69 9.56 11.54
CA SER A 64 6.75 10.56 11.38
C SER A 64 7.67 10.68 12.61
N LYS A 65 7.35 10.02 13.73
CA LYS A 65 8.18 10.05 14.96
C LYS A 65 9.44 9.18 14.81
N PRO A 66 10.60 9.59 15.39
CA PRO A 66 11.86 8.85 15.27
C PRO A 66 12.03 7.60 16.14
N GLY A 67 10.94 7.23 16.81
CA GLY A 67 10.77 6.05 17.65
C GLY A 67 9.58 5.19 17.21
N ALA A 68 8.96 5.51 16.05
CA ALA A 68 7.82 4.77 15.52
C ALA A 68 8.19 3.33 15.09
N ASP A 69 7.25 2.40 15.33
CA ASP A 69 7.35 0.98 14.97
C ASP A 69 6.01 0.46 14.40
N VAL A 70 5.31 1.36 13.71
CA VAL A 70 3.97 1.13 13.14
C VAL A 70 3.99 0.18 11.97
N LYS A 71 3.29 -0.95 12.13
CA LYS A 71 3.15 -1.93 11.06
C LYS A 71 1.82 -2.70 11.01
N CYS A 72 1.72 -3.52 9.96
CA CYS A 72 0.59 -4.37 9.59
C CYS A 72 0.18 -5.33 10.72
N ASP A 73 -1.04 -5.85 10.59
CA ASP A 73 -1.60 -6.90 11.44
C ASP A 73 -1.85 -8.18 10.66
N ILE A 74 -1.78 -8.09 9.32
CA ILE A 74 -2.02 -9.22 8.44
C ILE A 74 -0.72 -9.98 8.20
N CYS A 75 0.33 -9.28 7.75
CA CYS A 75 1.63 -9.90 7.48
C CYS A 75 2.69 -9.53 8.54
N HIS A 76 2.32 -8.60 9.44
CA HIS A 76 3.17 -8.07 10.52
C HIS A 76 4.53 -7.50 10.07
N TYR A 77 4.77 -7.26 8.77
CA TYR A 77 6.02 -6.62 8.31
C TYR A 77 5.92 -5.10 8.45
N PRO A 78 6.96 -4.42 8.96
CA PRO A 78 7.04 -2.97 8.97
C PRO A 78 6.66 -2.36 7.63
N ILE A 79 5.70 -1.45 7.74
CA ILE A 79 5.04 -0.79 6.63
C ILE A 79 5.94 0.31 6.07
N GLN A 80 6.42 0.07 4.85
CA GLN A 80 7.39 0.94 4.17
C GLN A 80 6.73 2.16 3.51
N PHE A 81 6.32 3.11 4.35
CA PHE A 81 5.67 4.37 3.96
C PHE A 81 6.38 5.10 2.81
N LYS A 82 5.60 5.74 1.92
CA LYS A 82 6.08 6.52 0.77
C LYS A 82 5.25 7.79 0.64
N THR A 83 5.92 8.95 0.64
CA THR A 83 5.32 10.29 0.50
C THR A 83 6.13 11.12 -0.50
ZN ZN B . -8.27 2.94 -0.80
ZN ZN C . 0.48 -6.36 5.32
N VAL A 1 1.79 -31.85 -27.90
CA VAL A 1 1.81 -31.22 -26.54
C VAL A 1 0.39 -31.01 -26.00
N ALA A 2 0.24 -30.95 -24.67
CA ALA A 2 -1.05 -30.78 -23.98
C ALA A 2 -0.99 -29.74 -22.81
N ASN A 3 -0.02 -28.83 -22.87
CA ASN A 3 0.22 -27.77 -21.87
C ASN A 3 0.63 -26.44 -22.52
N GLU A 4 0.39 -25.34 -21.81
CA GLU A 4 0.66 -23.96 -22.22
C GLU A 4 2.14 -23.71 -22.62
N GLU A 5 2.35 -22.80 -23.57
CA GLU A 5 3.66 -22.35 -24.08
C GLU A 5 4.28 -21.27 -23.17
N THR A 6 4.44 -21.61 -21.89
CA THR A 6 5.05 -20.80 -20.81
C THR A 6 4.50 -19.37 -20.66
N ASP A 7 5.22 -18.49 -19.96
CA ASP A 7 4.87 -17.08 -19.72
C ASP A 7 6.15 -16.24 -19.49
N THR A 8 6.20 -15.04 -20.06
CA THR A 8 7.33 -14.09 -19.95
C THR A 8 6.90 -12.66 -20.30
N ALA A 9 7.68 -11.66 -19.86
CA ALA A 9 7.44 -10.23 -20.09
C ALA A 9 8.74 -9.40 -20.02
N THR A 10 8.71 -8.20 -20.59
CA THR A 10 9.80 -7.20 -20.63
C THR A 10 9.70 -6.16 -19.50
N PHE A 11 9.05 -6.60 -18.42
CA PHE A 11 8.74 -5.86 -17.20
C PHE A 11 8.94 -6.73 -15.94
N ASN A 12 9.42 -6.11 -14.85
CA ASN A 12 9.69 -6.78 -13.57
C ASN A 12 9.58 -5.81 -12.36
N ASP A 13 8.38 -5.31 -12.08
CA ASP A 13 8.08 -4.42 -10.94
C ASP A 13 6.62 -4.61 -10.43
N ASP A 14 6.17 -5.88 -10.47
CA ASP A 14 4.87 -6.46 -10.08
C ASP A 14 3.60 -5.96 -10.80
N ALA A 15 3.37 -4.66 -10.70
CA ALA A 15 2.26 -3.85 -11.23
C ALA A 15 1.11 -4.62 -11.91
N PRO A 16 0.11 -5.10 -11.14
CA PRO A 16 -1.02 -5.84 -11.70
C PRO A 16 -1.79 -5.09 -12.78
N SER A 17 -2.32 -5.84 -13.75
CA SER A 17 -3.22 -5.34 -14.81
C SER A 17 -4.68 -5.19 -14.33
N GLY A 18 -4.85 -4.88 -13.05
CA GLY A 18 -6.12 -4.73 -12.33
C GLY A 18 -5.92 -4.54 -10.82
N ALA A 19 -4.88 -3.78 -10.43
CA ALA A 19 -4.58 -3.51 -9.04
C ALA A 19 -5.67 -2.65 -8.40
N THR A 20 -5.74 -2.71 -7.07
CA THR A 20 -6.67 -1.93 -6.25
C THR A 20 -6.17 -1.77 -4.80
N CYS A 21 -6.78 -0.84 -4.07
CA CYS A 21 -6.53 -0.57 -2.66
C CYS A 21 -7.25 -1.61 -1.79
N ARG A 22 -6.53 -2.26 -0.88
CA ARG A 22 -7.14 -3.22 0.07
C ARG A 22 -8.04 -2.57 1.12
N ILE A 23 -8.06 -1.24 1.20
CA ILE A 23 -8.87 -0.48 2.16
C ILE A 23 -10.22 -0.07 1.54
N CYS A 24 -10.26 0.30 0.24
CA CYS A 24 -11.52 0.76 -0.38
C CYS A 24 -11.87 0.15 -1.76
N ARG A 25 -11.08 -0.81 -2.26
CA ARG A 25 -11.24 -1.50 -3.56
C ARG A 25 -11.16 -0.56 -4.78
N GLY A 26 -10.59 0.64 -4.61
CA GLY A 26 -10.43 1.60 -5.70
C GLY A 26 -9.16 1.29 -6.50
N GLU A 27 -9.18 1.52 -7.82
CA GLU A 27 -8.02 1.31 -8.69
C GLU A 27 -6.97 2.43 -8.52
N ALA A 28 -5.76 2.18 -9.02
CA ALA A 28 -4.70 3.19 -9.02
C ALA A 28 -5.11 4.40 -9.88
N THR A 29 -4.70 5.60 -9.46
CA THR A 29 -4.95 6.84 -10.21
C THR A 29 -3.75 7.76 -10.30
N GLU A 30 -3.75 8.60 -11.32
CA GLU A 30 -2.76 9.63 -11.64
C GLU A 30 -2.68 10.81 -10.63
N ASP A 31 -3.37 10.66 -9.51
CA ASP A 31 -3.47 11.61 -8.40
C ASP A 31 -3.30 10.90 -7.05
N ASN A 32 -3.49 9.59 -7.02
CA ASN A 32 -3.34 8.76 -5.84
C ASN A 32 -3.05 7.28 -6.19
N PRO A 33 -1.84 7.00 -6.69
CA PRO A 33 -1.36 5.66 -7.03
C PRO A 33 -1.44 4.61 -5.93
N LEU A 34 -1.16 3.39 -6.37
CA LEU A 34 -1.04 2.21 -5.50
C LEU A 34 0.39 1.67 -5.49
N PHE A 35 0.76 1.09 -4.35
CA PHE A 35 2.02 0.42 -4.08
C PHE A 35 1.82 -0.55 -2.89
N HIS A 36 2.86 -1.29 -2.48
CA HIS A 36 2.80 -2.17 -1.32
C HIS A 36 3.86 -1.76 -0.27
N PRO A 37 3.44 -1.27 0.91
CA PRO A 37 4.35 -0.91 2.01
C PRO A 37 4.80 -2.14 2.81
N CYS A 38 4.16 -3.28 2.58
CA CYS A 38 4.24 -4.48 3.38
C CYS A 38 4.44 -5.75 2.53
N LYS A 39 3.99 -6.88 3.07
CA LYS A 39 4.18 -8.22 2.57
C LYS A 39 2.93 -9.11 2.60
N CYS A 40 1.78 -8.49 2.79
CA CYS A 40 0.44 -9.07 2.91
C CYS A 40 0.09 -10.13 1.81
N ARG A 41 0.78 -10.05 0.67
CA ARG A 41 0.70 -10.91 -0.53
C ARG A 41 -0.65 -10.86 -1.27
N GLY A 42 -0.66 -11.32 -2.53
CA GLY A 42 -1.86 -11.29 -3.39
C GLY A 42 -2.34 -9.86 -3.70
N SER A 43 -3.56 -9.73 -4.21
CA SER A 43 -4.15 -8.42 -4.55
C SER A 43 -4.28 -7.48 -3.35
N ILE A 44 -4.55 -8.01 -2.15
CA ILE A 44 -4.74 -7.23 -0.91
C ILE A 44 -3.45 -6.59 -0.35
N LYS A 45 -2.30 -6.75 -1.02
CA LYS A 45 -1.04 -6.10 -0.62
C LYS A 45 -0.94 -4.64 -1.13
N TYR A 46 -1.69 -4.28 -2.18
CA TYR A 46 -1.72 -2.93 -2.73
C TYR A 46 -2.63 -2.02 -1.88
N MET A 47 -2.30 -0.72 -1.86
CA MET A 47 -2.92 0.30 -1.00
C MET A 47 -2.70 1.68 -1.61
N HIS A 48 -3.70 2.58 -1.54
CA HIS A 48 -3.49 3.94 -2.02
C HIS A 48 -2.56 4.68 -1.06
N GLU A 49 -1.81 5.66 -1.56
CA GLU A 49 -0.93 6.50 -0.72
C GLU A 49 -1.76 7.17 0.40
N SER A 50 -2.88 7.80 0.05
CA SER A 50 -3.78 8.44 1.01
C SER A 50 -4.43 7.45 1.98
N CYS A 51 -4.91 6.29 1.50
CA CYS A 51 -5.53 5.27 2.34
C CYS A 51 -4.54 4.69 3.37
N LEU A 52 -3.32 4.32 2.97
CA LEU A 52 -2.28 3.88 3.91
C LEU A 52 -2.08 4.93 5.00
N LEU A 53 -1.98 6.21 4.60
CA LEU A 53 -1.79 7.33 5.51
C LEU A 53 -2.92 7.48 6.57
N GLU A 54 -4.14 7.01 6.28
CA GLU A 54 -5.24 6.99 7.27
C GLU A 54 -5.26 5.69 8.07
N TRP A 55 -4.85 4.59 7.45
CA TRP A 55 -4.83 3.26 8.04
C TRP A 55 -3.92 3.23 9.25
N VAL A 56 -2.66 3.58 9.04
CA VAL A 56 -1.64 3.73 10.10
C VAL A 56 -2.04 4.78 11.13
N ALA A 57 -2.90 5.73 10.72
CA ALA A 57 -3.43 6.74 11.63
C ALA A 57 -4.58 6.20 12.51
N SER A 58 -5.14 5.04 12.16
CA SER A 58 -6.19 4.34 12.92
C SER A 58 -5.60 3.29 13.87
N LYS A 59 -4.26 3.23 13.96
CA LYS A 59 -3.44 2.26 14.73
C LYS A 59 -2.78 2.85 15.97
N ASN A 60 -3.14 4.09 16.34
CA ASN A 60 -2.62 4.80 17.51
C ASN A 60 -1.09 5.07 17.41
N ILE A 61 -0.65 5.50 16.21
CA ILE A 61 0.75 5.83 15.88
C ILE A 61 0.82 7.10 15.02
N ASP A 62 1.93 7.83 15.09
CA ASP A 62 2.17 9.06 14.33
C ASP A 62 3.47 8.94 13.51
N ILE A 63 3.32 8.89 12.17
CA ILE A 63 4.40 8.77 11.20
C ILE A 63 5.41 9.93 11.24
N SER A 64 5.02 11.07 11.81
CA SER A 64 5.88 12.25 11.94
C SER A 64 6.89 12.13 13.11
N LYS A 65 6.70 11.17 14.03
CA LYS A 65 7.58 10.98 15.20
C LYS A 65 8.69 9.95 14.94
N PRO A 66 9.92 10.14 15.47
CA PRO A 66 11.04 9.22 15.29
C PRO A 66 11.05 7.98 16.20
N GLY A 67 9.99 7.84 16.98
CA GLY A 67 9.71 6.74 17.91
C GLY A 67 8.60 5.81 17.40
N ALA A 68 8.19 5.96 16.14
CA ALA A 68 7.14 5.15 15.51
C ALA A 68 7.52 3.65 15.38
N ASP A 69 6.51 2.79 15.29
CA ASP A 69 6.65 1.32 15.17
C ASP A 69 5.52 0.73 14.29
N VAL A 70 5.27 1.39 13.15
CA VAL A 70 4.20 1.05 12.20
C VAL A 70 4.43 -0.30 11.51
N LYS A 71 3.71 -1.34 11.95
CA LYS A 71 3.81 -2.71 11.45
C LYS A 71 2.45 -3.41 11.44
N CYS A 72 2.25 -4.21 10.38
CA CYS A 72 1.05 -4.96 10.01
C CYS A 72 0.63 -6.06 11.02
N ASP A 73 -0.48 -6.71 10.69
CA ASP A 73 -1.13 -7.82 11.41
C ASP A 73 -1.51 -8.99 10.48
N ILE A 74 -1.46 -8.78 9.16
CA ILE A 74 -1.83 -9.84 8.19
C ILE A 74 -0.66 -10.83 8.06
N CYS A 75 0.47 -10.29 7.62
CA CYS A 75 1.77 -10.91 7.42
C CYS A 75 2.77 -10.51 8.52
N HIS A 76 2.36 -9.54 9.36
CA HIS A 76 3.10 -8.89 10.45
C HIS A 76 4.34 -8.08 10.02
N TYR A 77 4.47 -7.71 8.74
CA TYR A 77 5.62 -6.93 8.25
C TYR A 77 5.58 -5.43 8.64
N PRO A 78 6.74 -4.80 8.89
CA PRO A 78 6.82 -3.36 9.06
C PRO A 78 6.38 -2.66 7.78
N ILE A 79 5.65 -1.56 7.96
CA ILE A 79 5.08 -0.74 6.90
C ILE A 79 6.14 0.27 6.45
N GLN A 80 6.51 0.16 5.19
CA GLN A 80 7.58 0.93 4.54
C GLN A 80 7.05 1.87 3.46
N PHE A 81 6.81 3.10 3.89
CA PHE A 81 6.31 4.21 3.08
C PHE A 81 7.23 4.54 1.89
N LYS A 82 6.66 5.19 0.87
CA LYS A 82 7.37 5.63 -0.36
C LYS A 82 8.47 6.67 -0.07
N THR A 83 9.43 6.79 -1.01
CA THR A 83 10.57 7.73 -0.98
C THR A 83 10.88 8.25 -2.38
ZN ZN B . -7.93 3.23 -1.06
ZN ZN C . 1.27 -6.61 5.92
N VAL A 1 27.75 -8.50 9.98
CA VAL A 1 26.50 -8.75 9.20
C VAL A 1 25.59 -9.72 9.94
N ALA A 2 24.44 -9.22 10.41
CA ALA A 2 23.40 -9.96 11.14
C ALA A 2 22.05 -9.21 11.05
N ASN A 3 20.95 -9.87 11.42
CA ASN A 3 19.53 -9.45 11.39
C ASN A 3 19.12 -7.97 11.71
N GLU A 4 20.02 -7.11 12.19
CA GLU A 4 19.79 -5.67 12.45
C GLU A 4 20.55 -4.75 11.47
N GLU A 5 21.54 -5.28 10.77
CA GLU A 5 22.42 -4.62 9.80
C GLU A 5 22.02 -4.86 8.34
N THR A 6 20.90 -5.55 8.07
CA THR A 6 20.36 -5.87 6.74
C THR A 6 19.57 -4.68 6.16
N ASP A 7 20.25 -3.55 5.99
CA ASP A 7 19.69 -2.25 5.57
C ASP A 7 20.19 -1.78 4.18
N THR A 8 20.68 -2.71 3.37
CA THR A 8 21.18 -2.52 1.99
C THR A 8 20.02 -2.43 0.96
N ALA A 9 19.03 -1.58 1.26
CA ALA A 9 17.79 -1.41 0.52
C ALA A 9 17.91 -1.11 -1.00
N THR A 10 16.86 -1.56 -1.70
CA THR A 10 16.60 -1.40 -3.15
C THR A 10 15.10 -1.23 -3.42
N PHE A 11 14.72 -0.73 -4.61
CA PHE A 11 13.34 -0.46 -5.02
C PHE A 11 13.11 -0.77 -6.51
N ASN A 12 11.85 -1.07 -6.89
CA ASN A 12 11.45 -1.40 -8.27
C ASN A 12 9.98 -0.99 -8.60
N ASP A 13 9.69 -0.72 -9.87
CA ASP A 13 8.37 -0.32 -10.41
C ASP A 13 7.35 -1.49 -10.48
N ASP A 14 7.23 -2.24 -9.40
CA ASP A 14 6.32 -3.40 -9.22
C ASP A 14 4.88 -2.96 -8.85
N ALA A 15 4.40 -2.00 -9.61
CA ALA A 15 3.12 -1.30 -9.45
C ALA A 15 2.26 -1.23 -10.73
N PRO A 16 1.34 -2.20 -10.95
CA PRO A 16 0.41 -2.17 -12.08
C PRO A 16 -0.54 -0.98 -12.01
N SER A 17 -0.95 -0.41 -13.14
CA SER A 17 -2.01 0.60 -13.16
C SER A 17 -3.42 -0.01 -13.03
N GLY A 18 -3.52 -1.35 -13.08
CA GLY A 18 -4.76 -2.14 -12.92
C GLY A 18 -4.89 -2.79 -11.54
N ALA A 19 -3.89 -2.62 -10.67
CA ALA A 19 -3.92 -3.09 -9.28
C ALA A 19 -4.93 -2.21 -8.50
N THR A 20 -5.44 -2.71 -7.38
CA THR A 20 -6.47 -2.01 -6.54
C THR A 20 -6.03 -1.75 -5.11
N CYS A 21 -6.70 -0.86 -4.37
CA CYS A 21 -6.46 -0.60 -2.95
C CYS A 21 -7.16 -1.68 -2.14
N ARG A 22 -6.50 -2.28 -1.14
CA ARG A 22 -7.14 -3.31 -0.30
C ARG A 22 -8.29 -2.76 0.54
N ILE A 23 -8.31 -1.44 0.77
CA ILE A 23 -9.33 -0.74 1.56
C ILE A 23 -10.50 -0.33 0.66
N CYS A 24 -10.23 0.32 -0.48
CA CYS A 24 -11.31 0.79 -1.33
C CYS A 24 -11.81 -0.22 -2.36
N ARG A 25 -10.95 -1.19 -2.73
CA ARG A 25 -11.13 -2.10 -3.88
C ARG A 25 -11.25 -1.27 -5.17
N GLY A 26 -10.46 -0.18 -5.20
CA GLY A 26 -10.44 0.81 -6.29
C GLY A 26 -9.08 0.91 -6.98
N GLU A 27 -9.09 0.93 -8.31
CA GLU A 27 -7.89 0.96 -9.14
C GLU A 27 -7.14 2.30 -9.11
N ALA A 28 -5.81 2.20 -9.13
CA ALA A 28 -4.87 3.33 -9.12
C ALA A 28 -5.31 4.54 -9.96
N THR A 29 -4.92 5.73 -9.51
CA THR A 29 -5.18 7.01 -10.20
C THR A 29 -3.90 7.81 -10.40
N GLU A 30 -4.02 8.98 -11.01
CA GLU A 30 -2.88 9.88 -11.23
C GLU A 30 -2.37 10.55 -9.94
N ASP A 31 -3.28 10.80 -9.00
CA ASP A 31 -3.05 11.44 -7.71
C ASP A 31 -2.86 10.38 -6.60
N ASN A 32 -3.54 9.25 -6.77
CA ASN A 32 -3.46 8.06 -5.93
C ASN A 32 -3.07 6.76 -6.63
N PRO A 33 -1.85 6.69 -7.13
CA PRO A 33 -1.21 5.43 -7.49
C PRO A 33 -1.26 4.43 -6.34
N LEU A 34 -0.94 3.20 -6.72
CA LEU A 34 -0.83 2.07 -5.79
C LEU A 34 0.58 1.50 -5.76
N PHE A 35 0.90 1.04 -4.56
CA PHE A 35 2.13 0.40 -4.12
C PHE A 35 1.71 -0.57 -3.01
N HIS A 36 2.58 -1.52 -2.65
CA HIS A 36 2.32 -2.46 -1.56
C HIS A 36 3.36 -2.16 -0.46
N PRO A 37 2.97 -1.49 0.64
CA PRO A 37 3.91 -1.12 1.71
C PRO A 37 4.44 -2.32 2.48
N CYS A 38 3.65 -3.38 2.45
CA CYS A 38 3.75 -4.56 3.24
C CYS A 38 3.42 -5.75 2.34
N LYS A 39 4.04 -6.86 2.69
CA LYS A 39 3.85 -8.10 1.93
C LYS A 39 2.38 -8.44 1.73
N CYS A 40 1.60 -8.34 2.82
CA CYS A 40 0.19 -8.69 3.08
C CYS A 40 -0.48 -9.92 2.38
N ARG A 41 0.15 -10.49 1.34
CA ARG A 41 -0.26 -11.61 0.46
C ARG A 41 -1.39 -11.25 -0.53
N GLY A 42 -1.38 -11.91 -1.68
CA GLY A 42 -2.40 -11.75 -2.74
C GLY A 42 -2.48 -10.35 -3.36
N SER A 43 -3.70 -9.91 -3.67
CA SER A 43 -4.02 -8.58 -4.21
C SER A 43 -4.44 -7.57 -3.13
N ILE A 44 -4.61 -8.01 -1.89
CA ILE A 44 -5.01 -7.20 -0.71
C ILE A 44 -3.80 -6.59 -0.01
N LYS A 45 -2.71 -6.42 -0.76
CA LYS A 45 -1.44 -5.86 -0.31
C LYS A 45 -1.22 -4.43 -0.83
N TYR A 46 -1.81 -4.06 -1.97
CA TYR A 46 -1.75 -2.72 -2.57
C TYR A 46 -2.68 -1.73 -1.85
N MET A 47 -2.34 -0.44 -1.87
CA MET A 47 -3.06 0.60 -1.11
C MET A 47 -2.83 2.01 -1.68
N HIS A 48 -3.86 2.88 -1.63
CA HIS A 48 -3.70 4.30 -2.02
C HIS A 48 -2.84 5.00 -0.95
N GLU A 49 -2.11 6.06 -1.31
CA GLU A 49 -1.31 6.80 -0.31
C GLU A 49 -2.19 7.29 0.85
N SER A 50 -3.32 7.92 0.54
CA SER A 50 -4.28 8.42 1.53
C SER A 50 -4.76 7.30 2.47
N CYS A 51 -5.16 6.17 1.90
CA CYS A 51 -5.64 5.01 2.63
C CYS A 51 -4.59 4.45 3.60
N LEU A 52 -3.33 4.32 3.17
CA LEU A 52 -2.26 3.86 4.06
C LEU A 52 -2.00 4.86 5.19
N LEU A 53 -1.86 6.13 4.83
CA LEU A 53 -1.55 7.25 5.71
C LEU A 53 -2.54 7.39 6.88
N GLU A 54 -3.78 6.98 6.65
CA GLU A 54 -4.87 6.93 7.62
C GLU A 54 -4.97 5.56 8.31
N TRP A 55 -4.76 4.47 7.57
CA TRP A 55 -4.80 3.10 8.11
C TRP A 55 -3.80 2.93 9.24
N VAL A 56 -2.56 3.40 9.09
CA VAL A 56 -1.55 3.37 10.18
C VAL A 56 -1.89 4.35 11.31
N ALA A 57 -2.62 5.43 11.00
CA ALA A 57 -3.03 6.41 12.00
C ALA A 57 -4.11 5.83 12.93
N SER A 58 -4.89 4.84 12.48
CA SER A 58 -5.90 4.20 13.35
C SER A 58 -5.31 3.07 14.21
N LYS A 59 -3.97 2.97 14.27
CA LYS A 59 -3.22 1.90 14.95
C LYS A 59 -2.40 2.41 16.13
N ASN A 60 -2.59 3.68 16.50
CA ASN A 60 -1.95 4.39 17.61
C ASN A 60 -0.52 4.88 17.26
N ILE A 61 -0.32 5.31 16.02
CA ILE A 61 0.99 5.64 15.44
C ILE A 61 1.02 6.96 14.67
N ASP A 62 2.15 7.66 14.74
CA ASP A 62 2.43 8.91 14.04
C ASP A 62 3.88 8.91 13.51
N ILE A 63 4.03 8.67 12.21
CA ILE A 63 5.32 8.61 11.50
C ILE A 63 6.12 9.92 11.54
N SER A 64 5.52 11.03 11.98
CA SER A 64 6.21 12.31 12.11
C SER A 64 7.13 12.36 13.34
N LYS A 65 6.95 11.42 14.29
CA LYS A 65 7.74 11.31 15.53
C LYS A 65 8.72 10.13 15.48
N PRO A 66 9.95 10.25 16.04
CA PRO A 66 10.96 9.17 16.08
C PRO A 66 10.72 8.11 17.16
N GLY A 67 9.44 7.89 17.50
CA GLY A 67 8.94 6.90 18.47
C GLY A 67 7.87 5.99 17.84
N ALA A 68 7.84 5.92 16.51
CA ALA A 68 6.88 5.13 15.75
C ALA A 68 7.08 3.60 15.89
N ASP A 69 6.04 2.85 15.51
CA ASP A 69 5.97 1.37 15.51
C ASP A 69 5.15 0.91 14.27
N VAL A 70 5.41 1.58 13.15
CA VAL A 70 4.71 1.46 11.86
C VAL A 70 4.90 0.12 11.10
N LYS A 71 4.40 -0.97 11.70
CA LYS A 71 4.42 -2.35 11.21
C LYS A 71 3.04 -3.01 11.35
N CYS A 72 2.71 -3.85 10.38
CA CYS A 72 1.42 -4.53 10.20
C CYS A 72 1.09 -5.61 11.26
N ASP A 73 -0.13 -6.13 11.17
CA ASP A 73 -0.73 -7.18 12.01
C ASP A 73 -1.35 -8.34 11.17
N ILE A 74 -1.46 -8.15 9.86
CA ILE A 74 -2.05 -9.15 8.96
C ILE A 74 -1.02 -10.25 8.67
N CYS A 75 0.13 -9.80 8.17
CA CYS A 75 1.29 -10.54 7.72
C CYS A 75 2.54 -10.25 8.59
N HIS A 76 2.42 -9.26 9.51
CA HIS A 76 3.43 -8.78 10.46
C HIS A 76 4.65 -8.08 9.82
N TYR A 77 4.54 -7.58 8.58
CA TYR A 77 5.63 -6.87 7.90
C TYR A 77 5.70 -5.36 8.25
N PRO A 78 6.89 -4.75 8.33
CA PRO A 78 7.02 -3.31 8.47
C PRO A 78 6.48 -2.62 7.21
N ILE A 79 5.70 -1.56 7.44
CA ILE A 79 5.06 -0.75 6.40
C ILE A 79 6.09 0.18 5.75
N GLN A 80 5.99 0.37 4.43
CA GLN A 80 6.91 1.16 3.61
C GLN A 80 6.16 2.10 2.66
N PHE A 81 6.40 3.41 2.79
CA PHE A 81 5.75 4.44 1.99
C PHE A 81 6.33 4.61 0.57
N LYS A 82 7.05 3.59 0.08
CA LYS A 82 7.71 3.51 -1.23
C LYS A 82 8.00 2.03 -1.58
N THR A 83 8.04 1.70 -2.88
CA THR A 83 8.33 0.37 -3.44
C THR A 83 9.33 0.39 -4.59
ZN ZN B . -8.08 3.32 -1.02
ZN ZN C . 1.09 -6.27 6.19
N VAL A 1 18.64 21.43 -26.64
CA VAL A 1 17.71 20.26 -26.55
C VAL A 1 17.74 19.48 -27.86
N ALA A 2 17.84 18.15 -27.78
CA ALA A 2 17.90 17.24 -28.94
C ALA A 2 17.24 15.87 -28.67
N ASN A 3 17.01 15.11 -29.73
CA ASN A 3 16.41 13.76 -29.69
C ASN A 3 17.43 12.64 -29.35
N GLU A 4 18.69 12.99 -29.07
CA GLU A 4 19.80 12.09 -28.71
C GLU A 4 20.76 12.76 -27.70
N GLU A 5 21.52 11.93 -26.96
CA GLU A 5 22.54 12.31 -25.97
C GLU A 5 22.08 13.26 -24.83
N THR A 6 20.76 13.45 -24.64
CA THR A 6 20.16 14.30 -23.60
C THR A 6 18.72 13.88 -23.27
N ASP A 7 18.12 14.53 -22.25
CA ASP A 7 16.76 14.29 -21.77
C ASP A 7 16.13 15.56 -21.16
N THR A 8 14.81 15.72 -21.29
CA THR A 8 14.02 16.87 -20.79
C THR A 8 12.65 16.47 -20.21
N ALA A 9 12.55 15.29 -19.59
CA ALA A 9 11.31 14.76 -19.00
C ALA A 9 11.47 14.26 -17.55
N THR A 10 10.47 14.56 -16.71
CA THR A 10 10.41 14.16 -15.29
C THR A 10 10.07 12.67 -15.11
N PHE A 11 10.49 12.12 -13.97
CA PHE A 11 10.34 10.72 -13.55
C PHE A 11 8.92 10.13 -13.69
N ASN A 12 8.85 8.79 -13.73
CA ASN A 12 7.62 8.00 -13.87
C ASN A 12 7.62 6.74 -12.97
N ASP A 13 6.50 6.04 -12.88
CA ASP A 13 6.29 4.82 -12.08
C ASP A 13 5.42 3.78 -12.84
N ASP A 14 5.26 2.57 -12.30
CA ASP A 14 4.48 1.48 -12.91
C ASP A 14 3.85 0.52 -11.88
N ALA A 15 2.62 0.07 -12.19
CA ALA A 15 1.80 -0.82 -11.38
C ALA A 15 1.04 -1.84 -12.26
N PRO A 16 0.58 -2.96 -11.66
CA PRO A 16 -0.23 -3.98 -12.34
C PRO A 16 -1.44 -3.43 -13.11
N SER A 17 -1.94 -4.25 -14.02
CA SER A 17 -3.15 -3.97 -14.83
C SER A 17 -4.48 -4.15 -14.07
N GLY A 18 -4.43 -4.67 -12.84
CA GLY A 18 -5.58 -4.91 -11.97
C GLY A 18 -5.30 -4.71 -10.48
N ALA A 19 -4.28 -3.91 -10.13
CA ALA A 19 -3.96 -3.61 -8.73
C ALA A 19 -5.02 -2.66 -8.14
N THR A 20 -5.47 -2.95 -6.92
CA THR A 20 -6.49 -2.20 -6.19
C THR A 20 -6.22 -2.12 -4.69
N CYS A 21 -6.65 -1.01 -4.07
CA CYS A 21 -6.53 -0.74 -2.63
C CYS A 21 -7.20 -1.82 -1.79
N ARG A 22 -6.51 -2.38 -0.79
CA ARG A 22 -7.10 -3.38 0.13
C ARG A 22 -8.09 -2.77 1.13
N ILE A 23 -8.20 -1.45 1.19
CA ILE A 23 -9.11 -0.73 2.09
C ILE A 23 -10.40 -0.38 1.33
N CYS A 24 -10.34 0.11 0.08
CA CYS A 24 -11.57 0.49 -0.64
C CYS A 24 -11.77 -0.10 -2.05
N ARG A 25 -10.92 -1.07 -2.42
CA ARG A 25 -10.90 -1.81 -3.69
C ARG A 25 -10.85 -0.93 -4.95
N GLY A 26 -10.42 0.32 -4.81
CA GLY A 26 -10.27 1.24 -5.93
C GLY A 26 -8.96 1.00 -6.67
N GLU A 27 -8.91 1.23 -7.97
CA GLU A 27 -7.69 1.05 -8.77
C GLU A 27 -6.73 2.24 -8.60
N ALA A 28 -5.47 2.04 -9.00
CA ALA A 28 -4.48 3.13 -8.98
C ALA A 28 -4.94 4.24 -9.94
N THR A 29 -4.94 5.47 -9.44
CA THR A 29 -5.39 6.64 -10.23
C THR A 29 -4.20 7.41 -10.82
N GLU A 30 -4.35 8.74 -10.93
CA GLU A 30 -3.39 9.70 -11.48
C GLU A 30 -3.20 10.90 -10.51
N ASP A 31 -3.70 10.70 -9.30
CA ASP A 31 -3.72 11.62 -8.16
C ASP A 31 -3.56 10.88 -6.83
N ASN A 32 -3.81 9.56 -6.81
CA ASN A 32 -3.67 8.70 -5.66
C ASN A 32 -3.40 7.23 -6.06
N PRO A 33 -2.20 6.98 -6.62
CA PRO A 33 -1.72 5.65 -7.02
C PRO A 33 -1.69 4.58 -5.92
N LEU A 34 -1.26 3.40 -6.35
CA LEU A 34 -1.01 2.23 -5.50
C LEU A 34 0.45 1.81 -5.52
N PHE A 35 0.84 1.17 -4.42
CA PHE A 35 2.13 0.62 -4.06
C PHE A 35 1.87 -0.41 -2.94
N HIS A 36 2.91 -1.05 -2.40
CA HIS A 36 2.77 -1.95 -1.26
C HIS A 36 3.77 -1.55 -0.16
N PRO A 37 3.30 -1.15 1.04
CA PRO A 37 4.15 -0.79 2.17
C PRO A 37 4.62 -2.00 2.97
N CYS A 38 4.07 -3.18 2.69
CA CYS A 38 4.17 -4.37 3.50
C CYS A 38 4.33 -5.64 2.63
N LYS A 39 4.10 -6.84 3.17
CA LYS A 39 4.24 -8.14 2.51
C LYS A 39 3.00 -9.02 2.67
N CYS A 40 1.85 -8.40 2.90
CA CYS A 40 0.51 -9.01 3.00
C CYS A 40 0.18 -9.99 1.84
N ARG A 41 0.90 -9.83 0.70
CA ARG A 41 0.87 -10.63 -0.54
C ARG A 41 -0.46 -10.64 -1.31
N GLY A 42 -0.38 -10.85 -2.63
CA GLY A 42 -1.53 -10.93 -3.53
C GLY A 42 -2.33 -9.62 -3.69
N SER A 43 -3.54 -9.72 -4.24
CA SER A 43 -4.47 -8.62 -4.53
C SER A 43 -4.93 -7.75 -3.34
N ILE A 44 -4.36 -7.94 -2.14
CA ILE A 44 -4.63 -7.17 -0.91
C ILE A 44 -3.35 -6.55 -0.32
N LYS A 45 -2.20 -6.63 -1.02
CA LYS A 45 -0.95 -5.95 -0.61
C LYS A 45 -0.93 -4.47 -1.04
N TYR A 46 -1.71 -4.14 -2.06
CA TYR A 46 -1.82 -2.79 -2.63
C TYR A 46 -2.71 -1.91 -1.76
N MET A 47 -2.38 -0.62 -1.70
CA MET A 47 -3.06 0.37 -0.85
C MET A 47 -2.87 1.76 -1.43
N HIS A 48 -3.90 2.60 -1.41
CA HIS A 48 -3.76 4.00 -1.86
C HIS A 48 -2.90 4.77 -0.84
N GLU A 49 -2.28 5.88 -1.25
CA GLU A 49 -1.54 6.71 -0.29
C GLU A 49 -2.50 7.24 0.78
N SER A 50 -3.62 7.82 0.36
CA SER A 50 -4.66 8.37 1.25
C SER A 50 -5.24 7.32 2.20
N CYS A 51 -5.41 6.09 1.74
CA CYS A 51 -5.93 5.00 2.55
C CYS A 51 -4.87 4.46 3.53
N LEU A 52 -3.61 4.22 3.13
CA LEU A 52 -2.57 3.82 4.08
C LEU A 52 -2.41 4.90 5.16
N LEU A 53 -2.44 6.17 4.75
CA LEU A 53 -2.30 7.34 5.60
C LEU A 53 -3.36 7.44 6.69
N GLU A 54 -4.58 6.99 6.38
CA GLU A 54 -5.69 6.95 7.33
C GLU A 54 -5.68 5.69 8.21
N TRP A 55 -5.10 4.60 7.70
CA TRP A 55 -4.97 3.32 8.38
C TRP A 55 -3.95 3.40 9.51
N VAL A 56 -2.72 3.78 9.20
CA VAL A 56 -1.66 4.04 10.20
C VAL A 56 -2.13 5.09 11.23
N ALA A 57 -3.11 5.93 10.85
CA ALA A 57 -3.72 6.90 11.75
C ALA A 57 -4.78 6.25 12.67
N SER A 58 -5.59 5.31 12.17
CA SER A 58 -6.55 4.57 13.01
C SER A 58 -5.85 3.56 13.94
N LYS A 59 -4.63 3.14 13.56
CA LYS A 59 -3.69 2.29 14.29
C LYS A 59 -2.93 3.06 15.38
N ASN A 60 -3.16 4.38 15.51
CA ASN A 60 -2.56 5.24 16.53
C ASN A 60 -1.02 5.31 16.47
N ILE A 61 -0.45 5.51 15.27
CA ILE A 61 1.00 5.54 15.06
C ILE A 61 1.44 6.77 14.24
N ASP A 62 2.28 7.63 14.84
CA ASP A 62 2.80 8.84 14.20
C ASP A 62 3.94 8.53 13.23
N ILE A 63 3.61 8.42 11.95
CA ILE A 63 4.53 8.11 10.85
C ILE A 63 5.61 9.18 10.64
N SER A 64 5.43 10.38 11.19
CA SER A 64 6.39 11.49 11.07
C SER A 64 7.62 11.31 11.97
N LYS A 65 7.60 10.39 12.94
CA LYS A 65 8.74 10.14 13.85
C LYS A 65 9.80 9.23 13.21
N PRO A 66 11.11 9.51 13.39
CA PRO A 66 12.21 8.72 12.82
C PRO A 66 12.59 7.45 13.59
N GLY A 67 11.82 7.16 14.62
CA GLY A 67 11.89 6.00 15.50
C GLY A 67 10.52 5.30 15.63
N ALA A 68 9.60 5.58 14.70
CA ALA A 68 8.25 5.01 14.69
C ALA A 68 8.24 3.47 14.60
N ASP A 69 7.14 2.85 15.01
CA ASP A 69 6.92 1.38 15.04
C ASP A 69 5.72 0.96 14.17
N VAL A 70 5.55 1.64 13.03
CA VAL A 70 4.47 1.42 12.05
C VAL A 70 4.58 0.02 11.42
N LYS A 71 3.77 -0.95 11.87
CA LYS A 71 3.81 -2.34 11.43
C LYS A 71 2.43 -3.01 11.45
N CYS A 72 2.23 -3.88 10.45
CA CYS A 72 1.01 -4.62 10.12
C CYS A 72 0.60 -5.68 11.16
N ASP A 73 -0.55 -6.32 10.89
CA ASP A 73 -1.18 -7.40 11.67
C ASP A 73 -1.59 -8.61 10.79
N ILE A 74 -1.54 -8.48 9.46
CA ILE A 74 -1.90 -9.57 8.51
C ILE A 74 -0.72 -10.55 8.42
N CYS A 75 0.41 -10.01 7.96
CA CYS A 75 1.71 -10.67 7.77
C CYS A 75 2.72 -10.21 8.84
N HIS A 76 2.34 -9.18 9.62
CA HIS A 76 3.11 -8.52 10.68
C HIS A 76 4.38 -7.80 10.18
N TYR A 77 4.46 -7.41 8.90
CA TYR A 77 5.61 -6.66 8.38
C TYR A 77 5.56 -5.16 8.71
N PRO A 78 6.72 -4.51 8.96
CA PRO A 78 6.80 -3.07 9.11
C PRO A 78 6.37 -2.36 7.83
N ILE A 79 5.56 -1.33 8.00
CA ILE A 79 4.98 -0.48 6.96
C ILE A 79 6.04 0.52 6.49
N GLN A 80 6.45 0.35 5.23
CA GLN A 80 7.55 1.06 4.57
C GLN A 80 7.07 1.71 3.27
N PHE A 81 6.77 3.00 3.35
CA PHE A 81 6.23 3.92 2.33
C PHE A 81 7.06 4.13 1.03
N LYS A 82 7.83 3.13 0.60
CA LYS A 82 8.73 3.10 -0.58
C LYS A 82 9.57 4.37 -0.77
N THR A 83 10.15 4.82 0.34
CA THR A 83 11.04 6.00 0.46
C THR A 83 12.37 5.85 -0.29
ZN ZN B . -8.25 3.07 -1.06
ZN ZN C . 1.22 -6.46 6.10
N VAL A 1 12.64 8.79 -34.20
CA VAL A 1 11.89 9.25 -32.99
C VAL A 1 12.36 8.52 -31.73
N ALA A 2 11.93 8.96 -30.54
CA ALA A 2 12.23 8.38 -29.22
C ALA A 2 11.44 7.07 -28.94
N ASN A 3 11.29 6.22 -29.97
CA ASN A 3 10.59 4.95 -29.95
C ASN A 3 11.18 3.95 -30.99
N GLU A 4 12.28 4.28 -31.68
CA GLU A 4 12.95 3.41 -32.67
C GLU A 4 14.50 3.59 -32.69
N GLU A 5 15.01 4.55 -31.92
CA GLU A 5 16.43 4.92 -31.75
C GLU A 5 16.80 4.98 -30.24
N THR A 6 15.99 4.28 -29.43
CA THR A 6 16.04 4.21 -27.96
C THR A 6 15.38 2.91 -27.46
N ASP A 7 15.70 2.51 -26.23
CA ASP A 7 15.09 1.35 -25.56
C ASP A 7 14.81 1.66 -24.08
N THR A 8 13.56 1.46 -23.68
CA THR A 8 13.03 1.74 -22.33
C THR A 8 11.78 0.90 -22.00
N ALA A 9 11.59 -0.24 -22.67
CA ALA A 9 10.43 -1.13 -22.52
C ALA A 9 10.15 -1.53 -21.06
N THR A 10 8.85 -1.64 -20.76
CA THR A 10 8.27 -2.00 -19.44
C THR A 10 8.44 -3.48 -19.06
N PHE A 11 9.00 -4.26 -19.97
CA PHE A 11 9.31 -5.69 -19.87
C PHE A 11 10.56 -5.97 -18.98
N ASN A 12 10.60 -5.29 -17.84
CA ASN A 12 11.67 -5.35 -16.84
C ASN A 12 11.15 -5.48 -15.39
N ASP A 13 9.84 -5.32 -15.15
CA ASP A 13 9.16 -5.47 -13.86
C ASP A 13 7.71 -5.97 -14.12
N ASP A 14 7.01 -6.44 -13.08
CA ASP A 14 5.64 -6.96 -13.17
C ASP A 14 4.77 -6.51 -11.99
N ALA A 15 3.47 -6.27 -12.25
CA ALA A 15 2.43 -5.83 -11.33
C ALA A 15 1.07 -6.24 -11.97
N PRO A 16 -0.04 -6.30 -11.24
CA PRO A 16 -1.36 -6.70 -11.73
C PRO A 16 -1.86 -6.21 -13.08
N SER A 17 -1.50 -4.97 -13.37
CA SER A 17 -2.01 -4.14 -14.48
C SER A 17 -3.55 -4.01 -14.42
N GLY A 18 -4.02 -3.92 -13.17
CA GLY A 18 -5.41 -3.85 -12.73
C GLY A 18 -5.53 -4.08 -11.21
N ALA A 19 -4.60 -3.50 -10.44
CA ALA A 19 -4.56 -3.60 -8.98
C ALA A 19 -5.67 -2.74 -8.33
N THR A 20 -5.91 -2.94 -7.04
CA THR A 20 -6.88 -2.18 -6.23
C THR A 20 -6.49 -2.05 -4.75
N CYS A 21 -6.97 -1.00 -4.10
CA CYS A 21 -6.78 -0.73 -2.67
C CYS A 21 -7.44 -1.83 -1.84
N ARG A 22 -6.75 -2.38 -0.83
CA ARG A 22 -7.38 -3.31 0.12
C ARG A 22 -8.38 -2.62 1.07
N ILE A 23 -8.36 -1.28 1.13
CA ILE A 23 -9.18 -0.49 2.07
C ILE A 23 -10.50 -0.05 1.41
N CYS A 24 -10.49 0.38 0.13
CA CYS A 24 -11.75 0.80 -0.51
C CYS A 24 -12.00 0.23 -1.92
N ARG A 25 -11.21 -0.78 -2.31
CA ARG A 25 -11.28 -1.53 -3.59
C ARG A 25 -11.21 -0.65 -4.84
N GLY A 26 -10.73 0.59 -4.70
CA GLY A 26 -10.59 1.50 -5.84
C GLY A 26 -9.34 1.11 -6.62
N GLU A 27 -9.28 1.43 -7.91
CA GLU A 27 -8.09 1.15 -8.74
C GLU A 27 -7.06 2.27 -8.57
N ALA A 28 -5.83 2.01 -9.00
CA ALA A 28 -4.78 3.03 -8.99
C ALA A 28 -5.21 4.21 -9.88
N THR A 29 -5.20 5.42 -9.33
CA THR A 29 -5.64 6.61 -10.09
C THR A 29 -4.45 7.30 -10.79
N GLU A 30 -4.39 8.63 -10.76
CA GLU A 30 -3.31 9.48 -11.30
C GLU A 30 -2.84 10.53 -10.26
N ASP A 31 -3.39 10.42 -9.05
CA ASP A 31 -3.18 11.23 -7.84
C ASP A 31 -3.18 10.33 -6.58
N ASN A 32 -3.57 9.05 -6.72
CA ASN A 32 -3.57 8.03 -5.71
C ASN A 32 -3.13 6.65 -6.20
N PRO A 33 -1.89 6.53 -6.68
CA PRO A 33 -1.32 5.26 -7.09
C PRO A 33 -1.38 4.18 -6.02
N LEU A 34 -1.27 2.97 -6.54
CA LEU A 34 -1.16 1.75 -5.71
C LEU A 34 0.26 1.19 -5.76
N PHE A 35 0.66 0.69 -4.60
CA PHE A 35 1.94 0.09 -4.25
C PHE A 35 1.68 -0.84 -3.05
N HIS A 36 2.68 -1.56 -2.56
CA HIS A 36 2.56 -2.41 -1.39
C HIS A 36 3.63 -2.01 -0.34
N PRO A 37 3.21 -1.56 0.85
CA PRO A 37 4.10 -1.16 1.95
C PRO A 37 4.58 -2.36 2.78
N CYS A 38 4.04 -3.55 2.49
CA CYS A 38 4.17 -4.76 3.25
C CYS A 38 4.03 -6.03 2.40
N LYS A 39 4.56 -7.15 2.91
CA LYS A 39 4.58 -8.48 2.27
C LYS A 39 3.23 -9.21 2.35
N CYS A 40 2.11 -8.48 2.36
CA CYS A 40 0.76 -9.05 2.38
C CYS A 40 0.44 -10.06 1.24
N ARG A 41 1.28 -10.10 0.18
CA ARG A 41 1.29 -10.98 -1.00
C ARG A 41 -0.08 -11.54 -1.42
N GLY A 42 -0.71 -10.83 -2.35
CA GLY A 42 -2.00 -11.17 -2.97
C GLY A 42 -2.77 -9.93 -3.41
N SER A 43 -4.01 -10.11 -3.89
CA SER A 43 -4.91 -9.02 -4.35
C SER A 43 -5.33 -8.01 -3.25
N ILE A 44 -4.75 -8.09 -2.06
CA ILE A 44 -4.95 -7.22 -0.89
C ILE A 44 -3.64 -6.60 -0.39
N LYS A 45 -2.51 -6.79 -1.09
CA LYS A 45 -1.23 -6.16 -0.73
C LYS A 45 -1.17 -4.69 -1.17
N TYR A 46 -1.98 -4.33 -2.17
CA TYR A 46 -2.06 -3.00 -2.75
C TYR A 46 -2.91 -2.04 -1.90
N MET A 47 -2.51 -0.77 -1.89
CA MET A 47 -3.12 0.27 -1.05
C MET A 47 -2.92 1.64 -1.67
N HIS A 48 -3.95 2.47 -1.60
CA HIS A 48 -3.87 3.87 -2.02
C HIS A 48 -2.92 4.60 -1.09
N GLU A 49 -2.22 5.60 -1.60
CA GLU A 49 -1.32 6.43 -0.80
C GLU A 49 -2.10 7.18 0.29
N SER A 50 -3.34 7.60 0.00
CA SER A 50 -4.17 8.33 0.97
C SER A 50 -4.83 7.40 1.98
N CYS A 51 -5.10 6.16 1.60
CA CYS A 51 -5.70 5.16 2.45
C CYS A 51 -4.66 4.52 3.39
N LEU A 52 -3.43 4.23 2.92
CA LEU A 52 -2.38 3.76 3.84
C LEU A 52 -2.15 4.82 4.93
N LEU A 53 -2.09 6.09 4.51
CA LEU A 53 -1.88 7.24 5.39
C LEU A 53 -2.93 7.34 6.52
N GLU A 54 -4.17 6.94 6.25
CA GLU A 54 -5.26 6.95 7.24
C GLU A 54 -5.32 5.65 8.04
N TRP A 55 -4.97 4.53 7.41
CA TRP A 55 -4.97 3.21 8.02
C TRP A 55 -3.98 3.18 9.17
N VAL A 56 -2.73 3.63 8.97
CA VAL A 56 -1.73 3.75 10.04
C VAL A 56 -2.12 4.77 11.10
N ALA A 57 -2.83 5.83 10.70
CA ALA A 57 -3.33 6.86 11.61
C ALA A 57 -4.48 6.33 12.49
N SER A 58 -5.10 5.22 12.11
CA SER A 58 -6.16 4.56 12.90
C SER A 58 -5.58 3.58 13.94
N LYS A 59 -4.25 3.50 14.03
CA LYS A 59 -3.48 2.55 14.87
C LYS A 59 -2.86 3.19 16.12
N ASN A 60 -3.14 4.47 16.38
CA ASN A 60 -2.63 5.22 17.54
C ASN A 60 -1.08 5.33 17.54
N ILE A 61 -0.52 5.67 16.37
CA ILE A 61 0.94 5.80 16.15
C ILE A 61 1.26 7.04 15.30
N ASP A 62 2.05 7.97 15.83
CA ASP A 62 2.49 9.16 15.10
C ASP A 62 3.66 8.81 14.16
N ILE A 63 3.38 8.77 12.85
CA ILE A 63 4.35 8.45 11.80
C ILE A 63 5.54 9.40 11.72
N SER A 64 5.42 10.59 12.31
CA SER A 64 6.48 11.60 12.34
C SER A 64 7.53 11.35 13.43
N LYS A 65 7.27 10.47 14.41
CA LYS A 65 8.20 10.17 15.51
C LYS A 65 9.20 9.06 15.17
N PRO A 66 10.48 9.17 15.59
CA PRO A 66 11.53 8.17 15.31
C PRO A 66 11.57 6.95 16.24
N GLY A 67 10.63 6.93 17.18
CA GLY A 67 10.40 5.86 18.16
C GLY A 67 9.12 5.05 17.88
N ALA A 68 8.49 5.29 16.73
CA ALA A 68 7.26 4.63 16.29
C ALA A 68 7.46 3.13 15.93
N ASP A 69 6.35 2.41 15.77
CA ASP A 69 6.26 0.98 15.41
C ASP A 69 5.22 0.77 14.30
N VAL A 70 5.37 1.55 13.22
CA VAL A 70 4.48 1.58 12.04
C VAL A 70 4.60 0.29 11.21
N LYS A 71 4.01 -0.81 11.68
CA LYS A 71 4.06 -2.14 11.10
C LYS A 71 2.67 -2.76 10.97
N CYS A 72 2.51 -3.65 9.98
CA CYS A 72 1.24 -4.26 9.61
C CYS A 72 0.64 -5.15 10.71
N ASP A 73 -0.63 -5.49 10.53
CA ASP A 73 -1.43 -6.39 11.38
C ASP A 73 -1.97 -7.61 10.59
N ILE A 74 -1.60 -7.71 9.31
CA ILE A 74 -1.96 -8.81 8.41
C ILE A 74 -0.73 -9.68 8.18
N CYS A 75 0.38 -9.10 7.72
CA CYS A 75 1.60 -9.81 7.43
C CYS A 75 2.69 -9.58 8.51
N HIS A 76 2.39 -8.70 9.48
CA HIS A 76 3.24 -8.31 10.62
C HIS A 76 4.61 -7.68 10.28
N TYR A 77 4.86 -7.32 9.02
CA TYR A 77 6.10 -6.65 8.61
C TYR A 77 5.95 -5.12 8.64
N PRO A 78 7.03 -4.37 8.97
CA PRO A 78 7.05 -2.90 8.90
C PRO A 78 6.46 -2.35 7.60
N ILE A 79 5.77 -1.23 7.73
CA ILE A 79 4.97 -0.59 6.68
C ILE A 79 5.70 0.63 6.14
N GLN A 80 5.94 0.65 4.83
CA GLN A 80 6.66 1.73 4.13
C GLN A 80 5.82 2.46 3.07
N PHE A 81 5.70 3.78 3.24
CA PHE A 81 4.95 4.70 2.37
C PHE A 81 5.54 4.85 0.95
N LYS A 82 4.85 5.60 0.09
CA LYS A 82 5.20 5.89 -1.31
C LYS A 82 5.20 7.40 -1.58
N THR A 83 6.09 7.81 -2.51
CA THR A 83 6.33 9.18 -3.00
C THR A 83 6.61 9.15 -4.50
ZN ZN B . -8.30 3.23 -0.98
ZN ZN C . 0.85 -6.35 5.44
N VAL A 1 -3.38 3.82 -32.88
CA VAL A 1 -3.88 5.19 -33.19
C VAL A 1 -3.73 6.13 -31.99
N ALA A 2 -3.60 7.44 -32.24
CA ALA A 2 -3.41 8.48 -31.22
C ALA A 2 -4.23 9.76 -31.54
N ASN A 3 -5.46 9.58 -32.06
CA ASN A 3 -6.38 10.66 -32.44
C ASN A 3 -6.68 11.63 -31.28
N GLU A 4 -6.75 12.94 -31.59
CA GLU A 4 -7.05 13.99 -30.61
C GLU A 4 -8.45 13.86 -29.97
N GLU A 5 -8.60 14.38 -28.74
CA GLU A 5 -9.80 14.38 -27.88
C GLU A 5 -10.36 13.02 -27.45
N THR A 6 -10.15 11.94 -28.22
CA THR A 6 -10.62 10.58 -27.95
C THR A 6 -9.57 9.67 -27.30
N ASP A 7 -8.50 10.26 -26.75
CA ASP A 7 -7.38 9.59 -26.09
C ASP A 7 -6.82 10.44 -24.93
N THR A 8 -6.20 9.80 -23.93
CA THR A 8 -5.61 10.43 -22.73
C THR A 8 -4.28 9.74 -22.37
N ALA A 9 -3.25 10.52 -22.05
CA ALA A 9 -1.91 10.03 -21.68
C ALA A 9 -1.82 9.65 -20.19
N THR A 10 -0.70 9.01 -19.84
CA THR A 10 -0.31 8.59 -18.47
C THR A 10 1.22 8.62 -18.32
N PHE A 11 1.69 8.88 -17.11
CA PHE A 11 3.11 9.00 -16.75
C PHE A 11 3.47 8.45 -15.36
N ASN A 12 2.47 8.02 -14.58
CA ASN A 12 2.61 7.53 -13.21
C ASN A 12 1.79 6.24 -12.93
N ASP A 13 1.44 5.48 -13.97
CA ASP A 13 0.65 4.22 -13.92
C ASP A 13 1.44 3.01 -13.35
N ASP A 14 2.25 3.24 -12.31
CA ASP A 14 3.17 2.32 -11.62
C ASP A 14 2.55 1.10 -10.89
N ALA A 15 1.33 0.70 -11.28
CA ALA A 15 0.56 -0.41 -10.71
C ALA A 15 -0.09 -1.32 -11.77
N PRO A 16 -0.28 -2.62 -11.46
CA PRO A 16 -0.97 -3.59 -12.32
C PRO A 16 -2.33 -3.16 -12.86
N SER A 17 -2.70 -3.76 -13.98
CA SER A 17 -4.00 -3.60 -14.66
C SER A 17 -5.22 -4.06 -13.82
N GLY A 18 -4.97 -4.83 -12.75
CA GLY A 18 -5.96 -5.35 -11.81
C GLY A 18 -5.68 -5.01 -10.32
N ALA A 19 -4.72 -4.11 -10.07
CA ALA A 19 -4.37 -3.67 -8.72
C ALA A 19 -5.44 -2.71 -8.18
N THR A 20 -5.83 -2.92 -6.93
CA THR A 20 -6.80 -2.10 -6.19
C THR A 20 -6.44 -2.00 -4.71
N CYS A 21 -6.87 -0.91 -4.07
CA CYS A 21 -6.65 -0.65 -2.65
C CYS A 21 -7.34 -1.69 -1.76
N ARG A 22 -6.60 -2.32 -0.84
CA ARG A 22 -7.15 -3.28 0.13
C ARG A 22 -8.04 -2.65 1.20
N ILE A 23 -8.15 -1.32 1.21
CA ILE A 23 -8.96 -0.54 2.14
C ILE A 23 -10.25 -0.07 1.47
N CYS A 24 -10.20 0.47 0.23
CA CYS A 24 -11.44 0.97 -0.41
C CYS A 24 -11.78 0.36 -1.78
N ARG A 25 -11.00 -0.63 -2.22
CA ARG A 25 -11.15 -1.37 -3.49
C ARG A 25 -11.27 -0.51 -4.75
N GLY A 26 -10.61 0.65 -4.73
CA GLY A 26 -10.47 1.48 -5.94
C GLY A 26 -9.15 1.14 -6.59
N GLU A 27 -9.17 1.25 -7.89
CA GLU A 27 -8.06 1.04 -8.77
C GLU A 27 -7.03 2.18 -8.68
N ALA A 28 -5.88 1.90 -9.28
CA ALA A 28 -4.83 2.89 -9.44
C ALA A 28 -5.22 3.94 -10.51
N THR A 29 -4.71 5.15 -10.32
CA THR A 29 -4.84 6.27 -11.28
C THR A 29 -3.54 7.07 -11.41
N GLU A 30 -3.53 7.99 -12.38
CA GLU A 30 -2.40 8.87 -12.67
C GLU A 30 -2.01 9.82 -11.51
N ASP A 31 -2.94 10.08 -10.60
CA ASP A 31 -2.79 10.99 -9.46
C ASP A 31 -2.97 10.28 -8.10
N ASN A 32 -3.63 9.11 -8.12
CA ASN A 32 -3.90 8.28 -6.97
C ASN A 32 -3.70 6.80 -7.32
N PRO A 33 -2.43 6.42 -7.60
CA PRO A 33 -1.99 5.08 -7.91
C PRO A 33 -1.90 4.22 -6.64
N LEU A 34 -1.27 3.07 -6.82
CA LEU A 34 -1.07 2.04 -5.79
C LEU A 34 0.38 1.54 -5.76
N PHE A 35 0.74 1.02 -4.60
CA PHE A 35 2.04 0.46 -4.23
C PHE A 35 1.82 -0.56 -3.10
N HIS A 36 2.90 -1.20 -2.61
CA HIS A 36 2.84 -2.14 -1.50
C HIS A 36 3.88 -1.79 -0.42
N PRO A 37 3.45 -1.34 0.77
CA PRO A 37 4.35 -0.99 1.88
C PRO A 37 4.85 -2.20 2.66
N CYS A 38 4.16 -3.33 2.50
CA CYS A 38 4.25 -4.52 3.32
C CYS A 38 4.36 -5.80 2.48
N LYS A 39 4.07 -6.96 3.09
CA LYS A 39 4.24 -8.30 2.51
C LYS A 39 2.96 -9.15 2.47
N CYS A 40 1.82 -8.52 2.71
CA CYS A 40 0.45 -9.08 2.77
C CYS A 40 0.07 -10.10 1.65
N ARG A 41 0.73 -9.99 0.49
CA ARG A 41 0.60 -10.80 -0.74
C ARG A 41 -0.74 -10.70 -1.47
N GLY A 42 -0.73 -11.05 -2.76
CA GLY A 42 -1.92 -11.04 -3.62
C GLY A 42 -2.59 -9.66 -3.72
N SER A 43 -3.88 -9.62 -4.08
CA SER A 43 -4.64 -8.37 -4.25
C SER A 43 -4.73 -7.48 -3.00
N ILE A 44 -4.48 -8.00 -1.79
CA ILE A 44 -4.53 -7.21 -0.55
C ILE A 44 -3.23 -6.46 -0.24
N LYS A 45 -2.14 -6.67 -0.98
CA LYS A 45 -0.87 -5.92 -0.75
C LYS A 45 -0.91 -4.48 -1.25
N TYR A 46 -1.84 -4.16 -2.16
CA TYR A 46 -1.99 -2.84 -2.76
C TYR A 46 -2.82 -1.89 -1.89
N MET A 47 -2.44 -0.62 -1.87
CA MET A 47 -3.03 0.44 -1.03
C MET A 47 -2.78 1.81 -1.65
N HIS A 48 -3.74 2.74 -1.57
CA HIS A 48 -3.49 4.12 -2.00
C HIS A 48 -2.64 4.83 -0.93
N GLU A 49 -1.87 5.86 -1.30
CA GLU A 49 -1.03 6.61 -0.34
C GLU A 49 -1.85 7.19 0.81
N SER A 50 -2.99 7.82 0.49
CA SER A 50 -3.92 8.38 1.48
C SER A 50 -4.55 7.31 2.36
N CYS A 51 -4.96 6.17 1.79
CA CYS A 51 -5.55 5.06 2.53
C CYS A 51 -4.56 4.47 3.56
N LEU A 52 -3.30 4.26 3.18
CA LEU A 52 -2.27 3.81 4.12
C LEU A 52 -2.09 4.84 5.23
N LEU A 53 -1.96 6.12 4.87
CA LEU A 53 -1.76 7.22 5.82
C LEU A 53 -2.86 7.31 6.90
N GLU A 54 -4.09 6.89 6.58
CA GLU A 54 -5.22 6.82 7.52
C GLU A 54 -5.23 5.51 8.31
N TRP A 55 -4.88 4.39 7.67
CA TRP A 55 -4.82 3.07 8.29
C TRP A 55 -3.76 3.00 9.39
N VAL A 56 -2.53 3.47 9.12
CA VAL A 56 -1.46 3.56 10.14
C VAL A 56 -1.84 4.51 11.29
N ALA A 57 -2.69 5.51 11.00
CA ALA A 57 -3.16 6.46 12.01
C ALA A 57 -4.16 5.80 12.98
N SER A 58 -5.03 4.90 12.49
CA SER A 58 -5.97 4.16 13.37
C SER A 58 -5.27 3.18 14.33
N LYS A 59 -3.97 2.88 14.10
CA LYS A 59 -3.12 2.04 14.97
C LYS A 59 -2.56 2.82 16.17
N ASN A 60 -2.94 4.09 16.35
CA ASN A 60 -2.50 4.95 17.47
C ASN A 60 -0.99 5.24 17.43
N ILE A 61 -0.46 5.52 16.23
CA ILE A 61 0.97 5.80 15.98
C ILE A 61 1.14 7.04 15.10
N ASP A 62 2.23 7.80 15.31
CA ASP A 62 2.56 9.02 14.57
C ASP A 62 3.98 8.93 13.97
N ILE A 63 4.05 8.86 12.64
CA ILE A 63 5.30 8.78 11.86
C ILE A 63 6.20 10.02 12.00
N SER A 64 5.63 11.15 12.45
CA SER A 64 6.38 12.39 12.66
C SER A 64 7.23 12.40 13.94
N LYS A 65 7.12 11.38 14.80
CA LYS A 65 7.84 11.25 16.09
C LYS A 65 8.81 10.06 16.09
N PRO A 66 9.92 10.11 16.86
CA PRO A 66 10.93 9.03 16.93
C PRO A 66 10.55 7.81 17.79
N GLY A 67 9.25 7.70 18.11
CA GLY A 67 8.63 6.60 18.84
C GLY A 67 7.80 5.67 17.94
N ALA A 68 7.80 5.91 16.63
CA ALA A 68 7.06 5.14 15.64
C ALA A 68 7.50 3.65 15.58
N ASP A 69 6.53 2.76 15.33
CA ASP A 69 6.70 1.30 15.22
C ASP A 69 5.64 0.73 14.25
N VAL A 70 5.40 1.45 13.15
CA VAL A 70 4.36 1.16 12.15
C VAL A 70 4.60 -0.14 11.38
N LYS A 71 3.89 -1.20 11.77
CA LYS A 71 3.95 -2.55 11.22
C LYS A 71 2.57 -3.23 11.23
N CYS A 72 2.35 -4.07 10.22
CA CYS A 72 1.12 -4.76 9.88
C CYS A 72 0.62 -5.79 10.94
N ASP A 73 -0.56 -6.35 10.65
CA ASP A 73 -1.29 -7.34 11.44
C ASP A 73 -1.75 -8.55 10.59
N ILE A 74 -1.53 -8.52 9.27
CA ILE A 74 -1.90 -9.61 8.34
C ILE A 74 -0.72 -10.60 8.27
N CYS A 75 0.38 -10.11 7.71
CA CYS A 75 1.67 -10.77 7.53
C CYS A 75 2.68 -10.29 8.60
N HIS A 76 2.30 -9.26 9.36
CA HIS A 76 3.08 -8.58 10.39
C HIS A 76 4.35 -7.88 9.89
N TYR A 77 4.43 -7.49 8.60
CA TYR A 77 5.60 -6.78 8.06
C TYR A 77 5.63 -5.27 8.38
N PRO A 78 6.83 -4.67 8.59
CA PRO A 78 6.98 -3.23 8.74
C PRO A 78 6.51 -2.51 7.48
N ILE A 79 5.86 -1.37 7.69
CA ILE A 79 5.22 -0.57 6.64
C ILE A 79 6.20 0.46 6.06
N GLN A 80 6.26 0.51 4.73
CA GLN A 80 7.16 1.35 3.94
C GLN A 80 6.39 2.32 3.04
N PHE A 81 6.41 3.60 3.39
CA PHE A 81 5.74 4.71 2.71
C PHE A 81 6.35 5.06 1.33
N LYS A 82 6.16 4.16 0.35
CA LYS A 82 6.66 4.24 -1.03
C LYS A 82 8.20 4.42 -1.10
N THR A 83 8.70 5.02 -2.19
CA THR A 83 10.13 5.23 -2.51
C THR A 83 10.41 6.63 -3.04
ZN ZN B . -7.97 3.26 -1.11
ZN ZN C . 1.24 -6.60 5.84
N VAL A 1 5.45 17.11 13.68
CA VAL A 1 6.30 17.05 12.47
C VAL A 1 7.78 16.90 12.82
N ALA A 2 8.45 15.96 12.12
CA ALA A 2 9.87 15.62 12.30
C ALA A 2 10.81 16.85 12.34
N ASN A 3 11.97 16.69 13.00
CA ASN A 3 13.00 17.72 13.25
C ASN A 3 13.49 18.53 12.03
N GLU A 4 13.35 18.04 10.80
CA GLU A 4 13.74 18.73 9.56
C GLU A 4 12.67 18.58 8.47
N GLU A 5 12.28 19.71 7.88
CA GLU A 5 11.23 19.81 6.85
C GLU A 5 11.76 19.66 5.40
N THR A 6 13.06 19.44 5.20
CA THR A 6 13.75 19.28 3.90
C THR A 6 13.53 17.92 3.22
N ASP A 7 12.34 17.33 3.43
CA ASP A 7 11.92 16.04 2.86
C ASP A 7 11.56 16.14 1.36
N THR A 8 11.50 15.00 0.67
CA THR A 8 11.15 14.86 -0.76
C THR A 8 10.47 13.51 -1.07
N ALA A 9 9.70 13.46 -2.16
CA ALA A 9 8.98 12.28 -2.65
C ALA A 9 8.72 12.34 -4.16
N THR A 10 8.52 11.18 -4.81
CA THR A 10 8.24 11.04 -6.25
C THR A 10 7.48 9.75 -6.57
N PHE A 11 6.82 9.71 -7.73
CA PHE A 11 6.01 8.59 -8.24
C PHE A 11 6.70 7.21 -8.09
N ASN A 12 6.16 6.36 -7.22
CA ASN A 12 6.68 5.04 -6.85
C ASN A 12 6.74 3.94 -7.95
N ASP A 13 6.36 4.26 -9.20
CA ASP A 13 6.28 3.43 -10.42
C ASP A 13 4.82 3.02 -10.74
N ASP A 14 4.51 2.73 -12.01
CA ASP A 14 3.16 2.39 -12.46
C ASP A 14 2.71 0.97 -12.05
N ALA A 15 1.62 0.94 -11.30
CA ALA A 15 0.92 -0.24 -10.80
C ALA A 15 0.40 -1.18 -11.90
N PRO A 16 0.14 -2.46 -11.58
CA PRO A 16 -0.51 -3.41 -12.49
C PRO A 16 -1.80 -2.84 -13.07
N SER A 17 -2.18 -3.24 -14.29
CA SER A 17 -3.42 -2.82 -14.94
C SER A 17 -4.68 -3.52 -14.39
N GLY A 18 -4.70 -3.72 -13.07
CA GLY A 18 -5.76 -4.34 -12.30
C GLY A 18 -5.61 -4.18 -10.79
N ALA A 19 -4.47 -3.70 -10.26
CA ALA A 19 -4.24 -3.52 -8.83
C ALA A 19 -5.21 -2.49 -8.24
N THR A 20 -5.68 -2.72 -7.02
CA THR A 20 -6.58 -1.81 -6.31
C THR A 20 -6.32 -1.77 -4.81
N CYS A 21 -6.65 -0.64 -4.18
CA CYS A 21 -6.51 -0.43 -2.74
C CYS A 21 -7.22 -1.54 -1.97
N ARG A 22 -6.55 -2.11 -0.98
CA ARG A 22 -7.18 -3.11 -0.10
C ARG A 22 -8.27 -2.48 0.78
N ILE A 23 -8.25 -1.15 0.93
CA ILE A 23 -9.12 -0.39 1.85
C ILE A 23 -10.38 0.07 1.13
N CYS A 24 -10.27 0.56 -0.12
CA CYS A 24 -11.46 1.00 -0.86
C CYS A 24 -11.68 0.34 -2.24
N ARG A 25 -10.87 -0.69 -2.53
CA ARG A 25 -10.92 -1.54 -3.75
C ARG A 25 -10.95 -0.73 -5.04
N GLY A 26 -10.35 0.46 -4.99
CA GLY A 26 -10.26 1.37 -6.14
C GLY A 26 -8.86 1.35 -6.74
N GLU A 27 -8.76 1.40 -8.06
CA GLU A 27 -7.50 1.36 -8.81
C GLU A 27 -6.52 2.50 -8.49
N ALA A 28 -5.31 2.36 -9.03
CA ALA A 28 -4.30 3.41 -8.97
C ALA A 28 -4.76 4.61 -9.81
N THR A 29 -4.50 5.81 -9.31
CA THR A 29 -4.81 7.08 -10.01
C THR A 29 -3.63 8.02 -10.06
N GLU A 30 -3.66 8.90 -11.05
CA GLU A 30 -2.64 9.91 -11.35
C GLU A 30 -2.20 10.82 -10.19
N ASP A 31 -2.92 10.82 -9.06
CA ASP A 31 -2.67 11.64 -7.88
C ASP A 31 -2.61 10.83 -6.58
N ASN A 32 -3.10 9.60 -6.64
CA ASN A 32 -3.10 8.64 -5.56
C ASN A 32 -3.05 7.21 -6.14
N PRO A 33 -1.88 6.81 -6.63
CA PRO A 33 -1.61 5.50 -7.22
C PRO A 33 -1.55 4.41 -6.15
N LEU A 34 -0.90 3.31 -6.46
CA LEU A 34 -0.69 2.18 -5.55
C LEU A 34 0.79 1.75 -5.51
N PHE A 35 1.09 1.12 -4.39
CA PHE A 35 2.37 0.56 -3.96
C PHE A 35 2.06 -0.58 -2.97
N HIS A 36 3.09 -1.27 -2.49
CA HIS A 36 2.95 -2.37 -1.54
C HIS A 36 3.84 -2.08 -0.31
N PRO A 37 3.27 -1.53 0.79
CA PRO A 37 4.03 -1.22 2.00
C PRO A 37 4.38 -2.46 2.81
N CYS A 38 3.72 -3.57 2.52
CA CYS A 38 3.75 -4.78 3.32
C CYS A 38 3.51 -6.04 2.48
N LYS A 39 3.97 -7.18 3.01
CA LYS A 39 3.92 -8.50 2.37
C LYS A 39 2.61 -9.29 2.58
N CYS A 40 1.51 -8.61 2.93
CA CYS A 40 0.16 -9.16 3.07
C CYS A 40 -0.31 -10.06 1.89
N ARG A 41 0.40 -10.02 0.75
CA ARG A 41 0.28 -10.82 -0.49
C ARG A 41 -1.09 -10.75 -1.19
N GLY A 42 -1.23 -11.33 -2.38
CA GLY A 42 -2.48 -11.28 -3.16
C GLY A 42 -2.87 -9.85 -3.55
N SER A 43 -4.14 -9.65 -3.92
CA SER A 43 -4.67 -8.32 -4.28
C SER A 43 -4.66 -7.33 -3.11
N ILE A 44 -4.68 -7.81 -1.86
CA ILE A 44 -4.70 -6.96 -0.65
C ILE A 44 -3.34 -6.31 -0.31
N LYS A 45 -2.26 -6.60 -1.07
CA LYS A 45 -0.95 -5.97 -0.83
C LYS A 45 -0.91 -4.51 -1.32
N TYR A 46 -1.83 -4.11 -2.20
CA TYR A 46 -1.88 -2.77 -2.79
C TYR A 46 -2.74 -1.79 -2.00
N MET A 47 -2.27 -0.55 -1.89
CA MET A 47 -2.90 0.49 -1.06
C MET A 47 -2.63 1.88 -1.60
N HIS A 48 -3.64 2.74 -1.50
CA HIS A 48 -3.51 4.16 -1.84
C HIS A 48 -2.64 4.85 -0.79
N GLU A 49 -1.91 5.89 -1.19
CA GLU A 49 -1.09 6.69 -0.27
C GLU A 49 -1.98 7.40 0.75
N SER A 50 -3.19 7.83 0.35
CA SER A 50 -4.13 8.51 1.27
C SER A 50 -4.73 7.50 2.25
N CYS A 51 -5.12 6.33 1.75
CA CYS A 51 -5.72 5.26 2.52
C CYS A 51 -4.74 4.67 3.57
N LEU A 52 -3.46 4.44 3.20
CA LEU A 52 -2.47 3.96 4.19
C LEU A 52 -2.29 4.99 5.31
N LEU A 53 -2.21 6.27 4.95
CA LEU A 53 -2.07 7.38 5.90
C LEU A 53 -3.18 7.43 6.97
N GLU A 54 -4.38 6.93 6.64
CA GLU A 54 -5.55 6.84 7.53
C GLU A 54 -5.57 5.49 8.26
N TRP A 55 -5.18 4.41 7.58
CA TRP A 55 -5.11 3.06 8.13
C TRP A 55 -4.13 3.00 9.31
N VAL A 56 -2.89 3.49 9.15
CA VAL A 56 -1.90 3.55 10.25
C VAL A 56 -2.39 4.42 11.41
N ALA A 57 -3.16 5.48 11.09
CA ALA A 57 -3.77 6.34 12.11
C ALA A 57 -4.85 5.58 12.91
N SER A 58 -5.59 4.67 12.27
CA SER A 58 -6.58 3.80 12.91
C SER A 58 -5.90 2.74 13.79
N LYS A 59 -4.69 2.31 13.41
CA LYS A 59 -3.80 1.37 14.07
C LYS A 59 -2.99 1.98 15.22
N ASN A 60 -3.28 3.23 15.60
CA ASN A 60 -2.68 3.99 16.71
C ASN A 60 -1.26 4.54 16.45
N ILE A 61 -0.83 4.59 15.19
CA ILE A 61 0.53 5.00 14.77
C ILE A 61 0.51 6.36 14.02
N ASP A 62 1.48 7.24 14.29
CA ASP A 62 1.57 8.57 13.71
C ASP A 62 2.96 8.89 13.12
N ILE A 63 3.02 9.03 11.80
CA ILE A 63 4.24 9.36 11.03
C ILE A 63 4.76 10.79 11.29
N SER A 64 3.93 11.68 11.85
CA SER A 64 4.33 13.06 12.15
C SER A 64 5.30 13.17 13.34
N LYS A 65 5.47 12.09 14.13
CA LYS A 65 6.37 12.04 15.30
C LYS A 65 7.65 11.24 14.98
N PRO A 66 8.82 11.64 15.52
CA PRO A 66 10.12 10.98 15.26
C PRO A 66 10.38 9.68 16.03
N GLY A 67 9.33 9.09 16.58
CA GLY A 67 9.31 7.82 17.31
C GLY A 67 8.53 6.73 16.57
N ALA A 68 8.08 6.99 15.33
CA ALA A 68 7.31 6.06 14.51
C ALA A 68 8.04 4.72 14.25
N ASP A 69 7.29 3.62 14.32
CA ASP A 69 7.76 2.22 14.11
C ASP A 69 6.67 1.40 13.37
N VAL A 70 6.07 2.06 12.36
CA VAL A 70 4.94 1.58 11.54
C VAL A 70 5.12 0.18 10.96
N LYS A 71 4.40 -0.81 11.51
CA LYS A 71 4.42 -2.21 11.12
C LYS A 71 3.04 -2.86 11.33
N CYS A 72 2.71 -3.78 10.43
CA CYS A 72 1.44 -4.50 10.31
C CYS A 72 1.15 -5.47 11.48
N ASP A 73 -0.08 -5.98 11.47
CA ASP A 73 -0.64 -7.00 12.36
C ASP A 73 -1.22 -8.19 11.58
N ILE A 74 -1.47 -8.00 10.28
CA ILE A 74 -1.97 -9.02 9.37
C ILE A 74 -0.85 -10.01 9.05
N CYS A 75 0.28 -9.51 8.53
CA CYS A 75 1.44 -10.34 8.17
C CYS A 75 2.67 -10.01 9.03
N HIS A 76 2.57 -8.96 9.85
CA HIS A 76 3.57 -8.44 10.77
C HIS A 76 4.80 -7.78 10.09
N TYR A 77 4.71 -7.41 8.80
CA TYR A 77 5.80 -6.75 8.09
C TYR A 77 5.83 -5.23 8.37
N PRO A 78 7.02 -4.59 8.43
CA PRO A 78 7.13 -3.15 8.53
C PRO A 78 6.51 -2.50 7.30
N ILE A 79 5.69 -1.51 7.58
CA ILE A 79 4.86 -0.77 6.63
C ILE A 79 5.70 0.34 6.01
N GLN A 80 5.91 0.24 4.70
CA GLN A 80 6.84 1.07 3.94
C GLN A 80 6.18 1.99 2.91
N PHE A 81 6.24 3.29 3.16
CA PHE A 81 5.76 4.39 2.30
C PHE A 81 6.68 4.60 1.06
N LYS A 82 7.00 3.51 0.37
CA LYS A 82 7.93 3.39 -0.77
C LYS A 82 7.65 4.42 -1.90
N THR A 83 8.68 5.17 -2.29
CA THR A 83 8.69 6.19 -3.35
C THR A 83 9.89 6.00 -4.30
ZN ZN B . -8.03 3.40 -1.10
ZN ZN C . 1.19 -6.57 6.32
N VAL A 1 -1.72 30.81 -28.38
CA VAL A 1 -2.21 29.41 -28.30
C VAL A 1 -1.51 28.65 -27.19
N ALA A 2 -0.29 28.14 -27.42
CA ALA A 2 0.48 27.34 -26.46
C ALA A 2 1.71 28.08 -25.90
N ASN A 3 2.30 27.53 -24.84
CA ASN A 3 3.49 28.06 -24.15
C ASN A 3 4.40 27.00 -23.50
N GLU A 4 3.95 25.76 -23.37
CA GLU A 4 4.68 24.62 -22.76
C GLU A 4 4.16 23.23 -23.21
N GLU A 5 2.90 23.16 -23.62
CA GLU A 5 2.17 21.96 -24.05
C GLU A 5 2.96 21.11 -25.05
N THR A 6 3.55 21.76 -26.06
CA THR A 6 4.38 21.18 -27.13
C THR A 6 5.73 20.58 -26.68
N ASP A 7 6.05 20.63 -25.39
CA ASP A 7 7.28 20.13 -24.77
C ASP A 7 7.00 18.98 -23.77
N THR A 8 5.83 18.35 -23.90
CA THR A 8 5.41 17.17 -23.11
C THR A 8 6.18 15.90 -23.55
N ALA A 9 6.16 14.85 -22.72
CA ALA A 9 6.80 13.56 -22.98
C ALA A 9 5.90 12.33 -22.70
N THR A 10 4.59 12.55 -22.75
CA THR A 10 3.53 11.54 -22.52
C THR A 10 3.76 10.74 -21.23
N PHE A 11 3.90 11.50 -20.15
CA PHE A 11 4.19 11.07 -18.78
C PHE A 11 3.28 9.93 -18.26
N ASN A 12 3.79 9.13 -17.32
CA ASN A 12 3.13 8.00 -16.65
C ASN A 12 3.91 7.56 -15.40
N ASP A 13 3.35 6.61 -14.62
CA ASP A 13 3.97 6.01 -13.43
C ASP A 13 3.86 4.48 -13.45
N ASP A 14 4.89 3.79 -12.94
CA ASP A 14 5.01 2.32 -12.94
C ASP A 14 4.12 1.60 -11.91
N ALA A 15 2.84 1.46 -12.25
CA ALA A 15 1.79 0.79 -11.49
C ALA A 15 0.97 -0.13 -12.42
N PRO A 16 0.42 -1.24 -11.88
CA PRO A 16 -0.47 -2.14 -12.60
C PRO A 16 -1.66 -1.43 -13.27
N SER A 17 -2.19 -2.07 -14.31
CA SER A 17 -3.39 -1.64 -15.03
C SER A 17 -4.67 -2.38 -14.58
N GLY A 18 -4.58 -3.12 -13.47
CA GLY A 18 -5.68 -3.89 -12.87
C GLY A 18 -5.58 -4.10 -11.35
N ALA A 19 -4.62 -3.46 -10.67
CA ALA A 19 -4.51 -3.53 -9.21
C ALA A 19 -5.50 -2.56 -8.55
N THR A 20 -6.00 -2.92 -7.37
CA THR A 20 -6.96 -2.12 -6.57
C THR A 20 -6.68 -2.19 -5.08
N CYS A 21 -6.93 -1.08 -4.40
CA CYS A 21 -6.73 -0.92 -2.97
C CYS A 21 -7.52 -1.92 -2.10
N ARG A 22 -6.89 -2.41 -1.04
CA ARG A 22 -7.50 -3.29 -0.02
C ARG A 22 -8.51 -2.59 0.91
N ILE A 23 -8.47 -1.26 0.96
CA ILE A 23 -9.32 -0.40 1.79
C ILE A 23 -10.47 0.17 0.96
N CYS A 24 -10.17 0.71 -0.22
CA CYS A 24 -11.14 1.46 -1.02
C CYS A 24 -11.63 0.70 -2.27
N ARG A 25 -11.06 -0.49 -2.54
CA ARG A 25 -11.36 -1.39 -3.67
C ARG A 25 -11.37 -0.66 -5.02
N GLY A 26 -10.53 0.38 -5.11
CA GLY A 26 -10.43 1.26 -6.27
C GLY A 26 -9.06 1.24 -6.91
N GLU A 27 -9.03 1.28 -8.25
CA GLU A 27 -7.81 1.24 -9.07
C GLU A 27 -6.86 2.41 -8.81
N ALA A 28 -5.61 2.20 -9.21
CA ALA A 28 -4.59 3.24 -9.13
C ALA A 28 -4.98 4.46 -9.98
N THR A 29 -4.64 5.65 -9.49
CA THR A 29 -4.92 6.92 -10.19
C THR A 29 -3.69 7.79 -10.33
N GLU A 30 -3.76 8.67 -11.31
CA GLU A 30 -2.72 9.63 -11.66
C GLU A 30 -2.27 10.59 -10.55
N ASP A 31 -3.00 10.65 -9.43
CA ASP A 31 -2.75 11.53 -8.29
C ASP A 31 -2.61 10.74 -7.00
N ASN A 32 -3.14 9.51 -6.95
CA ASN A 32 -3.06 8.62 -5.82
C ASN A 32 -2.84 7.15 -6.20
N PRO A 33 -1.67 6.83 -6.79
CA PRO A 33 -1.23 5.48 -7.13
C PRO A 33 -1.35 4.41 -6.04
N LEU A 34 -1.18 3.18 -6.51
CA LEU A 34 -1.10 1.97 -5.67
C LEU A 34 0.33 1.39 -5.74
N PHE A 35 0.75 0.90 -4.59
CA PHE A 35 2.05 0.26 -4.35
C PHE A 35 1.90 -0.74 -3.18
N HIS A 36 3.00 -1.38 -2.79
CA HIS A 36 3.03 -2.32 -1.66
C HIS A 36 3.92 -1.77 -0.52
N PRO A 37 3.33 -1.33 0.61
CA PRO A 37 4.08 -0.81 1.77
C PRO A 37 4.72 -1.93 2.59
N CYS A 38 4.23 -3.15 2.40
CA CYS A 38 4.43 -4.36 3.17
C CYS A 38 4.53 -5.50 2.15
N LYS A 39 4.34 -6.74 2.60
CA LYS A 39 4.19 -7.89 1.68
C LYS A 39 2.71 -8.17 1.43
N CYS A 40 1.92 -8.08 2.50
CA CYS A 40 0.49 -8.39 2.72
C CYS A 40 -0.11 -9.69 2.08
N ARG A 41 0.66 -10.41 1.25
CA ARG A 41 0.44 -11.72 0.60
C ARG A 41 -0.92 -11.97 -0.07
N GLY A 42 -1.13 -11.22 -1.15
CA GLY A 42 -2.31 -11.32 -2.03
C GLY A 42 -2.62 -9.98 -2.71
N SER A 43 -3.72 -9.90 -3.45
CA SER A 43 -4.19 -8.63 -4.07
C SER A 43 -4.38 -7.51 -3.02
N ILE A 44 -4.58 -7.89 -1.75
CA ILE A 44 -4.66 -7.00 -0.59
C ILE A 44 -3.36 -6.23 -0.32
N LYS A 45 -2.22 -6.59 -0.92
CA LYS A 45 -0.96 -5.87 -0.77
C LYS A 45 -0.94 -4.49 -1.45
N TYR A 46 -1.98 -4.14 -2.21
CA TYR A 46 -2.13 -2.84 -2.86
C TYR A 46 -3.01 -1.91 -2.03
N MET A 47 -2.61 -0.64 -1.96
CA MET A 47 -3.22 0.40 -1.13
C MET A 47 -2.87 1.78 -1.69
N HIS A 48 -3.80 2.72 -1.57
CA HIS A 48 -3.59 4.11 -1.97
C HIS A 48 -2.61 4.79 -1.01
N GLU A 49 -1.87 5.79 -1.50
CA GLU A 49 -0.96 6.56 -0.65
C GLU A 49 -1.74 7.23 0.51
N SER A 50 -2.96 7.72 0.24
CA SER A 50 -3.79 8.41 1.24
C SER A 50 -4.55 7.45 2.17
N CYS A 51 -4.94 6.28 1.67
CA CYS A 51 -5.69 5.29 2.45
C CYS A 51 -4.82 4.54 3.44
N LEU A 52 -3.61 4.19 2.98
CA LEU A 52 -2.58 3.64 3.83
C LEU A 52 -2.29 4.59 4.99
N LEU A 53 -2.07 5.87 4.65
CA LEU A 53 -1.80 6.94 5.61
C LEU A 53 -2.88 7.06 6.68
N GLU A 54 -4.14 6.82 6.33
CA GLU A 54 -5.24 6.88 7.31
C GLU A 54 -5.35 5.60 8.12
N TRP A 55 -5.12 4.43 7.51
CA TRP A 55 -5.15 3.15 8.20
C TRP A 55 -4.06 3.08 9.27
N VAL A 56 -2.80 3.39 8.92
CA VAL A 56 -1.71 3.44 9.91
C VAL A 56 -1.93 4.52 10.98
N ALA A 57 -2.59 5.61 10.61
CA ALA A 57 -2.96 6.68 11.56
C ALA A 57 -4.10 6.24 12.50
N SER A 58 -4.88 5.22 12.12
CA SER A 58 -5.97 4.68 12.96
C SER A 58 -5.45 3.72 14.03
N LYS A 59 -4.14 3.44 14.01
CA LYS A 59 -3.43 2.49 14.91
C LYS A 59 -2.84 3.15 16.16
N ASN A 60 -3.18 4.42 16.42
CA ASN A 60 -2.72 5.24 17.54
C ASN A 60 -1.30 5.85 17.32
N ILE A 61 -0.75 5.72 16.11
CA ILE A 61 0.61 6.14 15.76
C ILE A 61 0.61 7.37 14.84
N ASP A 62 1.31 8.43 15.24
CA ASP A 62 1.43 9.68 14.48
C ASP A 62 2.61 9.60 13.50
N ILE A 63 2.35 8.98 12.35
CA ILE A 63 3.33 8.79 11.26
C ILE A 63 3.83 10.10 10.65
N SER A 64 3.22 11.24 10.99
CA SER A 64 3.68 12.55 10.55
C SER A 64 5.05 12.88 11.16
N LYS A 65 5.38 12.30 12.32
CA LYS A 65 6.69 12.44 12.98
C LYS A 65 7.64 11.30 12.56
N PRO A 66 8.95 11.56 12.39
CA PRO A 66 9.92 10.55 11.94
C PRO A 66 10.37 9.50 12.97
N GLY A 67 9.70 9.50 14.12
CA GLY A 67 9.92 8.55 15.23
C GLY A 67 9.08 7.26 15.09
N ALA A 68 8.14 7.22 14.14
CA ALA A 68 7.27 6.06 13.90
C ALA A 68 8.05 4.84 13.34
N ASP A 69 7.56 3.64 13.65
CA ASP A 69 8.14 2.33 13.25
C ASP A 69 7.01 1.31 13.01
N VAL A 70 6.02 1.74 12.22
CA VAL A 70 4.78 1.01 11.90
C VAL A 70 5.06 -0.31 11.17
N LYS A 71 4.44 -1.38 11.66
CA LYS A 71 4.54 -2.73 11.15
C LYS A 71 3.19 -3.44 11.25
N CYS A 72 2.91 -4.27 10.25
CA CYS A 72 1.67 -4.96 9.99
C CYS A 72 1.18 -5.91 11.12
N ASP A 73 -0.06 -6.35 10.94
CA ASP A 73 -0.81 -7.31 11.76
C ASP A 73 -1.40 -8.43 10.90
N ILE A 74 -1.32 -8.31 9.59
CA ILE A 74 -1.78 -9.32 8.63
C ILE A 74 -0.63 -10.28 8.34
N CYS A 75 0.51 -9.75 7.88
CA CYS A 75 1.70 -10.54 7.54
C CYS A 75 2.91 -10.18 8.43
N HIS A 76 2.70 -9.22 9.34
CA HIS A 76 3.67 -8.71 10.31
C HIS A 76 4.93 -8.06 9.69
N TYR A 77 4.91 -7.70 8.41
CA TYR A 77 6.02 -6.98 7.77
C TYR A 77 5.99 -5.48 8.15
N PRO A 78 7.16 -4.82 8.31
CA PRO A 78 7.22 -3.38 8.49
C PRO A 78 6.56 -2.68 7.30
N ILE A 79 5.97 -1.52 7.57
CA ILE A 79 5.16 -0.76 6.61
C ILE A 79 5.81 0.58 6.30
N GLN A 80 5.83 0.92 5.01
CA GLN A 80 6.41 2.17 4.50
C GLN A 80 5.35 2.97 3.72
N PHE A 81 5.15 4.23 4.10
CA PHE A 81 4.09 5.12 3.59
C PHE A 81 4.19 5.59 2.14
N LYS A 82 5.26 5.17 1.46
CA LYS A 82 5.61 5.47 0.07
C LYS A 82 6.62 4.43 -0.47
N THR A 83 6.75 4.35 -1.80
CA THR A 83 7.69 3.49 -2.54
C THR A 83 9.17 3.73 -2.18
ZN ZN B . -7.38 2.97 -0.62
ZN ZN C . 1.30 -6.58 5.80
N VAL A 1 -27.91 -16.21 -17.76
CA VAL A 1 -28.08 -14.75 -18.05
C VAL A 1 -26.82 -14.21 -18.75
N ALA A 2 -27.00 -13.43 -19.81
CA ALA A 2 -25.93 -12.83 -20.63
C ALA A 2 -26.22 -11.32 -20.86
N ASN A 3 -26.31 -10.58 -19.75
CA ASN A 3 -26.68 -9.16 -19.71
C ASN A 3 -25.76 -8.31 -18.81
N GLU A 4 -24.54 -8.78 -18.56
CA GLU A 4 -23.49 -8.06 -17.79
C GLU A 4 -22.94 -6.85 -18.57
N GLU A 5 -22.13 -6.00 -17.92
CA GLU A 5 -21.55 -4.79 -18.53
C GLU A 5 -20.02 -4.62 -18.33
N THR A 6 -19.37 -5.51 -17.57
CA THR A 6 -17.92 -5.47 -17.27
C THR A 6 -17.28 -6.86 -17.24
N ASP A 7 -16.09 -6.99 -17.83
CA ASP A 7 -15.30 -8.23 -17.89
C ASP A 7 -14.02 -8.10 -17.03
N THR A 8 -12.84 -8.51 -17.52
CA THR A 8 -11.55 -8.42 -16.81
C THR A 8 -10.45 -7.97 -17.79
N ALA A 9 -9.56 -7.06 -17.35
CA ALA A 9 -8.46 -6.51 -18.15
C ALA A 9 -7.24 -6.11 -17.28
N THR A 10 -6.15 -5.73 -17.94
CA THR A 10 -4.88 -5.27 -17.33
C THR A 10 -4.27 -4.10 -18.11
N PHE A 11 -3.38 -3.34 -17.48
CA PHE A 11 -2.74 -2.14 -18.05
C PHE A 11 -1.20 -2.20 -17.99
N ASN A 12 -0.56 -1.24 -18.67
CA ASN A 12 0.91 -1.14 -18.80
C ASN A 12 1.46 0.29 -18.56
N ASP A 13 0.60 1.23 -18.20
CA ASP A 13 0.90 2.63 -17.87
C ASP A 13 -0.17 3.15 -16.89
N ASP A 14 0.21 4.02 -15.95
CA ASP A 14 -0.61 4.61 -14.86
C ASP A 14 -1.06 3.65 -13.76
N ALA A 15 -1.28 2.40 -14.14
CA ALA A 15 -1.70 1.25 -13.35
C ALA A 15 -1.18 -0.06 -13.93
N PRO A 16 -1.02 -1.07 -13.07
CA PRO A 16 -0.55 -2.40 -13.42
C PRO A 16 -1.71 -3.33 -13.81
N SER A 17 -1.66 -4.56 -13.33
CA SER A 17 -2.61 -5.61 -13.60
C SER A 17 -3.99 -5.47 -12.92
N GLY A 18 -4.64 -4.32 -13.11
CA GLY A 18 -5.95 -4.01 -12.55
C GLY A 18 -5.97 -4.06 -11.01
N ALA A 19 -4.85 -3.66 -10.38
CA ALA A 19 -4.72 -3.65 -8.92
C ALA A 19 -5.59 -2.55 -8.27
N THR A 20 -5.80 -2.69 -6.96
CA THR A 20 -6.61 -1.77 -6.14
C THR A 20 -6.15 -1.69 -4.68
N CYS A 21 -6.56 -0.61 -4.00
CA CYS A 21 -6.29 -0.32 -2.60
C CYS A 21 -7.02 -1.28 -1.65
N ARG A 22 -6.29 -1.95 -0.75
CA ARG A 22 -6.88 -2.84 0.26
C ARG A 22 -7.69 -2.09 1.34
N ILE A 23 -7.58 -0.76 1.34
CA ILE A 23 -8.26 0.13 2.28
C ILE A 23 -9.61 0.57 1.69
N CYS A 24 -9.68 0.99 0.41
CA CYS A 24 -10.99 1.45 -0.14
C CYS A 24 -11.47 0.76 -1.43
N ARG A 25 -10.73 -0.23 -1.94
CA ARG A 25 -11.03 -1.02 -3.16
C ARG A 25 -11.15 -0.17 -4.43
N GLY A 26 -10.38 0.93 -4.46
CA GLY A 26 -10.26 1.81 -5.62
C GLY A 26 -8.98 1.49 -6.39
N GLU A 27 -9.03 1.62 -7.72
CA GLU A 27 -7.88 1.39 -8.59
C GLU A 27 -6.80 2.48 -8.40
N ALA A 28 -5.63 2.23 -8.99
CA ALA A 28 -4.57 3.24 -9.04
C ALA A 28 -5.11 4.45 -9.84
N THR A 29 -4.93 5.66 -9.34
CA THR A 29 -5.42 6.88 -10.02
C THR A 29 -4.28 7.77 -10.45
N GLU A 30 -4.65 8.75 -11.28
CA GLU A 30 -3.72 9.71 -11.84
C GLU A 30 -2.92 10.53 -10.80
N ASP A 31 -3.40 10.61 -9.55
CA ASP A 31 -2.77 11.34 -8.46
C ASP A 31 -2.45 10.40 -7.28
N ASN A 32 -3.10 9.22 -7.24
CA ASN A 32 -2.90 8.20 -6.25
C ASN A 32 -2.52 6.80 -6.73
N PRO A 33 -1.41 6.68 -7.46
CA PRO A 33 -0.83 5.39 -7.79
C PRO A 33 -0.64 4.53 -6.56
N LEU A 34 -0.82 3.25 -6.81
CA LEU A 34 -0.67 2.20 -5.81
C LEU A 34 0.81 1.79 -5.70
N PHE A 35 1.09 0.91 -4.74
CA PHE A 35 2.41 0.34 -4.43
C PHE A 35 2.24 -0.73 -3.33
N HIS A 36 3.32 -1.42 -2.98
CA HIS A 36 3.34 -2.44 -1.94
C HIS A 36 4.19 -1.98 -0.72
N PRO A 37 3.58 -1.42 0.35
CA PRO A 37 4.32 -1.00 1.55
C PRO A 37 4.80 -2.20 2.37
N CYS A 38 4.02 -3.27 2.28
CA CYS A 38 4.08 -4.50 3.04
C CYS A 38 3.92 -5.72 2.10
N LYS A 39 3.93 -6.93 2.65
CA LYS A 39 3.86 -8.22 1.95
C LYS A 39 2.64 -9.06 2.33
N CYS A 40 1.53 -8.35 2.55
CA CYS A 40 0.21 -8.87 2.90
C CYS A 40 -0.36 -9.97 1.98
N ARG A 41 0.28 -10.28 0.84
CA ARG A 41 -0.12 -11.31 -0.15
C ARG A 41 -1.46 -11.01 -0.88
N GLY A 42 -1.83 -11.84 -1.85
CA GLY A 42 -3.05 -11.71 -2.67
C GLY A 42 -3.33 -10.29 -3.20
N SER A 43 -4.62 -9.99 -3.39
CA SER A 43 -5.12 -8.68 -3.86
C SER A 43 -5.07 -7.57 -2.80
N ILE A 44 -4.64 -7.87 -1.56
CA ILE A 44 -4.59 -6.92 -0.43
C ILE A 44 -3.19 -6.30 -0.21
N LYS A 45 -2.19 -6.68 -1.02
CA LYS A 45 -0.81 -6.17 -0.92
C LYS A 45 -0.57 -4.83 -1.63
N TYR A 46 -1.62 -4.21 -2.16
CA TYR A 46 -1.62 -2.89 -2.80
C TYR A 46 -2.46 -1.91 -1.96
N MET A 47 -1.99 -0.66 -1.90
CA MET A 47 -2.53 0.38 -0.99
C MET A 47 -2.28 1.78 -1.56
N HIS A 48 -3.25 2.67 -1.42
CA HIS A 48 -3.16 4.07 -1.84
C HIS A 48 -2.20 4.83 -0.93
N GLU A 49 -1.46 5.77 -1.52
CA GLU A 49 -0.46 6.62 -0.82
C GLU A 49 -1.09 7.76 0.01
N SER A 50 -2.41 7.69 0.23
CA SER A 50 -3.18 8.63 1.06
C SER A 50 -4.04 7.85 2.05
N CYS A 51 -4.63 6.73 1.61
CA CYS A 51 -5.34 5.79 2.45
C CYS A 51 -4.42 5.20 3.51
N LEU A 52 -3.22 4.75 3.13
CA LEU A 52 -2.23 4.18 4.06
C LEU A 52 -1.93 5.17 5.18
N LEU A 53 -1.73 6.44 4.80
CA LEU A 53 -1.43 7.55 5.69
C LEU A 53 -2.54 7.77 6.76
N GLU A 54 -3.76 7.31 6.50
CA GLU A 54 -4.90 7.32 7.42
C GLU A 54 -5.07 5.96 8.13
N TRP A 55 -4.88 4.85 7.40
CA TRP A 55 -4.95 3.48 7.93
C TRP A 55 -3.99 3.28 9.10
N VAL A 56 -2.72 3.70 8.98
CA VAL A 56 -1.73 3.62 10.08
C VAL A 56 -2.09 4.56 11.23
N ALA A 57 -2.84 5.62 10.95
CA ALA A 57 -3.29 6.56 11.99
C ALA A 57 -4.34 5.89 12.91
N SER A 58 -5.25 5.07 12.36
CA SER A 58 -6.24 4.34 13.16
C SER A 58 -5.63 3.21 14.03
N LYS A 59 -4.40 2.76 13.73
CA LYS A 59 -3.61 1.80 14.49
C LYS A 59 -2.99 2.38 15.77
N ASN A 60 -3.32 3.63 16.12
CA ASN A 60 -2.85 4.33 17.32
C ASN A 60 -1.32 4.60 17.25
N ILE A 61 -0.87 5.04 16.07
CA ILE A 61 0.54 5.35 15.76
C ILE A 61 0.61 6.65 14.94
N ASP A 62 1.61 7.49 15.21
CA ASP A 62 1.81 8.77 14.52
C ASP A 62 3.15 8.81 13.77
N ILE A 63 3.08 8.57 12.46
CA ILE A 63 4.23 8.57 11.54
C ILE A 63 4.94 9.93 11.41
N SER A 64 4.29 11.01 11.84
CA SER A 64 4.88 12.35 11.82
C SER A 64 6.05 12.51 12.81
N LYS A 65 6.08 11.68 13.86
CA LYS A 65 7.14 11.65 14.89
C LYS A 65 8.06 10.42 14.77
N PRO A 66 9.36 10.53 15.13
CA PRO A 66 10.34 9.43 15.08
C PRO A 66 10.19 8.38 16.20
N GLY A 67 8.97 8.22 16.72
CA GLY A 67 8.57 7.25 17.74
C GLY A 67 7.67 6.14 17.17
N ALA A 68 7.34 6.21 15.87
CA ALA A 68 6.51 5.22 15.18
C ALA A 68 7.24 3.86 15.00
N ASP A 69 6.46 2.78 14.90
CA ASP A 69 6.93 1.39 14.72
C ASP A 69 5.86 0.58 13.95
N VAL A 70 5.37 1.18 12.85
CA VAL A 70 4.27 0.65 12.03
C VAL A 70 4.65 -0.64 11.30
N LYS A 71 4.06 -1.75 11.74
CA LYS A 71 4.22 -3.10 11.18
C LYS A 71 2.89 -3.85 11.25
N CYS A 72 2.62 -4.59 10.18
CA CYS A 72 1.40 -5.33 9.90
C CYS A 72 1.04 -6.42 10.95
N ASP A 73 -0.19 -6.91 10.83
CA ASP A 73 -0.79 -8.01 11.59
C ASP A 73 -1.29 -9.14 10.67
N ILE A 74 -1.27 -8.91 9.36
CA ILE A 74 -1.69 -9.87 8.34
C ILE A 74 -0.48 -10.73 7.97
N CYS A 75 0.61 -10.09 7.52
CA CYS A 75 1.84 -10.78 7.12
C CYS A 75 3.00 -10.51 8.10
N HIS A 76 2.77 -9.61 9.06
CA HIS A 76 3.71 -9.16 10.08
C HIS A 76 4.94 -8.41 9.53
N TYR A 77 4.88 -7.91 8.30
CA TYR A 77 5.95 -7.09 7.72
C TYR A 77 5.86 -5.63 8.17
N PRO A 78 6.99 -4.93 8.37
CA PRO A 78 6.98 -3.49 8.57
C PRO A 78 6.41 -2.81 7.32
N ILE A 79 5.82 -1.64 7.52
CA ILE A 79 5.10 -0.89 6.48
C ILE A 79 5.86 0.38 6.12
N GLN A 80 5.85 0.70 4.83
CA GLN A 80 6.59 1.83 4.24
C GLN A 80 5.63 2.90 3.71
N PHE A 81 5.73 4.13 4.19
CA PHE A 81 4.83 5.23 3.82
C PHE A 81 5.13 5.92 2.48
N LYS A 82 6.23 5.50 1.86
CA LYS A 82 6.81 5.96 0.60
C LYS A 82 7.83 4.93 0.08
N THR A 83 8.05 4.86 -1.23
CA THR A 83 9.01 3.96 -1.90
C THR A 83 9.69 4.62 -3.10
ZN ZN B . -7.66 3.62 -1.05
ZN ZN C . 1.37 -6.63 5.79
N VAL A 1 19.21 9.94 10.08
CA VAL A 1 18.30 10.67 9.15
C VAL A 1 17.46 11.70 9.90
N ALA A 2 17.41 12.94 9.40
CA ALA A 2 16.67 14.05 10.01
C ALA A 2 16.03 15.04 9.00
N ASN A 3 15.87 14.62 7.74
CA ASN A 3 15.27 15.41 6.64
C ASN A 3 14.49 14.50 5.67
N GLU A 4 13.47 15.05 5.01
CA GLU A 4 12.62 14.32 4.05
C GLU A 4 13.39 13.79 2.82
N GLU A 5 14.28 14.63 2.29
CA GLU A 5 15.12 14.49 1.08
C GLU A 5 15.96 13.20 0.89
N THR A 6 15.85 12.21 1.79
CA THR A 6 16.52 10.89 1.70
C THR A 6 15.56 9.71 1.87
N ASP A 7 14.28 9.97 2.14
CA ASP A 7 13.20 8.99 2.32
C ASP A 7 12.01 9.18 1.36
N THR A 8 11.98 10.32 0.67
CA THR A 8 11.01 10.73 -0.36
C THR A 8 11.63 11.75 -1.32
N ALA A 9 11.07 11.90 -2.53
CA ALA A 9 11.58 12.81 -3.56
C ALA A 9 10.47 13.35 -4.50
N THR A 10 10.79 14.47 -5.17
CA THR A 10 9.92 15.25 -6.10
C THR A 10 9.30 14.52 -7.29
N PHE A 11 9.69 13.28 -7.52
CA PHE A 11 9.20 12.39 -8.58
C PHE A 11 8.81 10.99 -8.06
N ASN A 12 7.71 10.47 -8.61
CA ASN A 12 7.11 9.17 -8.30
C ASN A 12 6.59 8.51 -9.59
N ASP A 13 7.07 7.29 -9.89
CA ASP A 13 6.68 6.50 -11.07
C ASP A 13 5.25 5.93 -11.02
N ASP A 14 4.75 5.44 -12.16
CA ASP A 14 3.40 4.89 -12.38
C ASP A 14 3.03 3.61 -11.58
N ALA A 15 1.80 3.14 -11.78
CA ALA A 15 1.19 1.95 -11.17
C ALA A 15 0.66 0.97 -12.26
N PRO A 16 0.43 -0.32 -11.93
CA PRO A 16 -0.06 -1.42 -12.80
C PRO A 16 -1.23 -1.31 -13.77
N SER A 17 -1.87 -0.16 -13.82
CA SER A 17 -3.13 0.13 -14.52
C SER A 17 -4.29 -0.89 -14.35
N GLY A 18 -4.15 -1.85 -13.43
CA GLY A 18 -5.11 -2.93 -13.11
C GLY A 18 -5.07 -3.38 -11.63
N ALA A 19 -4.16 -2.82 -10.81
CA ALA A 19 -4.10 -3.04 -9.37
C ALA A 19 -5.27 -2.28 -8.71
N THR A 20 -5.64 -2.62 -7.48
CA THR A 20 -6.71 -1.93 -6.72
C THR A 20 -6.45 -1.91 -5.20
N CYS A 21 -6.93 -0.85 -4.55
CA CYS A 21 -6.86 -0.60 -3.11
C CYS A 21 -7.59 -1.69 -2.34
N ARG A 22 -6.94 -2.31 -1.35
CA ARG A 22 -7.58 -3.33 -0.51
C ARG A 22 -8.71 -2.78 0.37
N ILE A 23 -8.76 -1.46 0.51
CA ILE A 23 -9.76 -0.75 1.31
C ILE A 23 -10.91 -0.26 0.42
N CYS A 24 -10.62 0.46 -0.66
CA CYS A 24 -11.65 1.03 -1.53
C CYS A 24 -12.15 0.07 -2.63
N ARG A 25 -11.39 -0.98 -2.92
CA ARG A 25 -11.61 -1.93 -4.03
C ARG A 25 -11.69 -1.18 -5.36
N GLY A 26 -10.83 -0.16 -5.50
CA GLY A 26 -10.72 0.68 -6.71
C GLY A 26 -9.29 0.91 -7.11
N GLU A 27 -9.14 1.19 -8.39
CA GLU A 27 -7.90 1.38 -9.09
C GLU A 27 -7.04 2.56 -8.62
N ALA A 28 -5.80 2.52 -9.10
CA ALA A 28 -4.81 3.57 -8.93
C ALA A 28 -5.24 4.84 -9.67
N THR A 29 -4.69 5.99 -9.24
CA THR A 29 -4.91 7.29 -9.90
C THR A 29 -3.65 8.11 -10.03
N GLU A 30 -3.71 9.06 -10.95
CA GLU A 30 -2.63 10.00 -11.29
C GLU A 30 -2.17 10.93 -10.15
N ASP A 31 -2.89 10.94 -9.03
CA ASP A 31 -2.62 11.76 -7.85
C ASP A 31 -2.45 10.89 -6.60
N ASN A 32 -3.09 9.70 -6.59
CA ASN A 32 -3.07 8.77 -5.50
C ASN A 32 -2.90 7.28 -5.91
N PRO A 33 -1.73 6.93 -6.46
CA PRO A 33 -1.29 5.59 -6.84
C PRO A 33 -1.49 4.47 -5.80
N LEU A 34 -1.13 3.27 -6.27
CA LEU A 34 -1.08 2.03 -5.46
C LEU A 34 0.36 1.49 -5.41
N PHE A 35 0.71 0.91 -4.27
CA PHE A 35 2.02 0.33 -3.91
C PHE A 35 1.84 -0.72 -2.80
N HIS A 36 2.92 -1.30 -2.29
CA HIS A 36 2.90 -2.36 -1.28
C HIS A 36 3.64 -1.96 0.02
N PRO A 37 2.93 -1.59 1.11
CA PRO A 37 3.60 -1.28 2.38
C PRO A 37 3.97 -2.53 3.17
N CYS A 38 3.16 -3.58 3.08
CA CYS A 38 3.22 -4.77 3.88
C CYS A 38 2.77 -5.96 3.07
N LYS A 39 3.32 -7.11 3.43
CA LYS A 39 3.13 -8.34 2.72
C LYS A 39 1.87 -9.09 3.10
N CYS A 40 0.86 -8.34 3.53
CA CYS A 40 -0.48 -8.85 3.55
C CYS A 40 -0.92 -8.70 2.09
N ARG A 41 -0.77 -9.55 1.08
CA ARG A 41 -0.23 -10.90 0.76
C ARG A 41 -0.33 -11.21 -0.75
N GLY A 42 -1.49 -10.93 -1.34
CA GLY A 42 -1.79 -11.10 -2.76
C GLY A 42 -2.13 -9.74 -3.39
N SER A 43 -3.13 -9.65 -4.27
CA SER A 43 -3.61 -8.37 -4.82
C SER A 43 -3.98 -7.37 -3.72
N ILE A 44 -4.41 -7.89 -2.55
CA ILE A 44 -4.74 -7.14 -1.33
C ILE A 44 -3.54 -6.38 -0.73
N LYS A 45 -2.31 -6.61 -1.24
CA LYS A 45 -1.11 -5.88 -0.83
C LYS A 45 -0.98 -4.53 -1.56
N TYR A 46 -1.93 -4.19 -2.43
CA TYR A 46 -2.06 -2.87 -3.07
C TYR A 46 -3.03 -2.02 -2.24
N MET A 47 -2.72 -0.73 -2.06
CA MET A 47 -3.51 0.20 -1.23
C MET A 47 -3.17 1.65 -1.59
N HIS A 48 -4.15 2.57 -1.54
CA HIS A 48 -3.93 3.99 -1.88
C HIS A 48 -3.02 4.66 -0.85
N GLU A 49 -2.30 5.73 -1.22
CA GLU A 49 -1.48 6.49 -0.25
C GLU A 49 -2.39 7.04 0.85
N SER A 50 -3.53 7.62 0.47
CA SER A 50 -4.55 8.12 1.40
C SER A 50 -5.01 7.04 2.39
N CYS A 51 -5.45 5.90 1.90
CA CYS A 51 -5.92 4.77 2.70
C CYS A 51 -4.83 4.18 3.59
N LEU A 52 -3.57 4.11 3.17
CA LEU A 52 -2.49 3.70 4.08
C LEU A 52 -2.30 4.74 5.18
N LEU A 53 -2.24 6.02 4.81
CA LEU A 53 -2.04 7.17 5.68
C LEU A 53 -3.15 7.28 6.73
N GLU A 54 -4.35 6.87 6.36
CA GLU A 54 -5.57 6.75 7.18
C GLU A 54 -5.54 5.47 8.01
N TRP A 55 -5.08 4.34 7.46
CA TRP A 55 -4.99 3.06 8.16
C TRP A 55 -4.02 3.18 9.33
N VAL A 56 -2.79 3.70 9.11
CA VAL A 56 -1.82 3.99 10.19
C VAL A 56 -2.37 5.07 11.14
N ALA A 57 -3.16 6.00 10.62
CA ALA A 57 -3.84 7.00 11.46
C ALA A 57 -4.86 6.31 12.38
N SER A 58 -5.61 5.31 11.88
CA SER A 58 -6.53 4.50 12.72
C SER A 58 -5.81 3.72 13.84
N LYS A 59 -4.49 3.56 13.78
CA LYS A 59 -3.63 2.93 14.81
C LYS A 59 -3.13 3.94 15.85
N ASN A 60 -3.56 5.21 15.77
CA ASN A 60 -3.20 6.29 16.70
C ASN A 60 -1.69 6.63 16.65
N ILE A 61 -1.13 6.71 15.45
CA ILE A 61 0.30 6.99 15.19
C ILE A 61 0.45 8.03 14.07
N ASP A 62 1.43 8.93 14.20
CA ASP A 62 1.76 9.97 13.21
C ASP A 62 3.08 9.62 12.53
N ILE A 63 2.98 9.07 11.32
CA ILE A 63 4.13 8.63 10.51
C ILE A 63 5.08 9.76 10.09
N SER A 64 4.67 11.03 10.27
CA SER A 64 5.50 12.18 9.97
C SER A 64 6.58 12.42 11.04
N LYS A 65 6.38 11.90 12.27
CA LYS A 65 7.33 12.02 13.39
C LYS A 65 8.59 11.18 13.14
N PRO A 66 9.79 11.63 13.56
CA PRO A 66 11.05 10.92 13.34
C PRO A 66 11.33 9.70 14.24
N GLY A 67 10.34 9.34 15.03
CA GLY A 67 10.31 8.17 15.91
C GLY A 67 9.38 7.06 15.40
N ALA A 68 8.66 7.30 14.29
CA ALA A 68 7.75 6.32 13.70
C ALA A 68 8.52 5.11 13.11
N ASP A 69 8.10 3.90 13.51
CA ASP A 69 8.68 2.60 13.09
C ASP A 69 7.54 1.56 12.93
N VAL A 70 6.43 2.02 12.35
CA VAL A 70 5.17 1.31 12.14
C VAL A 70 5.36 0.06 11.28
N LYS A 71 4.95 -1.09 11.81
CA LYS A 71 5.07 -2.40 11.19
C LYS A 71 3.80 -3.21 11.41
N CYS A 72 3.30 -3.79 10.31
CA CYS A 72 2.10 -4.61 10.28
C CYS A 72 2.34 -5.91 11.08
N ASP A 73 1.48 -6.22 12.04
CA ASP A 73 1.61 -7.42 12.90
C ASP A 73 1.11 -8.69 12.22
N ILE A 74 0.25 -8.52 11.21
CA ILE A 74 -0.42 -9.61 10.50
C ILE A 74 0.59 -10.45 9.70
N CYS A 75 1.18 -9.82 8.68
CA CYS A 75 2.16 -10.42 7.81
C CYS A 75 3.58 -10.36 8.42
N HIS A 76 3.74 -9.47 9.40
CA HIS A 76 4.96 -9.13 10.15
C HIS A 76 5.89 -8.18 9.37
N TYR A 77 5.53 -7.74 8.16
CA TYR A 77 6.39 -6.86 7.35
C TYR A 77 6.22 -5.38 7.74
N PRO A 78 7.33 -4.64 7.96
CA PRO A 78 7.31 -3.20 8.26
C PRO A 78 6.57 -2.41 7.19
N ILE A 79 5.87 -1.34 7.58
CA ILE A 79 5.10 -0.51 6.65
C ILE A 79 6.05 0.35 5.81
N GLN A 80 6.19 -0.04 4.54
CA GLN A 80 7.11 0.54 3.55
C GLN A 80 6.43 1.54 2.61
N PHE A 81 6.36 2.79 3.06
CA PHE A 81 5.82 3.93 2.31
C PHE A 81 6.59 4.15 0.99
N LYS A 82 5.89 4.23 -0.14
CA LYS A 82 6.47 4.42 -1.49
C LYS A 82 7.09 5.81 -1.68
N THR A 83 8.18 5.86 -2.46
CA THR A 83 8.87 7.10 -2.90
C THR A 83 8.14 7.68 -4.12
ZN ZN B . -8.40 3.29 -1.05
ZN ZN C . 0.55 -6.55 6.56
N VAL A 1 -6.85 -2.78 18.06
CA VAL A 1 -6.29 -3.60 16.95
C VAL A 1 -5.48 -4.77 17.51
N ALA A 2 -5.76 -6.00 17.04
CA ALA A 2 -5.09 -7.23 17.47
C ALA A 2 -5.24 -8.38 16.45
N ASN A 3 -4.37 -9.39 16.56
CA ASN A 3 -4.31 -10.58 15.72
C ASN A 3 -4.45 -11.90 16.53
N GLU A 4 -4.44 -13.04 15.83
CA GLU A 4 -4.52 -14.41 16.39
C GLU A 4 -3.67 -15.36 15.52
N GLU A 5 -3.37 -16.56 16.02
CA GLU A 5 -2.58 -17.59 15.32
C GLU A 5 -3.37 -18.38 14.25
N THR A 6 -4.56 -17.91 13.88
CA THR A 6 -5.45 -18.52 12.86
C THR A 6 -4.96 -18.25 11.42
N ASP A 7 -5.48 -19.01 10.45
CA ASP A 7 -5.17 -18.88 9.02
C ASP A 7 -6.36 -19.35 8.15
N THR A 8 -6.59 -18.66 7.03
CA THR A 8 -7.67 -18.91 6.05
C THR A 8 -7.23 -18.82 4.58
N ALA A 9 -5.92 -18.72 4.31
CA ALA A 9 -5.29 -18.56 3.00
C ALA A 9 -5.92 -19.33 1.81
N THR A 10 -5.86 -18.69 0.64
CA THR A 10 -6.35 -19.15 -0.68
C THR A 10 -5.43 -18.61 -1.78
N PHE A 11 -5.33 -19.34 -2.90
CA PHE A 11 -4.51 -18.97 -4.06
C PHE A 11 -4.78 -17.54 -4.58
N ASN A 12 -3.71 -16.87 -5.02
CA ASN A 12 -3.69 -15.49 -5.52
C ASN A 12 -2.73 -15.35 -6.72
N ASP A 13 -2.75 -14.20 -7.40
CA ASP A 13 -1.89 -13.87 -8.54
C ASP A 13 -1.38 -12.42 -8.49
N ASP A 14 -0.07 -12.24 -8.70
CA ASP A 14 0.64 -10.95 -8.61
C ASP A 14 0.41 -10.01 -9.82
N ALA A 15 0.81 -8.74 -9.66
CA ALA A 15 0.71 -7.64 -10.64
C ALA A 15 -0.59 -7.60 -11.47
N PRO A 16 -1.74 -7.30 -10.84
CA PRO A 16 -3.03 -7.24 -11.52
C PRO A 16 -3.09 -6.20 -12.65
N SER A 17 -3.80 -6.57 -13.71
CA SER A 17 -4.17 -5.65 -14.80
C SER A 17 -5.57 -5.09 -14.49
N GLY A 18 -5.68 -4.50 -13.29
CA GLY A 18 -6.92 -3.97 -12.70
C GLY A 18 -6.92 -4.08 -11.18
N ALA A 19 -5.84 -3.64 -10.52
CA ALA A 19 -5.71 -3.68 -9.05
C ALA A 19 -6.72 -2.73 -8.38
N THR A 20 -6.61 -2.62 -7.07
CA THR A 20 -7.38 -1.69 -6.22
C THR A 20 -6.72 -1.47 -4.86
N CYS A 21 -7.26 -0.54 -4.08
CA CYS A 21 -6.89 -0.31 -2.69
C CYS A 21 -7.70 -1.26 -1.83
N ARG A 22 -7.09 -2.04 -0.95
CA ARG A 22 -7.85 -2.93 -0.04
C ARG A 22 -8.72 -2.15 0.95
N ILE A 23 -8.39 -0.87 1.19
CA ILE A 23 -9.06 -0.02 2.17
C ILE A 23 -10.36 0.51 1.57
N CYS A 24 -10.37 0.95 0.29
CA CYS A 24 -11.64 1.48 -0.27
C CYS A 24 -12.16 0.80 -1.55
N ARG A 25 -11.43 -0.18 -2.08
CA ARG A 25 -11.69 -0.86 -3.37
C ARG A 25 -11.87 0.15 -4.51
N GLY A 26 -10.92 1.09 -4.48
CA GLY A 26 -10.74 2.13 -5.49
C GLY A 26 -9.51 1.83 -6.35
N GLU A 27 -9.65 1.96 -7.67
CA GLU A 27 -8.55 1.73 -8.62
C GLU A 27 -7.48 2.85 -8.52
N ALA A 28 -6.26 2.50 -8.91
CA ALA A 28 -5.13 3.44 -8.90
C ALA A 28 -5.39 4.75 -9.68
N THR A 29 -4.65 5.80 -9.31
CA THR A 29 -4.67 7.11 -9.99
C THR A 29 -3.29 7.61 -10.38
N GLU A 30 -3.26 8.71 -11.12
CA GLU A 30 -2.07 9.38 -11.65
C GLU A 30 -1.24 10.16 -10.62
N ASP A 31 -1.61 10.08 -9.35
CA ASP A 31 -0.94 10.74 -8.22
C ASP A 31 -1.01 9.88 -6.94
N ASN A 32 -2.07 9.08 -6.84
CA ASN A 32 -2.38 8.22 -5.72
C ASN A 32 -2.63 6.80 -6.21
N PRO A 33 -1.55 6.15 -6.69
CA PRO A 33 -1.55 4.80 -7.20
C PRO A 33 -1.44 3.76 -6.08
N LEU A 34 -1.26 2.55 -6.57
CA LEU A 34 -1.17 1.29 -5.85
C LEU A 34 0.24 0.72 -5.99
N PHE A 35 0.72 0.14 -4.91
CA PHE A 35 2.07 -0.40 -4.68
C PHE A 35 1.97 -1.43 -3.52
N HIS A 36 3.09 -1.87 -2.94
CA HIS A 36 3.13 -2.82 -1.83
C HIS A 36 4.04 -2.36 -0.66
N PRO A 37 3.49 -1.94 0.49
CA PRO A 37 4.27 -1.50 1.66
C PRO A 37 4.81 -2.66 2.52
N CYS A 38 4.21 -3.84 2.34
CA CYS A 38 4.44 -5.05 3.08
C CYS A 38 4.34 -6.27 2.14
N LYS A 39 4.69 -7.41 2.70
CA LYS A 39 4.72 -8.76 2.14
C LYS A 39 3.38 -9.47 2.20
N CYS A 40 2.26 -8.75 2.33
CA CYS A 40 0.91 -9.31 2.32
C CYS A 40 0.59 -10.23 1.11
N ARG A 41 1.44 -10.25 0.08
CA ARG A 41 1.48 -11.10 -1.14
C ARG A 41 0.24 -11.19 -2.05
N GLY A 42 -0.98 -11.32 -1.53
CA GLY A 42 -2.20 -11.45 -2.33
C GLY A 42 -2.82 -10.11 -2.72
N SER A 43 -3.99 -10.12 -3.37
CA SER A 43 -4.74 -8.94 -3.84
C SER A 43 -5.37 -8.05 -2.76
N ILE A 44 -4.69 -7.98 -1.61
CA ILE A 44 -4.93 -7.10 -0.47
C ILE A 44 -3.70 -6.22 -0.26
N LYS A 45 -2.48 -6.65 -0.63
CA LYS A 45 -1.25 -5.83 -0.46
C LYS A 45 -1.34 -4.43 -1.09
N TYR A 46 -2.14 -4.32 -2.15
CA TYR A 46 -2.40 -3.06 -2.84
C TYR A 46 -3.22 -2.10 -1.98
N MET A 47 -2.77 -0.85 -1.97
CA MET A 47 -3.32 0.25 -1.17
C MET A 47 -2.95 1.58 -1.79
N HIS A 48 -3.84 2.56 -1.74
CA HIS A 48 -3.49 3.91 -2.20
C HIS A 48 -2.46 4.53 -1.25
N GLU A 49 -1.65 5.48 -1.72
CA GLU A 49 -0.68 6.18 -0.86
C GLU A 49 -1.39 6.88 0.31
N SER A 50 -2.41 7.70 0.02
CA SER A 50 -3.21 8.39 1.04
C SER A 50 -3.92 7.41 1.99
N CYS A 51 -4.55 6.35 1.45
CA CYS A 51 -5.23 5.34 2.27
C CYS A 51 -4.26 4.65 3.26
N LEU A 52 -3.05 4.26 2.82
CA LEU A 52 -2.04 3.67 3.71
C LEU A 52 -1.67 4.67 4.81
N LEU A 53 -1.42 5.93 4.44
CA LEU A 53 -1.05 7.00 5.37
C LEU A 53 -2.14 7.25 6.43
N GLU A 54 -3.41 6.97 6.13
CA GLU A 54 -4.52 7.08 7.09
C GLU A 54 -4.67 5.80 7.92
N TRP A 55 -4.40 4.64 7.32
CA TRP A 55 -4.49 3.33 7.94
C TRP A 55 -3.59 3.26 9.15
N VAL A 56 -2.29 3.48 8.94
CA VAL A 56 -1.30 3.57 10.01
C VAL A 56 -1.62 4.70 11.00
N ALA A 57 -2.38 5.70 10.55
CA ALA A 57 -2.83 6.81 11.39
C ALA A 57 -4.14 6.50 12.15
N SER A 58 -4.71 5.29 11.96
CA SER A 58 -5.93 4.80 12.64
C SER A 58 -5.63 3.62 13.57
N LYS A 59 -4.37 3.14 13.57
CA LYS A 59 -3.82 2.03 14.36
C LYS A 59 -3.45 2.39 15.80
N ASN A 60 -3.78 3.61 16.23
CA ASN A 60 -3.47 4.16 17.57
C ASN A 60 -1.97 4.59 17.67
N ILE A 61 -1.41 5.03 16.54
CA ILE A 61 0.00 5.43 16.35
C ILE A 61 0.07 6.66 15.42
N ASP A 62 1.19 7.39 15.46
CA ASP A 62 1.45 8.58 14.65
C ASP A 62 2.85 8.52 14.01
N ILE A 63 2.91 8.40 12.69
CA ILE A 63 4.15 8.32 11.88
C ILE A 63 5.04 9.56 11.99
N SER A 64 4.51 10.69 12.46
CA SER A 64 5.29 11.91 12.65
C SER A 64 6.20 11.83 13.89
N LYS A 65 5.83 11.01 14.89
CA LYS A 65 6.60 10.82 16.13
C LYS A 65 7.88 9.98 15.93
N PRO A 66 8.99 10.27 16.65
CA PRO A 66 10.26 9.55 16.54
C PRO A 66 10.32 8.21 17.32
N GLY A 67 9.14 7.60 17.49
CA GLY A 67 8.91 6.30 18.13
C GLY A 67 7.93 5.45 17.31
N ALA A 68 7.79 5.76 16.01
CA ALA A 68 6.87 5.07 15.10
C ALA A 68 7.41 3.70 14.65
N ASP A 69 6.54 2.68 14.73
CA ASP A 69 6.79 1.30 14.29
C ASP A 69 5.46 0.71 13.77
N VAL A 70 4.89 1.41 12.78
CA VAL A 70 3.58 1.16 12.16
C VAL A 70 3.49 -0.07 11.25
N LYS A 71 4.18 -1.13 11.64
CA LYS A 71 4.26 -2.44 11.03
C LYS A 71 2.89 -3.13 10.89
N CYS A 72 2.71 -3.83 9.76
CA CYS A 72 1.52 -4.57 9.38
C CYS A 72 1.21 -5.67 10.41
N ASP A 73 0.06 -5.58 11.09
CA ASP A 73 -0.37 -6.54 12.13
C ASP A 73 -0.94 -7.85 11.56
N ILE A 74 -0.71 -8.08 10.27
CA ILE A 74 -1.25 -9.20 9.52
C ILE A 74 -0.14 -10.18 9.14
N CYS A 75 0.96 -9.61 8.63
CA CYS A 75 2.11 -10.31 8.07
C CYS A 75 3.39 -10.03 8.89
N HIS A 76 3.32 -9.09 9.83
CA HIS A 76 4.40 -8.67 10.74
C HIS A 76 5.62 -8.01 10.08
N TYR A 77 5.43 -7.30 8.96
CA TYR A 77 6.46 -6.52 8.26
C TYR A 77 6.29 -5.01 8.43
N PRO A 78 7.38 -4.26 8.66
CA PRO A 78 7.33 -2.81 8.68
C PRO A 78 6.79 -2.28 7.35
N ILE A 79 5.89 -1.30 7.46
CA ILE A 79 5.23 -0.66 6.33
C ILE A 79 6.21 0.29 5.63
N GLN A 80 6.20 0.26 4.30
CA GLN A 80 7.10 1.05 3.44
C GLN A 80 6.38 1.93 2.43
N PHE A 81 6.06 3.14 2.90
CA PHE A 81 5.46 4.23 2.12
C PHE A 81 6.56 4.99 1.34
N LYS A 82 7.19 4.28 0.40
CA LYS A 82 8.29 4.80 -0.44
C LYS A 82 7.90 6.04 -1.26
N THR A 83 8.90 6.89 -1.51
CA THR A 83 8.80 8.16 -2.28
C THR A 83 10.14 8.52 -2.95
ZN ZN B . -7.93 3.61 -1.08
ZN ZN C . 1.04 -7.15 5.43
N VAL A 1 35.10 -18.24 3.98
CA VAL A 1 34.05 -17.26 3.58
C VAL A 1 32.73 -17.98 3.25
N ALA A 2 31.59 -17.41 3.65
CA ALA A 2 30.25 -17.98 3.42
C ALA A 2 29.17 -16.97 2.98
N ASN A 3 29.59 -15.75 2.61
CA ASN A 3 28.72 -14.65 2.17
C ASN A 3 27.75 -15.04 1.02
N GLU A 4 26.65 -14.28 0.91
CA GLU A 4 25.59 -14.32 -0.11
C GLU A 4 24.64 -13.12 0.10
N GLU A 5 24.45 -12.74 1.36
CA GLU A 5 23.59 -11.66 1.87
C GLU A 5 23.70 -10.33 1.10
N THR A 6 24.88 -10.02 0.56
CA THR A 6 25.16 -8.81 -0.24
C THR A 6 24.37 -8.70 -1.55
N ASP A 7 23.72 -9.77 -1.99
CA ASP A 7 22.84 -9.82 -3.17
C ASP A 7 21.53 -9.02 -2.92
N THR A 8 21.03 -8.35 -3.97
CA THR A 8 19.81 -7.51 -3.90
C THR A 8 18.86 -7.68 -5.09
N ALA A 9 18.71 -8.92 -5.59
CA ALA A 9 17.80 -9.27 -6.68
C ALA A 9 16.37 -8.77 -6.39
N THR A 10 15.81 -8.01 -7.34
CA THR A 10 14.48 -7.39 -7.28
C THR A 10 13.84 -7.38 -8.68
N PHE A 11 12.52 -7.58 -8.74
CA PHE A 11 11.72 -7.60 -9.97
C PHE A 11 10.44 -6.76 -9.81
N ASN A 12 10.00 -6.09 -10.89
CA ASN A 12 8.85 -5.17 -10.90
C ASN A 12 7.74 -5.50 -11.92
N ASP A 13 7.83 -6.63 -12.64
CA ASP A 13 6.85 -7.09 -13.64
C ASP A 13 5.54 -7.67 -13.06
N ASP A 14 5.16 -7.21 -11.87
CA ASP A 14 4.00 -7.62 -11.06
C ASP A 14 3.13 -6.43 -10.62
N ALA A 15 3.35 -5.28 -11.27
CA ALA A 15 2.68 -4.00 -11.07
C ALA A 15 1.19 -4.01 -11.50
N PRO A 16 0.39 -3.04 -11.01
CA PRO A 16 -1.04 -2.90 -11.30
C PRO A 16 -1.51 -3.21 -12.72
N SER A 17 -2.51 -4.09 -12.76
CA SER A 17 -3.22 -4.61 -13.93
C SER A 17 -4.72 -4.79 -13.60
N GLY A 18 -5.26 -3.80 -12.88
CA GLY A 18 -6.61 -3.80 -12.31
C GLY A 18 -6.58 -3.87 -10.77
N ALA A 19 -5.43 -3.54 -10.17
CA ALA A 19 -5.21 -3.54 -8.73
C ALA A 19 -6.06 -2.46 -8.06
N THR A 20 -6.41 -2.70 -6.80
CA THR A 20 -7.21 -1.80 -5.96
C THR A 20 -6.76 -1.80 -4.50
N CYS A 21 -6.99 -0.70 -3.81
CA CYS A 21 -6.68 -0.50 -2.39
C CYS A 21 -7.42 -1.53 -1.52
N ARG A 22 -6.66 -2.23 -0.67
CA ARG A 22 -7.19 -3.22 0.29
C ARG A 22 -8.04 -2.59 1.38
N ILE A 23 -7.98 -1.25 1.52
CA ILE A 23 -8.71 -0.49 2.54
C ILE A 23 -10.00 0.08 1.94
N CYS A 24 -9.98 0.70 0.74
CA CYS A 24 -11.23 1.29 0.22
C CYS A 24 -11.81 0.62 -1.04
N ARG A 25 -11.09 -0.32 -1.67
CA ARG A 25 -11.47 -0.97 -2.93
C ARG A 25 -11.66 0.03 -4.07
N GLY A 26 -10.71 0.96 -4.14
CA GLY A 26 -10.58 1.93 -5.23
C GLY A 26 -9.36 1.58 -6.07
N GLU A 27 -9.45 1.78 -7.39
CA GLU A 27 -8.35 1.54 -8.35
C GLU A 27 -7.18 2.51 -8.14
N ALA A 28 -6.08 2.26 -8.84
CA ALA A 28 -4.97 3.23 -8.87
C ALA A 28 -5.42 4.50 -9.60
N THR A 29 -4.67 5.59 -9.39
CA THR A 29 -4.86 6.85 -10.12
C THR A 29 -3.54 7.46 -10.54
N GLU A 30 -3.57 8.44 -11.43
CA GLU A 30 -2.38 9.14 -11.93
C GLU A 30 -1.67 10.00 -10.87
N ASP A 31 -2.40 10.40 -9.83
CA ASP A 31 -1.96 11.28 -8.75
C ASP A 31 -1.77 10.50 -7.45
N ASN A 32 -2.51 9.40 -7.28
CA ASN A 32 -2.43 8.54 -6.13
C ASN A 32 -2.45 7.04 -6.46
N PRO A 33 -1.39 6.55 -7.13
CA PRO A 33 -1.13 5.15 -7.41
C PRO A 33 -1.31 4.17 -6.24
N LEU A 34 -1.19 2.91 -6.61
CA LEU A 34 -1.14 1.79 -5.64
C LEU A 34 0.26 1.18 -5.61
N PHE A 35 0.63 0.73 -4.43
CA PHE A 35 1.90 0.09 -4.08
C PHE A 35 1.67 -0.87 -2.90
N HIS A 36 2.74 -1.52 -2.40
CA HIS A 36 2.70 -2.37 -1.22
C HIS A 36 3.78 -1.90 -0.22
N PRO A 37 3.40 -1.46 0.99
CA PRO A 37 4.34 -1.03 2.03
C PRO A 37 4.98 -2.24 2.74
N CYS A 38 4.25 -3.35 2.74
CA CYS A 38 4.47 -4.57 3.46
C CYS A 38 4.73 -5.74 2.51
N LYS A 39 4.40 -6.94 2.97
CA LYS A 39 4.65 -8.21 2.31
C LYS A 39 3.37 -8.99 2.00
N CYS A 40 2.21 -8.34 2.10
CA CYS A 40 0.89 -8.94 1.96
C CYS A 40 0.68 -9.93 0.78
N ARG A 41 1.56 -9.92 -0.23
CA ARG A 41 1.71 -10.87 -1.36
C ARG A 41 0.44 -11.44 -2.00
N GLY A 42 -0.60 -10.63 -2.05
CA GLY A 42 -1.90 -10.99 -2.60
C GLY A 42 -2.75 -9.80 -3.05
N SER A 43 -3.99 -10.07 -3.46
CA SER A 43 -4.99 -9.07 -3.88
C SER A 43 -5.42 -8.09 -2.75
N ILE A 44 -4.76 -8.10 -1.60
CA ILE A 44 -5.00 -7.24 -0.43
C ILE A 44 -3.68 -6.56 0.00
N LYS A 45 -2.65 -6.62 -0.85
CA LYS A 45 -1.33 -6.01 -0.64
C LYS A 45 -1.22 -4.58 -1.16
N TYR A 46 -2.10 -4.23 -2.12
CA TYR A 46 -2.17 -2.91 -2.74
C TYR A 46 -2.92 -1.91 -1.85
N MET A 47 -2.42 -0.67 -1.81
CA MET A 47 -2.91 0.40 -0.92
C MET A 47 -2.61 1.78 -1.52
N HIS A 48 -3.52 2.74 -1.36
CA HIS A 48 -3.26 4.13 -1.77
C HIS A 48 -2.33 4.81 -0.75
N GLU A 49 -1.63 5.88 -1.15
CA GLU A 49 -0.76 6.62 -0.21
C GLU A 49 -1.57 7.20 0.96
N SER A 50 -2.70 7.84 0.67
CA SER A 50 -3.60 8.41 1.68
C SER A 50 -4.23 7.32 2.55
N CYS A 51 -4.78 6.25 1.96
CA CYS A 51 -5.36 5.14 2.72
C CYS A 51 -4.32 4.46 3.63
N LEU A 52 -3.06 4.27 3.20
CA LEU A 52 -2.05 3.75 4.11
C LEU A 52 -1.88 4.70 5.30
N LEU A 53 -1.70 6.00 5.01
CA LEU A 53 -1.53 7.05 6.02
C LEU A 53 -2.72 7.15 7.01
N GLU A 54 -3.93 6.82 6.55
CA GLU A 54 -5.20 6.80 7.30
C GLU A 54 -5.40 5.48 8.05
N TRP A 55 -4.94 4.36 7.49
CA TRP A 55 -5.04 3.03 8.10
C TRP A 55 -4.10 2.96 9.29
N VAL A 56 -2.81 3.29 9.12
CA VAL A 56 -1.88 3.36 10.26
C VAL A 56 -2.36 4.39 11.30
N ALA A 57 -3.06 5.44 10.84
CA ALA A 57 -3.69 6.41 11.74
C ALA A 57 -4.86 5.76 12.50
N SER A 58 -5.72 4.97 11.83
CA SER A 58 -6.81 4.22 12.47
C SER A 58 -6.27 3.21 13.50
N LYS A 59 -5.06 2.68 13.26
CA LYS A 59 -4.30 1.75 14.08
C LYS A 59 -3.54 2.41 15.24
N ASN A 60 -3.79 3.70 15.49
CA ASN A 60 -3.22 4.51 16.59
C ASN A 60 -1.74 4.94 16.41
N ILE A 61 -1.22 4.90 15.18
CA ILE A 61 0.19 5.18 14.85
C ILE A 61 0.33 6.49 14.08
N ASP A 62 1.39 7.25 14.36
CA ASP A 62 1.67 8.56 13.75
C ASP A 62 3.12 8.63 13.23
N ILE A 63 3.26 8.72 11.90
CA ILE A 63 4.54 8.82 11.19
C ILE A 63 5.37 10.06 11.54
N SER A 64 4.73 11.10 12.09
CA SER A 64 5.39 12.34 12.48
C SER A 64 6.20 12.21 13.78
N LYS A 65 5.96 11.17 14.59
CA LYS A 65 6.65 10.95 15.88
C LYS A 65 8.04 10.32 15.72
N PRO A 66 9.05 10.73 16.53
CA PRO A 66 10.42 10.21 16.51
C PRO A 66 10.64 8.89 17.27
N GLY A 67 9.54 8.21 17.55
CA GLY A 67 9.44 6.90 18.21
C GLY A 67 8.54 5.93 17.43
N ALA A 68 8.26 6.25 16.16
CA ALA A 68 7.41 5.43 15.29
C ALA A 68 7.97 4.01 15.06
N ASP A 69 7.08 3.03 14.89
CA ASP A 69 7.38 1.60 14.68
C ASP A 69 6.30 0.95 13.78
N VAL A 70 5.86 1.70 12.77
CA VAL A 70 4.78 1.36 11.84
C VAL A 70 4.97 0.00 11.16
N LYS A 71 4.07 -0.95 11.42
CA LYS A 71 4.10 -2.33 10.92
C LYS A 71 2.69 -2.90 10.73
N CYS A 72 2.54 -3.77 9.73
CA CYS A 72 1.27 -4.35 9.29
C CYS A 72 0.59 -5.24 10.34
N ASP A 73 -0.63 -5.64 10.02
CA ASP A 73 -1.53 -6.46 10.85
C ASP A 73 -2.11 -7.65 10.08
N ILE A 74 -1.71 -7.79 8.82
CA ILE A 74 -2.16 -8.89 7.94
C ILE A 74 -1.00 -9.88 7.81
N CYS A 75 0.08 -9.42 7.18
CA CYS A 75 1.32 -10.11 6.97
C CYS A 75 2.33 -9.83 8.11
N HIS A 76 2.00 -8.86 8.98
CA HIS A 76 2.78 -8.34 10.10
C HIS A 76 4.16 -7.76 9.74
N TYR A 77 4.45 -7.44 8.47
CA TYR A 77 5.73 -6.81 8.08
C TYR A 77 5.77 -5.29 8.31
N PRO A 78 6.92 -4.71 8.72
CA PRO A 78 7.11 -3.26 8.84
C PRO A 78 6.64 -2.53 7.58
N ILE A 79 5.93 -1.42 7.78
CA ILE A 79 5.31 -0.61 6.74
C ILE A 79 6.34 0.35 6.14
N GLN A 80 6.51 0.28 4.82
CA GLN A 80 7.51 1.04 4.05
C GLN A 80 6.86 2.03 3.08
N PHE A 81 6.71 3.26 3.56
CA PHE A 81 6.18 4.39 2.79
C PHE A 81 7.10 4.71 1.59
N LYS A 82 6.55 5.39 0.57
CA LYS A 82 7.26 5.74 -0.69
C LYS A 82 7.53 7.24 -0.83
N THR A 83 8.45 7.59 -1.73
CA THR A 83 8.91 8.96 -2.05
C THR A 83 7.78 9.85 -2.59
ZN ZN B . -7.82 3.36 -0.77
ZN ZN C . 0.91 -6.43 5.04
N VAL A 1 -16.20 -10.53 -43.63
CA VAL A 1 -16.14 -11.22 -42.31
C VAL A 1 -15.03 -12.26 -42.27
N ALA A 2 -14.49 -12.58 -41.08
CA ALA A 2 -13.42 -13.56 -40.87
C ALA A 2 -13.59 -14.29 -39.52
N ASN A 3 -13.08 -15.52 -39.43
CA ASN A 3 -13.16 -16.40 -38.25
C ASN A 3 -11.87 -16.44 -37.41
N GLU A 4 -12.02 -16.83 -36.14
CA GLU A 4 -10.95 -17.00 -35.14
C GLU A 4 -11.27 -18.23 -34.25
N GLU A 5 -10.23 -18.96 -33.83
CA GLU A 5 -10.32 -20.15 -32.95
C GLU A 5 -8.95 -20.57 -32.35
N THR A 6 -7.88 -20.41 -33.15
CA THR A 6 -6.51 -20.91 -32.90
C THR A 6 -5.74 -20.41 -31.67
N ASP A 7 -6.20 -19.35 -31.01
CA ASP A 7 -5.57 -18.75 -29.83
C ASP A 7 -5.46 -19.70 -28.60
N THR A 8 -4.67 -19.30 -27.60
CA THR A 8 -4.43 -20.03 -26.33
C THR A 8 -4.98 -19.21 -25.14
N ALA A 9 -4.29 -19.07 -24.01
CA ALA A 9 -4.70 -18.29 -22.85
C ALA A 9 -3.50 -17.62 -22.14
N THR A 10 -3.80 -16.65 -21.27
CA THR A 10 -2.81 -15.84 -20.49
C THR A 10 -3.34 -15.58 -19.08
N PHE A 11 -2.44 -15.48 -18.08
CA PHE A 11 -2.77 -15.22 -16.67
C PHE A 11 -1.59 -14.53 -15.95
N ASN A 12 -1.87 -13.80 -14.86
CA ASN A 12 -0.91 -13.09 -14.02
C ASN A 12 -1.29 -13.19 -12.53
N ASP A 13 -0.30 -13.09 -11.63
CA ASP A 13 -0.48 -13.17 -10.18
C ASP A 13 0.52 -12.28 -9.39
N ASP A 14 0.07 -11.80 -8.23
CA ASP A 14 0.74 -10.88 -7.27
C ASP A 14 0.93 -9.43 -7.77
N ALA A 15 0.97 -9.30 -9.08
CA ALA A 15 1.12 -8.07 -9.87
C ALA A 15 -0.01 -7.88 -10.90
N PRO A 16 -1.19 -7.40 -10.47
CA PRO A 16 -2.30 -7.13 -11.37
C PRO A 16 -2.00 -6.01 -12.38
N SER A 17 -2.69 -6.09 -13.51
CA SER A 17 -2.74 -5.03 -14.54
C SER A 17 -4.01 -4.15 -14.41
N GLY A 18 -4.65 -4.21 -13.23
CA GLY A 18 -5.87 -3.52 -12.82
C GLY A 18 -6.08 -3.68 -11.32
N ALA A 19 -5.05 -3.35 -10.54
CA ALA A 19 -5.04 -3.50 -9.08
C ALA A 19 -6.02 -2.53 -8.40
N THR A 20 -6.20 -2.72 -7.09
CA THR A 20 -7.06 -1.89 -6.23
C THR A 20 -6.56 -1.86 -4.78
N CYS A 21 -7.08 -0.91 -4.00
CA CYS A 21 -6.75 -0.69 -2.61
C CYS A 21 -7.36 -1.72 -1.63
N ARG A 22 -6.52 -2.42 -0.88
CA ARG A 22 -6.93 -3.42 0.12
C ARG A 22 -7.72 -2.81 1.28
N ILE A 23 -7.77 -1.48 1.34
CA ILE A 23 -8.51 -0.71 2.34
C ILE A 23 -9.85 -0.24 1.79
N CYS A 24 -9.95 0.24 0.53
CA CYS A 24 -11.23 0.76 0.00
C CYS A 24 -11.65 0.30 -1.41
N ARG A 25 -10.98 -0.71 -1.95
CA ARG A 25 -11.21 -1.39 -3.26
C ARG A 25 -11.24 -0.45 -4.48
N GLY A 26 -10.68 0.75 -4.31
CA GLY A 26 -10.57 1.73 -5.39
C GLY A 26 -9.38 1.39 -6.28
N GLU A 27 -9.50 1.64 -7.58
CA GLU A 27 -8.44 1.44 -8.57
C GLU A 27 -7.35 2.50 -8.41
N ALA A 28 -6.28 2.33 -9.17
CA ALA A 28 -5.21 3.34 -9.23
C ALA A 28 -5.73 4.68 -9.81
N THR A 29 -5.03 5.77 -9.49
CA THR A 29 -5.29 7.10 -10.07
C THR A 29 -4.05 7.73 -10.68
N GLU A 30 -4.29 8.76 -11.48
CA GLU A 30 -3.29 9.53 -12.21
C GLU A 30 -2.24 10.26 -11.34
N ASP A 31 -2.50 10.40 -10.05
CA ASP A 31 -1.60 11.06 -9.09
C ASP A 31 -1.34 10.20 -7.86
N ASN A 32 -2.27 9.29 -7.55
CA ASN A 32 -2.22 8.42 -6.39
C ASN A 32 -2.60 6.98 -6.76
N PRO A 33 -1.70 6.31 -7.48
CA PRO A 33 -1.82 4.92 -7.85
C PRO A 33 -1.58 4.04 -6.61
N LEU A 34 -1.26 2.78 -6.88
CA LEU A 34 -1.14 1.74 -5.86
C LEU A 34 0.26 1.13 -5.84
N PHE A 35 0.71 0.85 -4.62
CA PHE A 35 2.03 0.32 -4.28
C PHE A 35 1.95 -0.65 -3.09
N HIS A 36 3.08 -1.30 -2.78
CA HIS A 36 3.19 -2.27 -1.69
C HIS A 36 4.13 -1.77 -0.55
N PRO A 37 3.59 -1.28 0.59
CA PRO A 37 4.42 -0.88 1.73
C PRO A 37 5.04 -2.12 2.43
N CYS A 38 4.22 -3.16 2.44
CA CYS A 38 4.33 -4.38 3.20
C CYS A 38 4.43 -5.63 2.30
N LYS A 39 4.19 -6.77 2.92
CA LYS A 39 4.35 -8.12 2.41
C LYS A 39 3.05 -8.94 2.31
N CYS A 40 1.92 -8.34 2.66
CA CYS A 40 0.58 -8.94 2.78
C CYS A 40 0.28 -10.05 1.75
N ARG A 41 0.58 -9.73 0.48
CA ARG A 41 0.54 -10.50 -0.78
C ARG A 41 -0.60 -10.03 -1.72
N GLY A 42 -0.26 -9.88 -3.00
CA GLY A 42 -1.08 -9.39 -4.11
C GLY A 42 -2.34 -8.59 -3.78
N SER A 43 -3.50 -9.19 -4.03
CA SER A 43 -4.83 -8.58 -3.89
C SER A 43 -5.20 -7.95 -2.55
N ILE A 44 -4.38 -8.07 -1.48
CA ILE A 44 -4.63 -7.44 -0.19
C ILE A 44 -3.36 -6.71 0.32
N LYS A 45 -2.42 -6.41 -0.59
CA LYS A 45 -1.19 -5.66 -0.30
C LYS A 45 -1.35 -4.20 -0.75
N TYR A 46 -1.73 -4.04 -2.02
CA TYR A 46 -1.95 -2.76 -2.70
C TYR A 46 -2.80 -1.78 -1.88
N MET A 47 -2.45 -0.50 -1.95
CA MET A 47 -3.08 0.61 -1.22
C MET A 47 -2.80 1.95 -1.89
N HIS A 48 -3.73 2.90 -1.75
CA HIS A 48 -3.49 4.31 -2.14
C HIS A 48 -2.57 4.93 -1.07
N GLU A 49 -1.73 5.93 -1.39
CA GLU A 49 -0.86 6.59 -0.39
C GLU A 49 -1.69 7.16 0.76
N SER A 50 -2.81 7.79 0.43
CA SER A 50 -3.77 8.35 1.38
C SER A 50 -4.37 7.29 2.32
N CYS A 51 -4.79 6.16 1.77
CA CYS A 51 -5.36 5.07 2.55
C CYS A 51 -4.32 4.45 3.50
N LEU A 52 -3.06 4.27 3.08
CA LEU A 52 -2.05 3.74 4.01
C LEU A 52 -1.87 4.70 5.19
N LEU A 53 -1.73 5.98 4.86
CA LEU A 53 -1.50 7.10 5.77
C LEU A 53 -2.58 7.23 6.85
N GLU A 54 -3.81 6.83 6.51
CA GLU A 54 -4.96 6.84 7.41
C GLU A 54 -5.14 5.49 8.14
N TRP A 55 -4.84 4.38 7.48
CA TRP A 55 -4.94 3.04 8.06
C TRP A 55 -3.99 2.89 9.24
N VAL A 56 -2.72 3.27 9.11
CA VAL A 56 -1.77 3.27 10.25
C VAL A 56 -2.17 4.30 11.31
N ALA A 57 -2.86 5.37 10.91
CA ALA A 57 -3.30 6.41 11.87
C ALA A 57 -4.31 5.82 12.85
N SER A 58 -5.27 5.03 12.36
CA SER A 58 -6.26 4.33 13.21
C SER A 58 -5.66 3.22 14.11
N LYS A 59 -4.35 2.93 14.04
CA LYS A 59 -3.66 1.95 14.91
C LYS A 59 -2.94 2.63 16.07
N ASN A 60 -3.17 3.94 16.25
CA ASN A 60 -2.63 4.81 17.31
C ASN A 60 -1.19 5.30 17.02
N ILE A 61 -0.87 5.45 15.73
CA ILE A 61 0.49 5.72 15.24
C ILE A 61 0.57 6.97 14.36
N ASP A 62 1.70 7.68 14.45
CA ASP A 62 1.98 8.90 13.68
C ASP A 62 3.45 8.90 13.20
N ILE A 63 3.64 8.76 11.88
CA ILE A 63 4.96 8.77 11.23
C ILE A 63 5.70 10.10 11.37
N SER A 64 4.99 11.18 11.73
CA SER A 64 5.56 12.52 11.93
C SER A 64 6.22 12.72 13.32
N LYS A 65 6.21 11.69 14.18
CA LYS A 65 6.79 11.73 15.54
C LYS A 65 7.78 10.56 15.79
N PRO A 66 8.80 10.75 16.67
CA PRO A 66 9.81 9.73 16.98
C PRO A 66 9.33 8.58 17.91
N GLY A 67 8.04 8.29 17.85
CA GLY A 67 7.35 7.20 18.56
C GLY A 67 6.66 6.22 17.58
N ALA A 68 6.87 6.40 16.28
CA ALA A 68 6.29 5.55 15.23
C ALA A 68 6.74 4.08 15.32
N ASP A 69 5.84 3.16 14.98
CA ASP A 69 6.04 1.70 14.99
C ASP A 69 5.16 1.02 13.92
N VAL A 70 5.03 1.67 12.76
CA VAL A 70 4.19 1.25 11.61
C VAL A 70 4.55 -0.12 11.02
N LYS A 71 3.79 -1.15 11.41
CA LYS A 71 3.93 -2.55 11.00
C LYS A 71 2.56 -3.24 11.05
N CYS A 72 2.34 -4.12 10.08
CA CYS A 72 1.10 -4.84 9.78
C CYS A 72 0.65 -5.88 10.83
N ASP A 73 -0.50 -6.49 10.54
CA ASP A 73 -1.19 -7.54 11.31
C ASP A 73 -1.66 -8.73 10.44
N ILE A 74 -1.47 -8.66 9.11
CA ILE A 74 -1.81 -9.78 8.20
C ILE A 74 -0.61 -10.73 8.14
N CYS A 75 0.45 -10.26 7.49
CA CYS A 75 1.76 -10.87 7.35
C CYS A 75 2.68 -10.46 8.53
N HIS A 76 2.27 -9.41 9.25
CA HIS A 76 2.97 -8.76 10.36
C HIS A 76 4.22 -7.99 9.92
N TYR A 77 4.37 -7.67 8.62
CA TYR A 77 5.52 -6.96 8.08
C TYR A 77 5.55 -5.44 8.36
N PRO A 78 6.73 -4.83 8.53
CA PRO A 78 6.89 -3.39 8.64
C PRO A 78 6.35 -2.67 7.40
N ILE A 79 5.84 -1.47 7.62
CA ILE A 79 5.22 -0.63 6.59
C ILE A 79 6.20 0.43 6.10
N GLN A 80 6.18 0.70 4.79
CA GLN A 80 7.05 1.70 4.17
C GLN A 80 6.31 2.58 3.16
N PHE A 81 6.59 3.87 3.21
CA PHE A 81 5.99 4.91 2.33
C PHE A 81 6.89 5.27 1.13
N LYS A 82 7.86 4.40 0.83
CA LYS A 82 8.86 4.52 -0.24
C LYS A 82 9.33 3.13 -0.69
N THR A 83 9.51 2.94 -2.00
CA THR A 83 9.91 1.68 -2.68
C THR A 83 11.27 1.14 -2.20
ZN ZN B . -7.92 3.22 -0.88
ZN ZN C . 1.25 -6.52 5.74
N VAL A 1 -4.69 -40.98 4.22
CA VAL A 1 -5.21 -39.92 5.12
C VAL A 1 -4.14 -39.48 6.11
N ALA A 2 -3.88 -38.16 6.19
CA ALA A 2 -2.88 -37.55 7.08
C ALA A 2 -3.20 -36.06 7.33
N ASN A 3 -2.59 -35.47 8.37
CA ASN A 3 -2.76 -34.05 8.73
C ASN A 3 -2.11 -33.06 7.73
N GLU A 4 -1.34 -33.56 6.76
CA GLU A 4 -0.63 -32.78 5.73
C GLU A 4 -0.70 -33.43 4.32
N GLU A 5 -1.64 -34.37 4.11
CA GLU A 5 -1.84 -35.16 2.89
C GLU A 5 -1.72 -34.35 1.58
N THR A 6 -2.33 -33.17 1.54
CA THR A 6 -2.32 -32.24 0.40
C THR A 6 -2.09 -30.80 0.86
N ASP A 7 -1.11 -30.13 0.25
CA ASP A 7 -0.69 -28.74 0.54
C ASP A 7 0.01 -28.10 -0.67
N THR A 8 -0.02 -26.77 -0.77
CA THR A 8 0.61 -25.96 -1.84
C THR A 8 1.09 -24.61 -1.31
N ALA A 9 2.23 -24.12 -1.83
CA ALA A 9 2.82 -22.82 -1.47
C ALA A 9 3.72 -22.21 -2.55
N THR A 10 3.52 -22.62 -3.79
CA THR A 10 4.32 -22.23 -4.96
C THR A 10 3.52 -21.37 -5.93
N PHE A 11 4.06 -20.17 -6.21
CA PHE A 11 3.49 -19.17 -7.11
C PHE A 11 4.58 -18.50 -7.95
N ASN A 12 4.38 -18.43 -9.27
CA ASN A 12 5.31 -17.84 -10.24
C ASN A 12 5.07 -16.32 -10.47
N ASP A 13 3.92 -15.81 -10.05
CA ASP A 13 3.49 -14.41 -10.17
C ASP A 13 2.61 -14.02 -8.97
N ASP A 14 2.40 -12.71 -8.77
CA ASP A 14 1.59 -12.13 -7.67
C ASP A 14 0.87 -10.84 -8.05
N ALA A 15 0.87 -10.50 -9.34
CA ALA A 15 0.25 -9.32 -9.91
C ALA A 15 -1.27 -9.47 -10.08
N PRO A 16 -2.06 -8.59 -9.44
CA PRO A 16 -3.51 -8.51 -9.63
C PRO A 16 -3.93 -8.18 -11.07
N SER A 17 -5.25 -8.08 -11.25
CA SER A 17 -5.98 -7.70 -12.48
C SER A 17 -5.89 -6.21 -12.90
N GLY A 18 -4.75 -5.60 -12.61
CA GLY A 18 -4.40 -4.19 -12.84
C GLY A 18 -3.78 -3.61 -11.57
N ALA A 19 -4.32 -4.03 -10.43
CA ALA A 19 -4.01 -3.73 -9.02
C ALA A 19 -4.85 -2.57 -8.47
N THR A 20 -5.46 -2.84 -7.31
CA THR A 20 -6.44 -2.02 -6.58
C THR A 20 -6.19 -1.93 -5.06
N CYS A 21 -6.60 -0.81 -4.45
CA CYS A 21 -6.48 -0.53 -3.02
C CYS A 21 -7.28 -1.55 -2.19
N ARG A 22 -6.71 -2.14 -1.13
CA ARG A 22 -7.52 -2.98 -0.21
C ARG A 22 -8.52 -2.17 0.62
N ILE A 23 -8.30 -0.86 0.76
CA ILE A 23 -9.12 0.05 1.55
C ILE A 23 -10.34 0.52 0.74
N CYS A 24 -10.18 0.78 -0.56
CA CYS A 24 -11.23 1.30 -1.44
C CYS A 24 -11.72 0.37 -2.56
N ARG A 25 -10.99 -0.73 -2.80
CA ARG A 25 -11.21 -1.74 -3.86
C ARG A 25 -11.10 -1.15 -5.27
N GLY A 26 -10.11 -0.28 -5.42
CA GLY A 26 -9.74 0.38 -6.68
C GLY A 26 -8.46 1.11 -6.64
N GLU A 27 -7.75 1.27 -7.74
CA GLU A 27 -7.95 0.84 -9.10
C GLU A 27 -6.73 0.74 -9.94
N ALA A 28 -5.70 1.53 -9.84
CA ALA A 28 -5.23 2.73 -9.13
C ALA A 28 -5.80 4.03 -9.75
N THR A 29 -5.40 5.23 -9.26
CA THR A 29 -5.81 6.50 -9.90
C THR A 29 -4.64 7.39 -10.27
N GLU A 30 -4.82 8.14 -11.34
CA GLU A 30 -3.81 9.06 -11.91
C GLU A 30 -3.35 10.20 -10.99
N ASP A 31 -3.97 10.35 -9.82
CA ASP A 31 -3.69 11.37 -8.81
C ASP A 31 -3.26 10.72 -7.48
N ASN A 32 -3.62 9.44 -7.32
CA ASN A 32 -3.28 8.63 -6.18
C ASN A 32 -3.04 7.14 -6.53
N PRO A 33 -1.90 6.85 -7.18
CA PRO A 33 -1.40 5.51 -7.48
C PRO A 33 -1.43 4.48 -6.36
N LEU A 34 -1.08 3.25 -6.73
CA LEU A 34 -0.89 2.14 -5.79
C LEU A 34 0.55 1.61 -5.79
N PHE A 35 0.89 1.02 -4.65
CA PHE A 35 2.16 0.35 -4.33
C PHE A 35 1.89 -0.66 -3.20
N HIS A 36 2.93 -1.25 -2.61
CA HIS A 36 2.81 -2.14 -1.47
C HIS A 36 3.73 -1.63 -0.32
N PRO A 37 3.17 -1.23 0.83
CA PRO A 37 3.94 -0.75 1.99
C PRO A 37 4.55 -1.90 2.79
N CYS A 38 4.00 -3.11 2.61
CA CYS A 38 4.25 -4.32 3.35
C CYS A 38 4.04 -5.56 2.47
N LYS A 39 4.73 -6.66 2.77
CA LYS A 39 4.72 -7.91 2.00
C LYS A 39 3.46 -8.76 2.18
N CYS A 40 2.31 -8.08 2.23
CA CYS A 40 0.97 -8.65 2.31
C CYS A 40 0.63 -9.76 1.25
N ARG A 41 1.54 -10.08 0.31
CA ARG A 41 1.48 -11.10 -0.76
C ARG A 41 0.07 -11.54 -1.19
N GLY A 42 -0.44 -10.87 -2.21
CA GLY A 42 -1.74 -11.11 -2.82
C GLY A 42 -2.43 -9.80 -3.24
N SER A 43 -3.67 -9.86 -3.71
CA SER A 43 -4.44 -8.68 -4.12
C SER A 43 -4.54 -7.59 -3.04
N ILE A 44 -4.66 -7.98 -1.77
CA ILE A 44 -4.74 -7.07 -0.61
C ILE A 44 -3.42 -6.39 -0.21
N LYS A 45 -2.32 -6.63 -0.94
CA LYS A 45 -1.04 -5.94 -0.70
C LYS A 45 -0.98 -4.54 -1.32
N TYR A 46 -1.91 -4.23 -2.22
CA TYR A 46 -1.98 -2.93 -2.89
C TYR A 46 -2.83 -1.95 -2.10
N MET A 47 -2.37 -0.70 -2.06
CA MET A 47 -2.96 0.35 -1.21
C MET A 47 -2.71 1.73 -1.80
N HIS A 48 -3.70 2.61 -1.62
CA HIS A 48 -3.63 4.00 -2.02
C HIS A 48 -2.65 4.71 -1.08
N GLU A 49 -1.78 5.54 -1.66
CA GLU A 49 -0.74 6.31 -0.95
C GLU A 49 -1.30 7.54 -0.19
N SER A 50 -2.53 7.40 0.31
CA SER A 50 -3.26 8.35 1.15
C SER A 50 -4.13 7.56 2.14
N CYS A 51 -4.78 6.49 1.68
CA CYS A 51 -5.55 5.58 2.51
C CYS A 51 -4.70 4.90 3.59
N LEU A 52 -3.55 4.38 3.17
CA LEU A 52 -2.58 3.75 4.05
C LEU A 52 -2.13 4.73 5.12
N LEU A 53 -1.80 5.94 4.66
CA LEU A 53 -1.29 7.00 5.50
C LEU A 53 -2.31 7.37 6.60
N GLU A 54 -3.58 7.05 6.36
CA GLU A 54 -4.69 7.24 7.30
C GLU A 54 -4.91 5.95 8.13
N TRP A 55 -4.81 4.78 7.50
CA TRP A 55 -4.94 3.47 8.17
C TRP A 55 -3.93 3.31 9.32
N VAL A 56 -2.63 3.60 9.09
CA VAL A 56 -1.60 3.60 10.15
C VAL A 56 -1.88 4.66 11.22
N ALA A 57 -2.47 5.78 10.83
CA ALA A 57 -2.83 6.85 11.78
C ALA A 57 -3.96 6.40 12.73
N SER A 58 -4.93 5.64 12.21
CA SER A 58 -6.04 5.06 13.00
C SER A 58 -5.57 4.05 14.06
N LYS A 59 -4.33 3.55 13.98
CA LYS A 59 -3.71 2.63 14.97
C LYS A 59 -3.30 3.33 16.26
N ASN A 60 -3.36 4.67 16.33
CA ASN A 60 -3.04 5.47 17.53
C ASN A 60 -1.55 5.32 17.94
N ILE A 61 -0.64 5.55 16.97
CA ILE A 61 0.82 5.40 17.16
C ILE A 61 1.58 6.50 16.40
N ASP A 62 2.75 6.88 16.89
CA ASP A 62 3.60 7.88 16.24
C ASP A 62 4.17 7.38 14.90
N ILE A 63 3.83 8.03 13.80
CA ILE A 63 4.36 7.68 12.47
C ILE A 63 5.62 8.46 12.08
N SER A 64 6.12 9.34 12.96
CA SER A 64 7.44 10.00 12.81
C SER A 64 8.51 9.23 13.65
N LYS A 65 8.08 8.09 14.21
CA LYS A 65 8.74 7.07 15.03
C LYS A 65 9.91 7.49 15.94
N PRO A 66 9.59 8.04 17.13
CA PRO A 66 10.50 8.37 18.20
C PRO A 66 10.76 7.12 19.08
N GLY A 67 11.03 6.00 18.41
CA GLY A 67 11.17 4.66 18.99
C GLY A 67 10.06 3.71 18.51
N ALA A 68 9.00 4.24 17.87
CA ALA A 68 7.88 3.43 17.35
C ALA A 68 8.31 2.45 16.21
N ASP A 69 7.46 1.46 15.93
CA ASP A 69 7.68 0.42 14.90
C ASP A 69 6.36 0.12 14.15
N VAL A 70 5.63 1.18 13.78
CA VAL A 70 4.30 1.13 13.13
C VAL A 70 4.26 0.26 11.89
N LYS A 71 3.48 -0.83 11.99
CA LYS A 71 3.30 -1.79 10.91
C LYS A 71 1.93 -2.49 10.83
N CYS A 72 1.84 -3.39 9.84
CA CYS A 72 0.67 -4.13 9.45
C CYS A 72 0.10 -5.07 10.54
N ASP A 73 -1.13 -5.51 10.33
CA ASP A 73 -1.87 -6.48 11.15
C ASP A 73 -2.39 -7.67 10.32
N ILE A 74 -1.89 -7.80 9.08
CA ILE A 74 -2.21 -8.87 8.14
C ILE A 74 -0.95 -9.71 7.92
N CYS A 75 0.16 -9.07 7.52
CA CYS A 75 1.43 -9.76 7.32
C CYS A 75 2.47 -9.40 8.39
N HIS A 76 2.16 -8.36 9.19
CA HIS A 76 3.02 -7.79 10.22
C HIS A 76 4.41 -7.33 9.73
N TYR A 77 4.59 -7.11 8.41
CA TYR A 77 5.83 -6.53 7.88
C TYR A 77 5.81 -5.00 8.11
N PRO A 78 6.93 -4.38 8.50
CA PRO A 78 7.05 -2.93 8.65
C PRO A 78 6.54 -2.18 7.43
N ILE A 79 5.67 -1.22 7.72
CA ILE A 79 4.94 -0.43 6.74
C ILE A 79 5.74 0.82 6.36
N GLN A 80 5.90 1.03 5.05
CA GLN A 80 6.58 2.20 4.50
C GLN A 80 5.64 3.04 3.64
N PHE A 81 5.69 4.36 3.80
CA PHE A 81 4.91 5.36 3.08
C PHE A 81 5.82 6.43 2.46
N LYS A 82 6.98 5.93 2.03
CA LYS A 82 8.13 6.63 1.43
C LYS A 82 8.93 5.66 0.54
N THR A 83 9.73 6.20 -0.37
CA THR A 83 10.60 5.48 -1.32
C THR A 83 11.96 6.17 -1.45
ZN ZN B . -7.98 3.58 -1.07
ZN ZN C . 0.66 -6.26 5.28
N VAL A 1 -13.74 -0.52 3.90
CA VAL A 1 -14.03 -1.36 2.71
C VAL A 1 -15.40 -1.03 2.11
N ALA A 2 -15.61 -1.33 0.83
CA ALA A 2 -16.88 -1.10 0.13
C ALA A 2 -17.87 -2.26 0.32
N ASN A 3 -19.15 -2.03 0.03
CA ASN A 3 -20.24 -3.03 0.16
C ASN A 3 -20.93 -3.39 -1.17
N GLU A 4 -20.64 -2.67 -2.27
CA GLU A 4 -21.20 -2.94 -3.61
C GLU A 4 -20.52 -4.15 -4.30
N GLU A 5 -21.08 -4.61 -5.41
CA GLU A 5 -20.60 -5.71 -6.24
C GLU A 5 -21.04 -5.51 -7.70
N THR A 6 -20.24 -6.02 -8.61
CA THR A 6 -20.41 -5.94 -10.07
C THR A 6 -19.56 -7.01 -10.80
N ASP A 7 -19.60 -7.07 -12.13
CA ASP A 7 -18.81 -8.00 -12.94
C ASP A 7 -17.30 -7.75 -12.76
N THR A 8 -16.51 -8.82 -12.62
CA THR A 8 -15.05 -8.77 -12.40
C THR A 8 -14.36 -9.96 -13.10
N ALA A 9 -13.17 -9.72 -13.66
CA ALA A 9 -12.33 -10.73 -14.31
C ALA A 9 -11.68 -11.71 -13.31
N THR A 10 -10.82 -12.60 -13.80
CA THR A 10 -10.06 -13.59 -13.01
C THR A 10 -8.62 -13.76 -13.54
N PHE A 11 -7.67 -13.89 -12.63
CA PHE A 11 -6.23 -14.04 -12.89
C PHE A 11 -5.50 -14.69 -11.68
N ASN A 12 -4.29 -15.20 -11.92
CA ASN A 12 -3.45 -15.85 -10.91
C ASN A 12 -1.98 -15.40 -11.04
N ASP A 13 -1.74 -14.10 -10.82
CA ASP A 13 -0.42 -13.46 -10.95
C ASP A 13 -0.17 -12.32 -9.94
N ASP A 14 1.07 -12.24 -9.47
CA ASP A 14 1.64 -11.27 -8.51
C ASP A 14 1.83 -9.84 -9.07
N ALA A 15 1.06 -9.48 -10.10
CA ALA A 15 1.08 -8.17 -10.77
C ALA A 15 -0.17 -7.90 -11.63
N PRO A 16 -1.31 -7.51 -11.02
CA PRO A 16 -2.50 -7.12 -11.76
C PRO A 16 -2.26 -5.87 -12.62
N SER A 17 -2.97 -5.76 -13.73
CA SER A 17 -2.95 -4.56 -14.59
C SER A 17 -4.09 -3.58 -14.30
N GLY A 18 -4.76 -3.75 -13.17
CA GLY A 18 -5.88 -2.94 -12.69
C GLY A 18 -6.23 -3.22 -11.22
N ALA A 19 -5.21 -3.33 -10.37
CA ALA A 19 -5.33 -3.63 -8.95
C ALA A 19 -6.14 -2.56 -8.21
N THR A 20 -6.51 -2.86 -6.96
CA THR A 20 -7.29 -1.97 -6.09
C THR A 20 -6.81 -1.94 -4.64
N CYS A 21 -7.13 -0.84 -3.94
CA CYS A 21 -6.80 -0.62 -2.52
C CYS A 21 -7.46 -1.64 -1.59
N ARG A 22 -6.69 -2.16 -0.64
CA ARG A 22 -7.17 -3.10 0.41
C ARG A 22 -8.01 -2.44 1.50
N ILE A 23 -8.12 -1.10 1.47
CA ILE A 23 -8.92 -0.31 2.41
C ILE A 23 -10.23 0.12 1.74
N CYS A 24 -10.24 0.54 0.46
CA CYS A 24 -11.49 1.02 -0.16
C CYS A 24 -11.89 0.43 -1.51
N ARG A 25 -11.15 -0.59 -2.01
CA ARG A 25 -11.39 -1.28 -3.28
C ARG A 25 -11.47 -0.36 -4.51
N GLY A 26 -10.79 0.78 -4.45
CA GLY A 26 -10.69 1.73 -5.56
C GLY A 26 -9.45 1.41 -6.39
N GLU A 27 -9.56 1.52 -7.71
CA GLU A 27 -8.47 1.26 -8.66
C GLU A 27 -7.39 2.35 -8.64
N ALA A 28 -6.21 2.01 -9.19
CA ALA A 28 -5.10 2.90 -9.42
C ALA A 28 -5.48 4.16 -10.23
N THR A 29 -4.91 5.30 -9.83
CA THR A 29 -5.07 6.63 -10.44
C THR A 29 -3.74 7.11 -11.03
N GLU A 30 -3.49 8.42 -11.06
CA GLU A 30 -2.24 9.05 -11.51
C GLU A 30 -1.45 9.68 -10.33
N ASP A 31 -2.05 9.67 -9.14
CA ASP A 31 -1.53 10.20 -7.87
C ASP A 31 -1.53 9.11 -6.79
N ASN A 32 -2.31 8.05 -7.00
CA ASN A 32 -2.42 6.83 -6.21
C ASN A 32 -2.58 5.62 -7.19
N PRO A 33 -1.51 5.27 -7.92
CA PRO A 33 -1.39 4.21 -8.99
C PRO A 33 -1.28 2.74 -8.54
N LEU A 34 -1.41 2.68 -7.25
CA LEU A 34 -1.23 1.67 -6.21
C LEU A 34 0.17 1.09 -6.14
N PHE A 35 0.57 0.80 -4.91
CA PHE A 35 1.88 0.28 -4.52
C PHE A 35 1.71 -0.68 -3.33
N HIS A 36 2.82 -1.24 -2.87
CA HIS A 36 2.88 -2.18 -1.75
C HIS A 36 3.82 -1.63 -0.66
N PRO A 37 3.29 -1.10 0.46
CA PRO A 37 4.13 -0.61 1.57
C PRO A 37 4.70 -1.78 2.39
N CYS A 38 4.09 -2.95 2.21
CA CYS A 38 4.25 -4.15 3.00
C CYS A 38 4.40 -5.40 2.09
N LYS A 39 4.31 -6.59 2.66
CA LYS A 39 4.44 -7.90 1.98
C LYS A 39 3.25 -8.82 2.19
N CYS A 40 2.07 -8.23 2.33
CA CYS A 40 0.79 -8.91 2.47
C CYS A 40 0.49 -9.96 1.36
N ARG A 41 1.31 -9.97 0.28
CA ARG A 41 1.33 -10.92 -0.85
C ARG A 41 -0.01 -11.54 -1.25
N GLY A 42 -0.88 -10.70 -1.79
CA GLY A 42 -2.21 -11.07 -2.27
C GLY A 42 -3.06 -9.89 -2.74
N SER A 43 -4.34 -10.13 -2.98
CA SER A 43 -5.35 -9.12 -3.38
C SER A 43 -5.63 -8.04 -2.32
N ILE A 44 -4.84 -8.00 -1.23
CA ILE A 44 -4.92 -7.08 -0.10
C ILE A 44 -3.54 -6.44 0.19
N LYS A 45 -2.59 -6.58 -0.73
CA LYS A 45 -1.22 -6.04 -0.64
C LYS A 45 -1.08 -4.64 -1.27
N TYR A 46 -2.07 -4.25 -2.07
CA TYR A 46 -2.18 -2.96 -2.75
C TYR A 46 -2.93 -1.95 -1.88
N MET A 47 -2.53 -0.68 -1.94
CA MET A 47 -3.07 0.40 -1.10
C MET A 47 -2.83 1.76 -1.75
N HIS A 48 -3.78 2.69 -1.62
CA HIS A 48 -3.53 4.07 -2.04
C HIS A 48 -2.66 4.70 -0.93
N GLU A 49 -1.72 5.60 -1.27
CA GLU A 49 -0.87 6.25 -0.24
C GLU A 49 -1.73 6.98 0.81
N SER A 50 -2.77 7.64 0.34
CA SER A 50 -3.75 8.40 1.15
C SER A 50 -4.45 7.51 2.17
N CYS A 51 -4.93 6.35 1.75
CA CYS A 51 -5.59 5.35 2.60
C CYS A 51 -4.63 4.81 3.66
N LEU A 52 -3.40 4.47 3.26
CA LEU A 52 -2.38 3.98 4.18
C LEU A 52 -2.06 4.98 5.26
N LEU A 53 -1.83 6.21 4.81
CA LEU A 53 -1.43 7.33 5.62
C LEU A 53 -2.45 7.66 6.72
N GLU A 54 -3.68 7.20 6.50
CA GLU A 54 -4.82 7.32 7.41
C GLU A 54 -5.01 6.04 8.26
N TRP A 55 -4.67 4.87 7.72
CA TRP A 55 -4.74 3.56 8.39
C TRP A 55 -3.79 3.49 9.57
N VAL A 56 -2.51 3.73 9.31
CA VAL A 56 -1.43 3.82 10.30
C VAL A 56 -1.75 4.88 11.37
N ALA A 57 -2.63 5.82 11.02
CA ALA A 57 -3.09 6.87 11.94
C ALA A 57 -4.27 6.40 12.81
N SER A 58 -5.15 5.55 12.29
CA SER A 58 -6.27 4.91 13.02
C SER A 58 -5.74 3.86 14.01
N LYS A 59 -4.56 3.29 13.71
CA LYS A 59 -3.79 2.33 14.49
C LYS A 59 -3.08 2.95 15.71
N ASN A 60 -3.36 4.22 16.02
CA ASN A 60 -2.85 4.99 17.16
C ASN A 60 -1.37 5.46 17.04
N ILE A 61 -0.76 5.26 15.88
CA ILE A 61 0.66 5.56 15.60
C ILE A 61 0.81 6.91 14.87
N ASP A 62 1.96 7.55 15.06
CA ASP A 62 2.30 8.85 14.45
C ASP A 62 3.73 8.83 13.89
N ILE A 63 3.85 8.85 12.56
CA ILE A 63 5.12 8.86 11.82
C ILE A 63 5.97 10.11 12.08
N SER A 64 5.38 11.18 12.59
CA SER A 64 6.07 12.44 12.91
C SER A 64 6.79 12.42 14.27
N LYS A 65 6.63 11.35 15.07
CA LYS A 65 7.22 11.20 16.42
C LYS A 65 8.24 10.04 16.50
N PRO A 66 9.26 10.13 17.38
CA PRO A 66 10.28 9.10 17.55
C PRO A 66 9.86 7.87 18.39
N GLY A 67 8.55 7.63 18.44
CA GLY A 67 7.89 6.50 19.12
C GLY A 67 7.13 5.60 18.12
N ALA A 68 7.30 5.83 16.82
CA ALA A 68 6.66 5.08 15.75
C ALA A 68 7.05 3.58 15.74
N ASP A 69 6.09 2.71 15.38
CA ASP A 69 6.22 1.24 15.29
C ASP A 69 5.25 0.69 14.22
N VAL A 70 5.20 1.37 13.08
CA VAL A 70 4.28 1.12 11.96
C VAL A 70 4.56 -0.19 11.21
N LYS A 71 3.97 -1.30 11.68
CA LYS A 71 4.13 -2.65 11.15
C LYS A 71 2.80 -3.43 11.18
N CYS A 72 2.58 -4.17 10.10
CA CYS A 72 1.38 -4.94 9.77
C CYS A 72 1.04 -6.11 10.71
N ASP A 73 -0.09 -6.74 10.42
CA ASP A 73 -0.68 -7.90 11.13
C ASP A 73 -1.05 -9.05 10.18
N ILE A 74 -1.02 -8.81 8.86
CA ILE A 74 -1.37 -9.82 7.86
C ILE A 74 -0.18 -10.77 7.67
N CYS A 75 0.90 -10.17 7.17
CA CYS A 75 2.21 -10.72 6.85
C CYS A 75 3.24 -10.36 7.95
N HIS A 76 2.85 -9.44 8.84
CA HIS A 76 3.62 -8.87 9.96
C HIS A 76 4.77 -7.94 9.52
N TYR A 77 4.81 -7.47 8.27
CA TYR A 77 5.89 -6.61 7.77
C TYR A 77 5.80 -5.13 8.18
N PRO A 78 6.94 -4.45 8.40
CA PRO A 78 6.97 -3.00 8.57
C PRO A 78 6.44 -2.33 7.30
N ILE A 79 5.72 -1.24 7.50
CA ILE A 79 5.07 -0.45 6.44
C ILE A 79 6.01 0.65 5.98
N GLN A 80 6.15 0.80 4.66
CA GLN A 80 7.03 1.78 4.02
C GLN A 80 6.27 2.61 2.99
N PHE A 81 6.23 3.93 3.19
CA PHE A 81 5.53 4.91 2.35
C PHE A 81 6.20 5.21 0.99
N LYS A 82 6.74 4.16 0.36
CA LYS A 82 7.47 4.17 -0.93
C LYS A 82 7.45 2.79 -1.59
N THR A 83 7.20 2.75 -2.90
CA THR A 83 7.20 1.54 -3.76
C THR A 83 8.56 0.84 -3.77
ZN ZN B . -8.01 3.32 -0.96
ZN ZN C . 1.39 -6.32 5.58
#